data_2LOS
#
_entry.id   2LOS
#
_entity_poly.entity_id   1
_entity_poly.type   'polypeptide(L)'
_entity_poly.pdbx_seq_one_letter_code
;MTSLYKKVGMQDTSSVVPLHWFGFGYAALVASGGIIGYVKAGSVPSLAAGLLFGSLAGLGAYQLSQDPRNVWVFLATSGT
LAGIMGMRFYHSGKFMPAGLIAGASLLMVAKVGVSMFNRPH
;
_entity_poly.pdbx_strand_id   A
#
# COMPACT_ATOMS: atom_id res chain seq x y z
N MET A 10 6.37 -13.04 21.37
CA MET A 10 6.43 -13.88 20.18
C MET A 10 6.37 -13.04 18.91
N GLN A 11 7.41 -13.15 18.10
CA GLN A 11 7.48 -12.40 16.86
C GLN A 11 8.05 -13.28 15.75
N ASP A 12 7.48 -13.13 14.56
CA ASP A 12 7.92 -13.90 13.41
C ASP A 12 8.67 -12.98 12.45
N THR A 13 9.48 -13.58 11.60
CA THR A 13 10.25 -12.84 10.62
C THR A 13 9.42 -11.68 10.05
N SER A 14 8.36 -12.05 9.34
CA SER A 14 7.48 -11.07 8.75
C SER A 14 6.08 -11.66 8.57
N SER A 15 5.15 -11.13 9.35
CA SER A 15 3.77 -11.60 9.29
C SER A 15 3.38 -11.90 7.85
N VAL A 16 3.55 -10.89 6.99
CA VAL A 16 3.21 -11.05 5.59
C VAL A 16 4.30 -10.38 4.75
N VAL A 17 4.56 -9.11 5.06
CA VAL A 17 5.57 -8.36 4.33
C VAL A 17 6.79 -9.26 4.07
N PRO A 18 6.90 -9.69 2.79
CA PRO A 18 8.01 -10.55 2.38
C PRO A 18 9.31 -9.75 2.29
N LEU A 19 10.40 -10.49 2.08
CA LEU A 19 11.71 -9.86 1.96
C LEU A 19 11.68 -8.86 0.81
N HIS A 20 11.48 -9.38 -0.39
CA HIS A 20 11.44 -8.54 -1.58
C HIS A 20 10.71 -7.23 -1.25
N TRP A 21 9.44 -7.37 -0.90
CA TRP A 21 8.63 -6.22 -0.56
C TRP A 21 9.43 -5.33 0.39
N PHE A 22 9.98 -5.97 1.42
CA PHE A 22 10.78 -5.26 2.41
C PHE A 22 11.77 -4.32 1.73
N GLY A 23 12.44 -4.85 0.71
CA GLY A 23 13.42 -4.07 -0.02
C GLY A 23 12.76 -2.94 -0.80
N PHE A 24 11.56 -3.22 -1.30
CA PHE A 24 10.82 -2.23 -2.06
C PHE A 24 10.32 -1.10 -1.15
N GLY A 25 9.99 -1.48 0.07
CA GLY A 25 9.50 -0.50 1.05
C GLY A 25 10.64 0.40 1.53
N TYR A 26 11.78 -0.23 1.78
CA TYR A 26 12.95 0.50 2.24
C TYR A 26 13.41 1.52 1.20
N ALA A 27 13.62 1.03 -0.01
CA ALA A 27 14.07 1.88 -1.10
C ALA A 27 12.97 2.90 -1.42
N ALA A 28 11.73 2.46 -1.29
CA ALA A 28 10.60 3.31 -1.56
C ALA A 28 10.53 4.42 -0.51
N LEU A 29 11.01 4.09 0.68
CA LEU A 29 11.02 5.05 1.76
C LEU A 29 12.10 6.10 1.52
N VAL A 30 13.26 5.61 1.10
CA VAL A 30 14.39 6.50 0.82
C VAL A 30 13.97 7.53 -0.24
N ALA A 31 13.49 7.01 -1.37
CA ALA A 31 13.05 7.87 -2.45
C ALA A 31 11.85 8.70 -1.99
N SER A 32 10.86 8.00 -1.47
CA SER A 32 9.65 8.67 -0.99
C SER A 32 10.02 9.88 -0.15
N GLY A 33 10.55 9.60 1.04
CA GLY A 33 10.95 10.66 1.95
C GLY A 33 11.90 11.64 1.26
N GLY A 34 12.67 11.12 0.32
CA GLY A 34 13.63 11.92 -0.41
C GLY A 34 12.92 13.08 -1.12
N ILE A 35 12.29 12.75 -2.24
CA ILE A 35 11.58 13.75 -3.03
C ILE A 35 10.45 14.35 -2.18
N ILE A 36 9.60 13.47 -1.69
CA ILE A 36 8.47 13.89 -0.87
C ILE A 36 8.98 14.81 0.24
N GLY A 37 10.25 14.63 0.58
CA GLY A 37 10.86 15.44 1.62
C GLY A 37 11.21 16.83 1.11
N TYR A 38 12.33 16.90 0.38
CA TYR A 38 12.79 18.15 -0.18
C TYR A 38 11.63 18.92 -0.83
N VAL A 39 10.81 18.17 -1.56
CA VAL A 39 9.66 18.76 -2.23
C VAL A 39 8.53 18.95 -1.23
N LYS A 40 8.47 18.06 -0.26
CA LYS A 40 7.44 18.12 0.77
C LYS A 40 6.20 17.37 0.27
N ALA A 41 5.74 17.75 -0.91
CA ALA A 41 4.58 17.13 -1.50
C ALA A 41 4.05 18.01 -2.63
N GLY A 42 2.81 17.73 -3.03
CA GLY A 42 2.19 18.48 -4.11
C GLY A 42 2.49 17.86 -5.46
N SER A 43 3.49 16.97 -5.47
CA SER A 43 3.89 16.30 -6.69
C SER A 43 2.65 15.87 -7.48
N VAL A 44 2.39 16.61 -8.56
CA VAL A 44 1.25 16.31 -9.40
C VAL A 44 1.57 15.10 -10.29
N PRO A 45 2.77 15.18 -10.93
CA PRO A 45 3.21 14.10 -11.82
C PRO A 45 3.67 12.88 -11.00
N SER A 46 4.48 13.16 -10.00
CA SER A 46 5.00 12.11 -9.14
C SER A 46 3.85 11.31 -8.53
N LEU A 47 3.00 12.03 -7.80
CA LEU A 47 1.86 11.40 -7.15
C LEU A 47 1.05 10.62 -8.20
N ALA A 48 0.76 11.30 -9.31
CA ALA A 48 0.00 10.69 -10.38
C ALA A 48 0.70 9.40 -10.83
N ALA A 49 2.02 9.43 -10.75
CA ALA A 49 2.82 8.28 -11.14
C ALA A 49 2.62 7.16 -10.10
N GLY A 50 2.45 7.58 -8.86
CA GLY A 50 2.25 6.63 -7.78
C GLY A 50 0.89 5.95 -7.87
N LEU A 51 -0.09 6.71 -8.36
CA LEU A 51 -1.43 6.19 -8.51
C LEU A 51 -1.45 5.14 -9.63
N LEU A 52 -1.02 5.57 -10.81
CA LEU A 52 -0.98 4.68 -11.95
C LEU A 52 -0.19 3.41 -11.59
N PHE A 53 1.08 3.61 -11.29
CA PHE A 53 1.95 2.50 -10.92
C PHE A 53 1.47 1.84 -9.63
N GLY A 54 0.66 2.58 -8.88
CA GLY A 54 0.12 2.07 -7.64
C GLY A 54 -0.78 0.85 -7.87
N SER A 55 -1.88 1.11 -8.57
CA SER A 55 -2.82 0.04 -8.88
C SER A 55 -2.16 -1.01 -9.76
N LEU A 56 -1.42 -0.54 -10.74
CA LEU A 56 -0.73 -1.42 -11.67
C LEU A 56 0.26 -2.30 -10.88
N ALA A 57 0.79 -1.72 -9.82
CA ALA A 57 1.74 -2.43 -8.99
C ALA A 57 1.03 -3.58 -8.26
N GLY A 58 0.01 -3.21 -7.49
CA GLY A 58 -0.77 -4.19 -6.75
C GLY A 58 -1.44 -5.18 -7.70
N LEU A 59 -2.33 -4.65 -8.52
CA LEU A 59 -3.05 -5.48 -9.48
C LEU A 59 -2.05 -6.26 -10.33
N GLY A 60 -1.23 -5.51 -11.05
CA GLY A 60 -0.22 -6.11 -11.91
C GLY A 60 0.55 -7.20 -11.16
N ALA A 61 0.95 -6.87 -9.95
CA ALA A 61 1.70 -7.82 -9.13
C ALA A 61 0.88 -9.10 -8.96
N TYR A 62 -0.42 -8.91 -8.78
CA TYR A 62 -1.32 -10.04 -8.61
C TYR A 62 -2.71 -9.72 -9.16
N GLN A 63 -2.83 -9.81 -10.47
CA GLN A 63 -4.10 -9.54 -11.14
C GLN A 63 -4.00 -9.89 -12.62
N LEU A 64 -3.31 -9.04 -13.36
CA LEU A 64 -3.15 -9.24 -14.78
C LEU A 64 -2.24 -8.16 -15.36
N SER A 65 -0.98 -8.52 -15.56
CA SER A 65 0.00 -7.59 -16.09
C SER A 65 1.36 -8.26 -16.21
N GLN A 66 1.74 -8.94 -15.14
CA GLN A 66 3.02 -9.64 -15.11
C GLN A 66 2.80 -11.16 -15.05
N ASP A 67 3.05 -11.80 -16.19
CA ASP A 67 2.89 -13.24 -16.27
C ASP A 67 1.41 -13.59 -16.03
N PRO A 68 0.84 -14.36 -17.00
CA PRO A 68 -0.54 -14.78 -16.90
C PRO A 68 -0.71 -15.89 -15.87
N ARG A 69 0.31 -16.71 -15.76
CA ARG A 69 0.29 -17.82 -14.81
C ARG A 69 0.31 -17.29 -13.38
N ASN A 70 1.46 -16.74 -12.99
CA ASN A 70 1.62 -16.20 -11.65
C ASN A 70 0.33 -15.49 -11.24
N VAL A 71 -0.01 -14.45 -11.97
CA VAL A 71 -1.21 -13.69 -11.69
C VAL A 71 -2.37 -14.65 -11.43
N TRP A 72 -2.52 -15.60 -12.33
CA TRP A 72 -3.58 -16.59 -12.22
C TRP A 72 -3.49 -17.22 -10.82
N VAL A 73 -2.27 -17.59 -10.45
CA VAL A 73 -2.04 -18.20 -9.16
C VAL A 73 -2.54 -17.27 -8.06
N PHE A 74 -2.39 -15.98 -8.30
CA PHE A 74 -2.83 -14.98 -7.36
C PHE A 74 -4.35 -14.81 -7.40
N LEU A 75 -4.92 -15.13 -8.55
CA LEU A 75 -6.35 -15.02 -8.73
C LEU A 75 -7.05 -16.09 -7.88
N ALA A 76 -6.56 -17.31 -7.98
CA ALA A 76 -7.11 -18.42 -7.24
C ALA A 76 -6.77 -18.25 -5.75
N THR A 77 -5.57 -17.78 -5.50
CA THR A 77 -5.12 -17.57 -4.14
C THR A 77 -6.08 -16.65 -3.39
N SER A 78 -6.11 -15.39 -3.81
CA SER A 78 -6.98 -14.41 -3.20
C SER A 78 -8.45 -14.75 -3.50
N GLY A 79 -8.63 -15.51 -4.57
CA GLY A 79 -9.97 -15.90 -4.97
C GLY A 79 -10.67 -16.68 -3.86
N THR A 80 -9.99 -17.69 -3.36
CA THR A 80 -10.52 -18.53 -2.30
C THR A 80 -10.36 -17.83 -0.95
N LEU A 81 -9.16 -17.35 -0.70
CA LEU A 81 -8.86 -16.66 0.55
C LEU A 81 -9.91 -15.58 0.79
N ALA A 82 -10.05 -14.70 -0.19
CA ALA A 82 -11.01 -13.62 -0.09
C ALA A 82 -12.42 -14.17 -0.32
N GLY A 83 -12.49 -15.19 -1.16
CA GLY A 83 -13.75 -15.82 -1.48
C GLY A 83 -14.56 -16.10 -0.21
N ILE A 84 -13.87 -16.66 0.77
CA ILE A 84 -14.51 -16.99 2.04
C ILE A 84 -15.44 -15.85 2.44
N MET A 85 -14.97 -14.64 2.21
CA MET A 85 -15.76 -13.46 2.56
C MET A 85 -16.22 -12.73 1.29
N GLY A 86 -16.81 -11.56 1.50
CA GLY A 86 -17.31 -10.76 0.39
C GLY A 86 -16.74 -9.34 0.47
N MET A 87 -17.05 -8.57 -0.57
CA MET A 87 -16.59 -7.19 -0.65
C MET A 87 -15.08 -7.13 -0.85
N ARG A 88 -14.35 -7.59 0.15
CA ARG A 88 -12.89 -7.59 0.09
C ARG A 88 -12.32 -8.36 1.28
N PHE A 89 -12.65 -7.90 2.47
CA PHE A 89 -12.17 -8.54 3.68
C PHE A 89 -10.66 -8.81 3.60
N TYR A 90 -9.90 -7.86 4.11
CA TYR A 90 -8.45 -7.98 4.11
C TYR A 90 -7.86 -7.59 5.46
N HIS A 91 -6.74 -8.23 5.80
CA HIS A 91 -6.08 -7.96 7.05
C HIS A 91 -6.11 -6.46 7.34
N SER A 92 -6.04 -6.13 8.62
CA SER A 92 -6.07 -4.75 9.05
C SER A 92 -6.33 -4.66 10.54
N GLY A 93 -5.46 -5.30 11.32
CA GLY A 93 -5.60 -5.31 12.76
C GLY A 93 -4.32 -5.83 13.42
N LYS A 94 -3.40 -4.92 13.68
CA LYS A 94 -2.14 -5.27 14.31
C LYS A 94 -1.30 -4.01 14.49
N PHE A 95 -1.35 -3.14 13.48
CA PHE A 95 -0.59 -1.91 13.52
C PHE A 95 0.79 -2.13 14.14
N MET A 96 1.32 -3.32 13.91
CA MET A 96 2.63 -3.66 14.43
C MET A 96 3.74 -3.04 13.59
N PRO A 97 3.65 -3.27 12.25
CA PRO A 97 4.63 -2.74 11.33
C PRO A 97 4.43 -1.24 11.11
N ALA A 98 3.55 -0.92 10.18
CA ALA A 98 3.25 0.47 9.87
C ALA A 98 1.92 0.86 10.51
N GLY A 99 0.87 0.19 10.06
CA GLY A 99 -0.47 0.45 10.58
C GLY A 99 -1.34 1.16 9.53
N LEU A 100 -2.16 0.38 8.87
CA LEU A 100 -3.05 0.91 7.85
C LEU A 100 -4.11 1.79 8.51
N ILE A 101 -5.01 1.14 9.24
CA ILE A 101 -6.08 1.85 9.92
C ILE A 101 -5.47 2.81 10.94
N ALA A 102 -4.45 2.32 11.64
CA ALA A 102 -3.78 3.13 12.64
C ALA A 102 -3.19 4.37 11.98
N GLY A 103 -2.12 4.15 11.23
CA GLY A 103 -1.45 5.24 10.54
C GLY A 103 -2.47 6.15 9.83
N ALA A 104 -3.32 5.52 9.04
CA ALA A 104 -4.33 6.26 8.32
C ALA A 104 -5.05 7.22 9.27
N SER A 105 -5.56 6.65 10.35
CA SER A 105 -6.26 7.44 11.35
C SER A 105 -5.38 8.59 11.82
N LEU A 106 -4.09 8.32 11.89
CA LEU A 106 -3.14 9.32 12.33
C LEU A 106 -3.02 10.41 11.26
N LEU A 107 -3.18 9.98 10.01
CA LEU A 107 -3.09 10.90 8.89
C LEU A 107 -4.29 11.84 8.92
N MET A 108 -5.48 11.26 8.93
CA MET A 108 -6.70 12.03 8.97
C MET A 108 -6.71 13.00 10.16
N VAL A 109 -6.27 12.49 11.30
CA VAL A 109 -6.22 13.31 12.51
C VAL A 109 -5.32 14.52 12.26
N ALA A 110 -4.10 14.23 11.82
CA ALA A 110 -3.14 15.29 11.55
C ALA A 110 -3.73 16.24 10.51
N LYS A 111 -4.49 15.67 9.59
CA LYS A 111 -5.11 16.45 8.54
C LYS A 111 -6.03 17.51 9.15
N VAL A 112 -7.02 17.02 9.89
CA VAL A 112 -7.97 17.90 10.54
C VAL A 112 -7.23 18.82 11.50
N GLY A 113 -6.05 18.35 11.93
CA GLY A 113 -5.25 19.12 12.86
C GLY A 113 -4.64 20.35 12.18
N VAL A 114 -3.59 20.11 11.41
CA VAL A 114 -2.92 21.18 10.70
C VAL A 114 -2.54 20.71 9.29
N SER A 115 -3.44 20.94 8.35
CA SER A 115 -3.21 20.54 6.99
C SER A 115 -4.42 20.90 6.12
N MET A 116 -4.13 21.35 4.91
CA MET A 116 -5.18 21.73 3.98
C MET A 116 -6.13 20.57 3.72
N PHE A 117 -7.20 20.53 4.49
CA PHE A 117 -8.19 19.47 4.35
C PHE A 117 -9.60 19.99 4.67
N ASN A 118 -10.57 19.38 4.02
CA ASN A 118 -11.96 19.77 4.21
C ASN A 118 -12.87 18.54 4.02
N ARG A 119 -13.59 18.21 5.07
CA ARG A 119 -14.49 17.07 5.04
C ARG A 119 -15.31 17.08 3.74
N PRO A 120 -15.77 15.88 3.34
CA PRO A 120 -16.56 15.74 2.13
C PRO A 120 -17.99 16.24 2.35
N HIS A 121 -18.16 17.54 2.13
CA HIS A 121 -19.47 18.15 2.30
C HIS A 121 -20.37 17.78 1.13
N MET A 10 3.13 -11.89 19.80
CA MET A 10 4.13 -12.68 19.10
C MET A 10 4.19 -12.30 17.62
N GLN A 11 5.16 -11.46 17.30
CA GLN A 11 5.34 -11.01 15.93
C GLN A 11 6.32 -11.92 15.19
N ASP A 12 7.57 -11.87 15.63
CA ASP A 12 8.61 -12.69 15.02
C ASP A 12 8.88 -12.19 13.60
N THR A 13 9.88 -12.79 12.98
CA THR A 13 10.26 -12.41 11.62
C THR A 13 9.01 -12.15 10.78
N SER A 14 9.14 -11.21 9.86
CA SER A 14 8.04 -10.85 8.99
C SER A 14 7.61 -12.06 8.16
N SER A 15 6.78 -12.89 8.78
CA SER A 15 6.28 -14.09 8.12
C SER A 15 5.51 -13.70 6.85
N VAL A 16 4.66 -12.69 7.00
CA VAL A 16 3.86 -12.23 5.89
C VAL A 16 4.74 -11.42 4.93
N VAL A 17 5.06 -10.21 5.36
CA VAL A 17 5.90 -9.33 4.56
C VAL A 17 7.17 -10.07 4.15
N PRO A 18 7.28 -10.33 2.82
CA PRO A 18 8.44 -11.03 2.28
C PRO A 18 9.66 -10.12 2.25
N LEU A 19 10.83 -10.74 2.32
CA LEU A 19 12.08 -10.01 2.30
C LEU A 19 12.05 -8.96 1.18
N HIS A 20 11.81 -9.45 -0.03
CA HIS A 20 11.75 -8.58 -1.19
C HIS A 20 11.01 -7.29 -0.81
N TRP A 21 9.76 -7.45 -0.41
CA TRP A 21 8.94 -6.32 -0.02
C TRP A 21 9.78 -5.41 0.88
N PHE A 22 10.39 -6.02 1.89
CA PHE A 22 11.22 -5.29 2.82
C PHE A 22 12.19 -4.36 2.08
N GLY A 23 12.84 -4.92 1.07
CA GLY A 23 13.79 -4.14 0.28
C GLY A 23 13.07 -3.03 -0.49
N PHE A 24 11.85 -3.32 -0.91
CA PHE A 24 11.06 -2.35 -1.64
C PHE A 24 10.61 -1.21 -0.74
N GLY A 25 10.32 -1.56 0.51
CA GLY A 25 9.88 -0.57 1.48
C GLY A 25 11.01 0.39 1.84
N TYR A 26 12.17 -0.20 2.12
CA TYR A 26 13.33 0.59 2.48
C TYR A 26 13.75 1.53 1.35
N ALA A 27 13.88 0.94 0.17
CA ALA A 27 14.27 1.71 -1.01
C ALA A 27 13.17 2.74 -1.32
N ALA A 28 11.94 2.26 -1.31
CA ALA A 28 10.80 3.11 -1.59
C ALA A 28 10.75 4.24 -0.56
N LEU A 29 11.28 3.95 0.62
CA LEU A 29 11.30 4.91 1.70
C LEU A 29 12.27 6.04 1.35
N VAL A 30 13.50 5.65 1.08
CA VAL A 30 14.54 6.61 0.74
C VAL A 30 14.02 7.53 -0.37
N ALA A 31 13.66 6.91 -1.48
CA ALA A 31 13.15 7.66 -2.63
C ALA A 31 11.93 8.46 -2.19
N SER A 32 11.04 7.79 -1.48
CA SER A 32 9.82 8.43 -1.01
C SER A 32 10.16 9.74 -0.29
N GLY A 33 10.67 9.59 0.92
CA GLY A 33 11.05 10.75 1.72
C GLY A 33 12.01 11.66 0.95
N GLY A 34 12.63 11.08 -0.07
CA GLY A 34 13.57 11.82 -0.90
C GLY A 34 12.87 12.96 -1.64
N ILE A 35 12.14 12.57 -2.69
CA ILE A 35 11.42 13.54 -3.49
C ILE A 35 10.29 14.14 -2.67
N ILE A 36 9.67 13.29 -1.85
CA ILE A 36 8.57 13.72 -1.00
C ILE A 36 9.10 14.70 0.04
N GLY A 37 10.37 14.55 0.37
CA GLY A 37 11.00 15.40 1.35
C GLY A 37 11.31 16.78 0.76
N TYR A 38 12.27 16.80 -0.16
CA TYR A 38 12.67 18.03 -0.81
C TYR A 38 11.45 18.81 -1.32
N VAL A 39 10.53 18.06 -1.92
CA VAL A 39 9.32 18.67 -2.45
C VAL A 39 8.28 18.80 -1.33
N LYS A 40 8.47 17.99 -0.30
CA LYS A 40 7.57 18.01 0.83
C LYS A 40 6.32 17.19 0.50
N ALA A 41 5.66 17.59 -0.58
CA ALA A 41 4.46 16.91 -1.02
C ALA A 41 3.69 17.82 -1.98
N GLY A 42 2.45 17.44 -2.24
CA GLY A 42 1.59 18.20 -3.14
C GLY A 42 1.85 17.81 -4.60
N SER A 43 2.91 17.04 -4.79
CA SER A 43 3.28 16.59 -6.13
C SER A 43 2.03 16.10 -6.87
N VAL A 44 1.75 16.75 -7.99
CA VAL A 44 0.60 16.38 -8.80
C VAL A 44 0.94 15.17 -9.66
N PRO A 45 2.12 15.27 -10.34
CA PRO A 45 2.58 14.20 -11.20
C PRO A 45 3.12 13.02 -10.38
N SER A 46 4.06 13.34 -9.49
CA SER A 46 4.65 12.32 -8.65
C SER A 46 3.56 11.41 -8.08
N LEU A 47 2.70 12.00 -7.27
CA LEU A 47 1.61 11.25 -6.66
C LEU A 47 0.81 10.53 -7.75
N ALA A 48 0.50 11.29 -8.80
CA ALA A 48 -0.25 10.73 -9.91
C ALA A 48 0.41 9.44 -10.39
N ALA A 49 1.74 9.45 -10.35
CA ALA A 49 2.50 8.29 -10.77
C ALA A 49 2.34 7.17 -9.73
N GLY A 50 2.27 7.58 -8.47
CA GLY A 50 2.10 6.63 -7.38
C GLY A 50 0.76 5.91 -7.48
N LEU A 51 -0.23 6.64 -7.95
CA LEU A 51 -1.57 6.09 -8.10
C LEU A 51 -1.59 5.10 -9.27
N LEU A 52 -1.30 5.63 -10.45
CA LEU A 52 -1.28 4.80 -11.65
C LEU A 52 -0.40 3.58 -11.40
N PHE A 53 0.88 3.85 -11.15
CA PHE A 53 1.83 2.77 -10.90
C PHE A 53 1.45 1.98 -9.64
N GLY A 54 0.72 2.65 -8.75
CA GLY A 54 0.29 2.02 -7.52
C GLY A 54 -0.51 0.76 -7.80
N SER A 55 -1.65 0.94 -8.44
CA SER A 55 -2.52 -0.18 -8.78
C SER A 55 -1.83 -1.10 -9.77
N LEU A 56 -1.39 -0.49 -10.87
CA LEU A 56 -0.70 -1.25 -11.91
C LEU A 56 0.35 -2.16 -11.27
N ALA A 57 0.90 -1.68 -10.18
CA ALA A 57 1.92 -2.45 -9.46
C ALA A 57 1.25 -3.62 -8.74
N GLY A 58 0.51 -3.28 -7.69
CA GLY A 58 -0.18 -4.29 -6.91
C GLY A 58 -0.99 -5.22 -7.81
N LEU A 59 -1.94 -4.64 -8.51
CA LEU A 59 -2.79 -5.40 -9.42
C LEU A 59 -1.92 -6.15 -10.42
N GLY A 60 -0.95 -5.42 -10.97
CA GLY A 60 -0.04 -6.01 -11.94
C GLY A 60 0.52 -7.34 -11.44
N ALA A 61 1.08 -7.29 -10.24
CA ALA A 61 1.66 -8.47 -9.63
C ALA A 61 0.54 -9.43 -9.21
N TYR A 62 -0.65 -8.86 -9.07
CA TYR A 62 -1.81 -9.65 -8.67
C TYR A 62 -2.38 -10.42 -9.85
N GLN A 63 -2.75 -9.66 -10.89
CA GLN A 63 -3.31 -10.26 -12.09
C GLN A 63 -2.20 -10.60 -13.09
N LEU A 64 -1.57 -9.55 -13.60
CA LEU A 64 -0.49 -9.72 -14.56
C LEU A 64 -0.05 -8.35 -15.07
N SER A 65 1.22 -8.28 -15.43
CA SER A 65 1.78 -7.03 -15.95
C SER A 65 3.29 -7.02 -15.76
N GLN A 66 3.74 -7.75 -14.75
CA GLN A 66 5.16 -7.84 -14.45
C GLN A 66 5.51 -9.22 -13.91
N ASP A 67 6.37 -9.90 -14.65
CA ASP A 67 6.79 -11.24 -14.26
C ASP A 67 5.57 -12.16 -14.21
N PRO A 68 5.56 -13.13 -15.17
CA PRO A 68 4.45 -14.09 -15.24
C PRO A 68 4.56 -15.13 -14.14
N ARG A 69 5.79 -15.56 -13.89
CA ARG A 69 6.03 -16.56 -12.86
C ARG A 69 5.45 -16.10 -11.53
N ASN A 70 6.13 -15.15 -10.90
CA ASN A 70 5.70 -14.62 -9.63
C ASN A 70 4.18 -14.40 -9.67
N VAL A 71 3.76 -13.64 -10.67
CA VAL A 71 2.34 -13.35 -10.82
C VAL A 71 1.53 -14.63 -10.62
N TRP A 72 1.96 -15.68 -11.31
CA TRP A 72 1.28 -16.97 -11.20
C TRP A 72 1.20 -17.33 -9.72
N VAL A 73 2.32 -17.21 -9.04
CA VAL A 73 2.37 -17.53 -7.62
C VAL A 73 1.30 -16.72 -6.89
N PHE A 74 1.08 -15.51 -7.38
CA PHE A 74 0.08 -14.64 -6.77
C PHE A 74 -1.33 -15.06 -7.16
N LEU A 75 -1.44 -15.68 -8.33
CA LEU A 75 -2.71 -16.14 -8.82
C LEU A 75 -3.24 -17.25 -7.91
N ALA A 76 -2.37 -18.22 -7.66
CA ALA A 76 -2.73 -19.35 -6.81
C ALA A 76 -2.93 -18.85 -5.37
N THR A 77 -1.96 -18.09 -4.90
CA THR A 77 -2.02 -17.56 -3.55
C THR A 77 -3.41 -16.97 -3.28
N SER A 78 -3.73 -15.90 -3.99
CA SER A 78 -5.01 -15.24 -3.83
C SER A 78 -6.13 -16.17 -4.28
N GLY A 79 -5.79 -17.08 -5.18
CA GLY A 79 -6.75 -18.03 -5.69
C GLY A 79 -7.49 -18.73 -4.55
N THR A 80 -6.71 -19.34 -3.67
CA THR A 80 -7.27 -20.05 -2.53
C THR A 80 -7.69 -19.06 -1.44
N LEU A 81 -6.89 -18.02 -1.28
CA LEU A 81 -7.17 -17.00 -0.28
C LEU A 81 -8.58 -16.46 -0.51
N ALA A 82 -8.95 -16.38 -1.78
CA ALA A 82 -10.27 -15.88 -2.13
C ALA A 82 -11.29 -17.00 -2.00
N GLY A 83 -10.94 -18.15 -2.56
CA GLY A 83 -11.81 -19.31 -2.52
C GLY A 83 -12.36 -19.52 -1.10
N ILE A 84 -11.54 -19.16 -0.12
CA ILE A 84 -11.93 -19.31 1.26
C ILE A 84 -13.03 -18.30 1.59
N MET A 85 -12.73 -17.05 1.32
CA MET A 85 -13.69 -15.97 1.58
C MET A 85 -13.55 -14.86 0.55
N GLY A 86 -14.57 -14.01 0.50
CA GLY A 86 -14.57 -12.89 -0.44
C GLY A 86 -14.23 -11.58 0.27
N MET A 87 -14.97 -10.54 -0.09
CA MET A 87 -14.76 -9.24 0.50
C MET A 87 -14.69 -9.32 2.03
N ARG A 88 -14.36 -8.19 2.64
CA ARG A 88 -14.24 -8.14 4.08
C ARG A 88 -13.01 -8.92 4.56
N PHE A 89 -12.33 -8.35 5.53
CA PHE A 89 -11.14 -8.98 6.09
C PHE A 89 -10.07 -9.16 5.01
N TYR A 90 -9.00 -8.39 5.15
CA TYR A 90 -7.90 -8.45 4.19
C TYR A 90 -6.57 -8.19 4.89
N HIS A 91 -6.34 -8.93 5.97
CA HIS A 91 -5.10 -8.78 6.72
C HIS A 91 -5.04 -7.38 7.33
N SER A 92 -5.57 -7.27 8.54
CA SER A 92 -5.58 -5.99 9.23
C SER A 92 -6.35 -6.12 10.55
N GLY A 93 -6.03 -7.18 11.29
CA GLY A 93 -6.67 -7.42 12.56
C GLY A 93 -5.72 -7.15 13.73
N LYS A 94 -5.33 -5.90 13.86
CA LYS A 94 -4.43 -5.50 14.92
C LYS A 94 -3.02 -6.01 14.60
N PHE A 95 -2.55 -5.66 13.42
CA PHE A 95 -1.23 -6.07 12.99
C PHE A 95 -0.19 -4.97 13.27
N MET A 96 1.02 -5.21 12.78
CA MET A 96 2.09 -4.26 12.96
C MET A 96 1.64 -2.84 12.65
N PRO A 97 2.54 -1.86 12.96
CA PRO A 97 2.23 -0.46 12.71
C PRO A 97 2.32 -0.13 11.21
N ALA A 98 1.55 -0.88 10.43
CA ALA A 98 1.53 -0.67 9.00
C ALA A 98 0.14 -1.02 8.46
N GLY A 99 -0.88 -0.55 9.17
CA GLY A 99 -2.25 -0.81 8.77
C GLY A 99 -2.87 0.44 8.12
N LEU A 100 -3.65 0.19 7.08
CA LEU A 100 -4.31 1.26 6.36
C LEU A 100 -5.16 2.08 7.33
N ILE A 101 -5.79 1.36 8.26
CA ILE A 101 -6.63 2.00 9.25
C ILE A 101 -5.77 2.93 10.13
N ALA A 102 -4.74 2.33 10.71
CA ALA A 102 -3.85 3.08 11.57
C ALA A 102 -3.40 4.35 10.85
N GLY A 103 -2.60 4.17 9.81
CA GLY A 103 -2.10 5.29 9.04
C GLY A 103 -3.23 6.28 8.73
N ALA A 104 -4.32 5.75 8.22
CA ALA A 104 -5.46 6.58 7.89
C ALA A 104 -5.79 7.50 9.06
N SER A 105 -6.03 6.90 10.21
CA SER A 105 -6.34 7.66 11.40
C SER A 105 -5.24 8.69 11.67
N LEU A 106 -4.03 8.33 11.29
CA LEU A 106 -2.89 9.21 11.49
C LEU A 106 -3.02 10.41 10.55
N LEU A 107 -3.56 10.14 9.36
CA LEU A 107 -3.73 11.19 8.37
C LEU A 107 -4.85 12.13 8.83
N MET A 108 -5.93 11.53 9.29
CA MET A 108 -7.07 12.31 9.76
C MET A 108 -6.67 13.24 10.91
N VAL A 109 -5.90 12.68 11.83
CA VAL A 109 -5.44 13.45 12.98
C VAL A 109 -4.55 14.60 12.49
N ALA A 110 -3.57 14.23 11.67
CA ALA A 110 -2.64 15.23 11.14
C ALA A 110 -3.43 16.27 10.33
N LYS A 111 -4.57 15.83 9.83
CA LYS A 111 -5.42 16.72 9.04
C LYS A 111 -6.16 17.68 9.97
N VAL A 112 -6.66 17.12 11.07
CA VAL A 112 -7.39 17.91 12.04
C VAL A 112 -6.46 18.98 12.61
N GLY A 113 -5.19 18.61 12.76
CA GLY A 113 -4.19 19.53 13.29
C GLY A 113 -3.72 20.51 12.22
N VAL A 114 -3.01 19.97 11.24
CA VAL A 114 -2.49 20.78 10.16
C VAL A 114 -3.65 21.49 9.46
N SER A 115 -3.31 22.26 8.44
CA SER A 115 -4.32 23.00 7.68
C SER A 115 -4.80 22.15 6.50
N MET A 116 -5.97 21.57 6.68
CA MET A 116 -6.56 20.74 5.65
C MET A 116 -8.05 20.47 5.93
N PHE A 117 -8.67 19.75 5.01
CA PHE A 117 -10.08 19.42 5.14
C PHE A 117 -10.29 17.91 5.12
N ASN A 118 -11.21 17.46 5.96
CA ASN A 118 -11.52 16.05 6.05
C ASN A 118 -12.98 15.82 5.64
N ARG A 119 -13.82 16.74 6.08
CA ARG A 119 -15.24 16.66 5.79
C ARG A 119 -15.46 16.40 4.29
N PRO A 120 -16.09 15.24 3.99
CA PRO A 120 -16.36 14.86 2.62
C PRO A 120 -17.52 15.68 2.04
N HIS A 121 -17.36 17.00 2.12
CA HIS A 121 -18.38 17.90 1.61
C HIS A 121 -17.74 18.88 0.63
N MET A 10 2.15 -12.60 19.33
CA MET A 10 2.64 -13.76 18.62
C MET A 10 2.58 -13.54 17.10
N GLN A 11 3.74 -13.25 16.52
CA GLN A 11 3.82 -13.02 15.09
C GLN A 11 4.91 -13.89 14.48
N ASP A 12 6.14 -13.52 14.75
CA ASP A 12 7.29 -14.26 14.23
C ASP A 12 7.46 -13.95 12.75
N THR A 13 8.70 -13.75 12.35
CA THR A 13 9.02 -13.45 10.97
C THR A 13 8.25 -12.20 10.51
N SER A 14 8.74 -11.61 9.43
CA SER A 14 8.12 -10.42 8.89
C SER A 14 6.61 -10.63 8.73
N SER A 15 5.85 -9.74 9.34
CA SER A 15 4.40 -9.81 9.28
C SER A 15 3.93 -9.74 7.83
N VAL A 16 3.85 -10.91 7.21
CA VAL A 16 3.42 -10.98 5.82
C VAL A 16 4.50 -10.38 4.91
N VAL A 17 4.77 -9.10 5.15
CA VAL A 17 5.77 -8.39 4.37
C VAL A 17 6.96 -9.33 4.10
N PRO A 18 7.06 -9.78 2.82
CA PRO A 18 8.13 -10.67 2.42
C PRO A 18 9.46 -9.91 2.30
N LEU A 19 10.49 -10.64 1.90
CA LEU A 19 11.80 -10.06 1.75
C LEU A 19 11.76 -8.98 0.66
N HIS A 20 11.55 -9.44 -0.57
CA HIS A 20 11.48 -8.54 -1.71
C HIS A 20 10.75 -7.26 -1.29
N TRP A 21 9.48 -7.42 -0.94
CA TRP A 21 8.68 -6.28 -0.53
C TRP A 21 9.52 -5.42 0.42
N PHE A 22 10.10 -6.07 1.41
CA PHE A 22 10.93 -5.38 2.39
C PHE A 22 11.91 -4.43 1.69
N GLY A 23 12.58 -4.95 0.68
CA GLY A 23 13.54 -4.16 -0.07
C GLY A 23 12.85 -2.99 -0.78
N PHE A 24 11.63 -3.25 -1.24
CA PHE A 24 10.86 -2.23 -1.94
C PHE A 24 10.38 -1.15 -0.96
N GLY A 25 10.09 -1.58 0.26
CA GLY A 25 9.63 -0.67 1.27
C GLY A 25 10.74 0.28 1.71
N TYR A 26 11.90 -0.29 1.95
CA TYR A 26 13.06 0.48 2.37
C TYR A 26 13.48 1.48 1.29
N ALA A 27 13.67 0.95 0.09
CA ALA A 27 14.07 1.78 -1.04
C ALA A 27 12.97 2.80 -1.33
N ALA A 28 11.74 2.39 -1.05
CA ALA A 28 10.60 3.26 -1.28
C ALA A 28 10.52 4.30 -0.17
N LEU A 29 11.11 3.95 0.97
CA LEU A 29 11.12 4.84 2.12
C LEU A 29 12.08 6.00 1.85
N VAL A 30 13.29 5.64 1.44
CA VAL A 30 14.31 6.63 1.15
C VAL A 30 13.86 7.48 -0.04
N ALA A 31 13.38 6.80 -1.07
CA ALA A 31 12.91 7.48 -2.26
C ALA A 31 11.72 8.36 -1.91
N SER A 32 10.81 7.78 -1.14
CA SER A 32 9.61 8.50 -0.72
C SER A 32 10.01 9.77 0.03
N GLY A 33 10.63 9.57 1.19
CA GLY A 33 11.05 10.67 2.02
C GLY A 33 11.92 11.65 1.22
N GLY A 34 12.66 11.10 0.28
CA GLY A 34 13.53 11.91 -0.57
C GLY A 34 12.72 12.92 -1.37
N ILE A 35 11.93 12.41 -2.29
CA ILE A 35 11.10 13.25 -3.13
C ILE A 35 10.11 14.02 -2.25
N ILE A 36 9.27 13.27 -1.56
CA ILE A 36 8.27 13.87 -0.69
C ILE A 36 8.96 14.84 0.27
N GLY A 37 10.26 14.64 0.43
CA GLY A 37 11.04 15.49 1.32
C GLY A 37 11.34 16.84 0.67
N TYR A 38 12.37 16.86 -0.17
CA TYR A 38 12.76 18.07 -0.86
C TYR A 38 11.55 18.72 -1.54
N VAL A 39 10.64 17.88 -2.00
CA VAL A 39 9.44 18.36 -2.67
C VAL A 39 8.39 18.72 -1.62
N LYS A 40 8.43 17.99 -0.52
CA LYS A 40 7.48 18.22 0.56
C LYS A 40 6.17 17.50 0.24
N ALA A 41 5.51 17.97 -0.81
CA ALA A 41 4.25 17.39 -1.23
C ALA A 41 3.49 18.39 -2.10
N GLY A 42 2.62 17.85 -2.94
CA GLY A 42 1.83 18.68 -3.83
C GLY A 42 2.19 18.42 -5.29
N SER A 43 3.06 17.43 -5.49
CA SER A 43 3.50 17.07 -6.83
C SER A 43 2.31 16.49 -7.61
N VAL A 44 2.10 17.05 -8.79
CA VAL A 44 1.02 16.59 -9.65
C VAL A 44 1.44 15.32 -10.38
N PRO A 45 2.71 15.35 -10.89
CA PRO A 45 3.24 14.20 -11.60
C PRO A 45 3.63 13.08 -10.64
N SER A 46 4.33 13.47 -9.59
CA SER A 46 4.77 12.50 -8.59
C SER A 46 3.58 11.66 -8.13
N LEU A 47 2.59 12.34 -7.56
CA LEU A 47 1.40 11.68 -7.06
C LEU A 47 0.78 10.85 -8.19
N ALA A 48 0.62 11.50 -9.33
CA ALA A 48 0.06 10.83 -10.50
C ALA A 48 0.83 9.54 -10.77
N ALA A 49 2.12 9.59 -10.49
CA ALA A 49 2.97 8.44 -10.70
C ALA A 49 2.63 7.35 -9.67
N GLY A 50 2.33 7.81 -8.47
CA GLY A 50 1.98 6.90 -7.39
C GLY A 50 0.68 6.15 -7.70
N LEU A 51 -0.23 6.87 -8.34
CA LEU A 51 -1.52 6.29 -8.70
C LEU A 51 -1.31 5.22 -9.77
N LEU A 52 -0.74 5.65 -10.88
CA LEU A 52 -0.48 4.73 -11.98
C LEU A 52 0.21 3.47 -11.46
N PHE A 53 1.44 3.66 -11.00
CA PHE A 53 2.22 2.56 -10.46
C PHE A 53 1.51 1.93 -9.26
N GLY A 54 0.62 2.71 -8.66
CA GLY A 54 -0.12 2.24 -7.50
C GLY A 54 -0.92 0.98 -7.84
N SER A 55 -1.92 1.15 -8.69
CA SER A 55 -2.76 0.04 -9.09
C SER A 55 -1.93 -0.99 -9.86
N LEU A 56 -1.16 -0.49 -10.83
CA LEU A 56 -0.33 -1.35 -11.65
C LEU A 56 0.52 -2.24 -10.73
N ALA A 57 1.03 -1.65 -9.67
CA ALA A 57 1.84 -2.37 -8.72
C ALA A 57 1.02 -3.49 -8.09
N GLY A 58 -0.05 -3.08 -7.43
CA GLY A 58 -0.94 -4.05 -6.77
C GLY A 58 -1.57 -4.98 -7.80
N LEU A 59 -2.52 -4.42 -8.55
CA LEU A 59 -3.21 -5.20 -9.56
C LEU A 59 -2.20 -6.03 -10.35
N GLY A 60 -1.26 -5.35 -10.96
CA GLY A 60 -0.23 -6.01 -11.74
C GLY A 60 0.42 -7.13 -10.94
N ALA A 61 0.79 -6.80 -9.71
CA ALA A 61 1.43 -7.77 -8.83
C ALA A 61 0.52 -9.00 -8.71
N TYR A 62 -0.78 -8.74 -8.72
CA TYR A 62 -1.75 -9.81 -8.60
C TYR A 62 -3.09 -9.41 -9.24
N GLN A 63 -3.16 -9.59 -10.55
CA GLN A 63 -4.36 -9.26 -11.30
C GLN A 63 -4.19 -9.58 -12.77
N LEU A 64 -3.39 -8.77 -13.45
CA LEU A 64 -3.12 -8.96 -14.86
C LEU A 64 -2.16 -7.89 -15.34
N SER A 65 -0.91 -8.01 -14.90
CA SER A 65 0.12 -7.06 -15.29
C SER A 65 1.45 -7.43 -14.65
N GLN A 66 1.69 -8.73 -14.56
CA GLN A 66 2.91 -9.24 -13.98
C GLN A 66 2.93 -10.77 -14.02
N ASP A 67 3.46 -11.29 -15.11
CA ASP A 67 3.53 -12.73 -15.28
C ASP A 67 2.12 -13.33 -15.28
N PRO A 68 1.85 -14.16 -16.31
CA PRO A 68 0.54 -14.80 -16.44
C PRO A 68 0.39 -15.94 -15.43
N ARG A 69 1.34 -16.86 -15.47
CA ARG A 69 1.31 -17.99 -14.57
C ARG A 69 1.17 -17.52 -13.12
N ASN A 70 2.22 -16.88 -12.63
CA ASN A 70 2.21 -16.37 -11.27
C ASN A 70 0.85 -15.75 -10.97
N VAL A 71 0.43 -14.85 -11.84
CA VAL A 71 -0.85 -14.18 -11.67
C VAL A 71 -1.91 -15.21 -11.29
N TRP A 72 -1.98 -16.26 -12.10
CA TRP A 72 -2.95 -17.32 -11.87
C TRP A 72 -2.79 -17.79 -10.42
N VAL A 73 -1.54 -18.00 -10.04
CA VAL A 73 -1.24 -18.45 -8.68
C VAL A 73 -1.85 -17.47 -7.67
N PHE A 74 -1.80 -16.20 -8.04
CA PHE A 74 -2.34 -15.16 -7.17
C PHE A 74 -3.87 -15.12 -7.25
N LEU A 75 -4.38 -15.63 -8.36
CA LEU A 75 -5.82 -15.66 -8.58
C LEU A 75 -6.46 -16.66 -7.62
N ALA A 76 -5.85 -17.84 -7.57
CA ALA A 76 -6.35 -18.90 -6.70
C ALA A 76 -6.04 -18.54 -5.25
N THR A 77 -4.84 -18.00 -5.05
CA THR A 77 -4.42 -17.61 -3.71
C THR A 77 -5.44 -16.67 -3.08
N SER A 78 -5.51 -15.47 -3.65
CA SER A 78 -6.44 -14.46 -3.15
C SER A 78 -7.88 -14.93 -3.35
N GLY A 79 -8.07 -15.75 -4.37
CA GLY A 79 -9.38 -16.28 -4.68
C GLY A 79 -10.00 -16.96 -3.46
N THR A 80 -9.23 -17.84 -2.86
CA THR A 80 -9.68 -18.57 -1.68
C THR A 80 -9.61 -17.67 -0.45
N LEU A 81 -8.49 -16.98 -0.32
CA LEU A 81 -8.29 -16.09 0.81
C LEU A 81 -9.55 -15.23 1.01
N ALA A 82 -10.00 -14.65 -0.09
CA ALA A 82 -11.19 -13.81 -0.06
C ALA A 82 -12.44 -14.69 -0.10
N GLY A 83 -12.30 -15.84 -0.75
CA GLY A 83 -13.40 -16.77 -0.86
C GLY A 83 -14.05 -17.01 0.50
N ILE A 84 -13.22 -17.25 1.49
CA ILE A 84 -13.70 -17.49 2.85
C ILE A 84 -14.73 -16.42 3.22
N MET A 85 -14.43 -15.20 2.78
CA MET A 85 -15.32 -14.08 3.06
C MET A 85 -14.62 -12.75 2.74
N GLY A 86 -15.37 -11.67 2.92
CA GLY A 86 -14.85 -10.35 2.66
C GLY A 86 -14.62 -10.14 1.17
N MET A 87 -15.34 -9.17 0.61
CA MET A 87 -15.24 -8.85 -0.80
C MET A 87 -14.48 -7.54 -1.01
N ARG A 88 -14.62 -6.66 -0.03
CA ARG A 88 -13.96 -5.36 -0.10
C ARG A 88 -12.87 -5.26 0.97
N PHE A 89 -13.30 -5.23 2.22
CA PHE A 89 -12.37 -5.12 3.33
C PHE A 89 -11.47 -6.37 3.39
N TYR A 90 -10.32 -6.18 4.02
CA TYR A 90 -9.37 -7.28 4.16
C TYR A 90 -8.61 -7.17 5.49
N HIS A 91 -7.61 -8.03 5.63
CA HIS A 91 -6.80 -8.04 6.83
C HIS A 91 -6.47 -6.61 7.25
N SER A 92 -6.42 -6.41 8.56
CA SER A 92 -6.12 -5.09 9.10
C SER A 92 -6.38 -5.07 10.60
N GLY A 93 -5.89 -6.11 11.27
CA GLY A 93 -6.07 -6.23 12.71
C GLY A 93 -4.74 -6.01 13.44
N LYS A 94 -4.47 -4.76 13.76
CA LYS A 94 -3.24 -4.41 14.46
C LYS A 94 -2.09 -5.22 13.89
N PHE A 95 -1.80 -4.98 12.63
CA PHE A 95 -0.72 -5.69 11.95
C PHE A 95 0.13 -4.73 11.12
N MET A 96 1.31 -5.21 10.74
CA MET A 96 2.22 -4.41 9.94
C MET A 96 2.81 -3.27 10.77
N PRO A 97 4.05 -2.86 10.38
CA PRO A 97 4.74 -1.80 11.07
C PRO A 97 4.14 -0.43 10.71
N ALA A 98 4.14 -0.14 9.42
CA ALA A 98 3.59 1.11 8.94
C ALA A 98 2.29 1.43 9.68
N GLY A 99 1.32 0.55 9.48
CA GLY A 99 0.03 0.71 10.13
C GLY A 99 -1.00 1.31 9.15
N LEU A 100 -1.70 0.43 8.45
CA LEU A 100 -2.70 0.86 7.50
C LEU A 100 -3.81 1.62 8.23
N ILE A 101 -4.46 0.92 9.14
CA ILE A 101 -5.54 1.50 9.92
C ILE A 101 -4.98 2.62 10.80
N ALA A 102 -4.14 2.22 11.74
CA ALA A 102 -3.52 3.18 12.64
C ALA A 102 -3.03 4.39 11.85
N GLY A 103 -2.05 4.15 10.99
CA GLY A 103 -1.49 5.20 10.17
C GLY A 103 -2.59 6.05 9.55
N ALA A 104 -3.54 5.37 8.92
CA ALA A 104 -4.65 6.05 8.27
C ALA A 104 -5.25 7.06 9.24
N SER A 105 -5.63 6.55 10.41
CA SER A 105 -6.23 7.39 11.44
C SER A 105 -5.30 8.57 11.76
N LEU A 106 -4.00 8.29 11.66
CA LEU A 106 -3.00 9.32 11.93
C LEU A 106 -3.02 10.35 10.82
N LEU A 107 -3.34 9.88 9.62
CA LEU A 107 -3.40 10.76 8.46
C LEU A 107 -4.58 11.71 8.61
N MET A 108 -5.73 11.13 8.91
CA MET A 108 -6.94 11.91 9.07
C MET A 108 -6.78 12.96 10.19
N VAL A 109 -6.23 12.49 11.30
CA VAL A 109 -6.01 13.37 12.45
C VAL A 109 -5.13 14.54 12.02
N ALA A 110 -4.02 14.20 11.37
CA ALA A 110 -3.08 15.22 10.92
C ALA A 110 -3.82 16.21 10.02
N LYS A 111 -4.73 15.69 9.23
CA LYS A 111 -5.50 16.52 8.32
C LYS A 111 -6.32 17.52 9.14
N VAL A 112 -7.00 17.00 10.14
CA VAL A 112 -7.82 17.83 11.01
C VAL A 112 -6.99 18.99 11.54
N GLY A 113 -5.86 18.65 12.13
CA GLY A 113 -4.95 19.66 12.68
C GLY A 113 -4.41 20.55 11.57
N VAL A 114 -3.45 20.02 10.84
CA VAL A 114 -2.83 20.76 9.75
C VAL A 114 -3.93 21.45 8.92
N SER A 115 -3.55 22.59 8.33
CA SER A 115 -4.49 23.35 7.52
C SER A 115 -4.51 22.80 6.10
N MET A 116 -5.47 21.93 5.83
CA MET A 116 -5.61 21.34 4.52
C MET A 116 -6.78 20.36 4.48
N PHE A 117 -7.36 20.23 3.29
CA PHE A 117 -8.50 19.34 3.11
C PHE A 117 -9.66 19.73 4.02
N ASN A 118 -10.82 19.14 3.74
CA ASN A 118 -12.01 19.42 4.53
C ASN A 118 -12.96 18.22 4.45
N ARG A 119 -13.70 18.02 5.52
CA ARG A 119 -14.65 16.92 5.59
C ARG A 119 -15.61 16.99 4.40
N PRO A 120 -15.88 15.80 3.80
CA PRO A 120 -16.77 15.71 2.67
C PRO A 120 -18.24 15.85 3.11
N HIS A 121 -18.73 17.08 3.01
CA HIS A 121 -20.10 17.36 3.40
C HIS A 121 -21.05 16.95 2.26
N MET A 10 7.03 -7.41 14.70
CA MET A 10 6.74 -7.35 16.13
C MET A 10 7.94 -7.84 16.94
N GLN A 11 8.44 -9.01 16.58
CA GLN A 11 9.58 -9.59 17.26
C GLN A 11 9.97 -10.91 16.61
N ASP A 12 8.96 -11.67 16.19
CA ASP A 12 9.19 -12.95 15.55
C ASP A 12 8.79 -12.84 14.07
N THR A 13 9.78 -13.07 13.21
CA THR A 13 9.54 -13.01 11.78
C THR A 13 9.03 -11.63 11.38
N SER A 14 9.29 -11.27 10.13
CA SER A 14 8.85 -9.99 9.61
C SER A 14 7.39 -9.73 10.00
N SER A 15 6.99 -8.47 9.89
CA SER A 15 5.63 -8.08 10.23
C SER A 15 4.70 -8.41 9.07
N VAL A 16 4.75 -9.68 8.66
CA VAL A 16 3.90 -10.14 7.57
C VAL A 16 4.31 -9.42 6.28
N VAL A 17 5.58 -9.56 5.94
CA VAL A 17 6.12 -8.93 4.75
C VAL A 17 7.34 -9.72 4.26
N PRO A 18 7.35 -10.00 2.93
CA PRO A 18 8.44 -10.74 2.34
C PRO A 18 9.68 -9.87 2.19
N LEU A 19 10.82 -10.51 1.99
CA LEU A 19 12.07 -9.81 1.84
C LEU A 19 11.91 -8.72 0.78
N HIS A 20 11.55 -9.13 -0.42
CA HIS A 20 11.36 -8.20 -1.51
C HIS A 20 10.68 -6.93 -0.99
N TRP A 21 9.50 -7.12 -0.42
CA TRP A 21 8.74 -6.01 0.11
C TRP A 21 9.70 -5.14 0.93
N PHE A 22 10.41 -5.79 1.84
CA PHE A 22 11.36 -5.09 2.68
C PHE A 22 12.26 -4.15 1.86
N GLY A 23 12.74 -4.69 0.75
CA GLY A 23 13.60 -3.93 -0.13
C GLY A 23 12.85 -2.75 -0.75
N PHE A 24 11.58 -2.98 -1.01
CA PHE A 24 10.74 -1.96 -1.60
C PHE A 24 10.37 -0.89 -0.57
N GLY A 25 10.25 -1.32 0.67
CA GLY A 25 9.91 -0.42 1.76
C GLY A 25 11.05 0.54 2.06
N TYR A 26 12.26 -0.02 2.12
CA TYR A 26 13.44 0.77 2.40
C TYR A 26 13.77 1.69 1.22
N ALA A 27 13.67 1.13 0.02
CA ALA A 27 13.96 1.89 -1.18
C ALA A 27 12.87 2.95 -1.38
N ALA A 28 11.64 2.54 -1.09
CA ALA A 28 10.51 3.44 -1.23
C ALA A 28 10.51 4.45 -0.09
N LEU A 29 11.18 4.07 0.99
CA LEU A 29 11.27 4.93 2.16
C LEU A 29 12.21 6.09 1.86
N VAL A 30 13.42 5.74 1.42
CA VAL A 30 14.41 6.74 1.10
C VAL A 30 13.92 7.59 -0.07
N ALA A 31 13.37 6.91 -1.07
CA ALA A 31 12.85 7.58 -2.24
C ALA A 31 11.69 8.50 -1.83
N SER A 32 10.70 7.89 -1.20
CA SER A 32 9.53 8.63 -0.76
C SER A 32 9.97 9.90 -0.02
N GLY A 33 10.63 9.70 1.11
CA GLY A 33 11.10 10.82 1.91
C GLY A 33 12.02 11.73 1.09
N GLY A 34 12.65 11.13 0.09
CA GLY A 34 13.56 11.87 -0.77
C GLY A 34 12.83 13.00 -1.50
N ILE A 35 11.94 12.61 -2.39
CA ILE A 35 11.17 13.58 -3.16
C ILE A 35 10.18 14.28 -2.23
N ILE A 36 9.39 13.46 -1.54
CA ILE A 36 8.40 13.99 -0.61
C ILE A 36 9.08 14.94 0.38
N GLY A 37 10.38 14.73 0.55
CA GLY A 37 11.16 15.55 1.46
C GLY A 37 11.51 16.90 0.82
N TYR A 38 12.54 16.86 -0.02
CA TYR A 38 12.98 18.07 -0.70
C TYR A 38 11.80 18.83 -1.30
N VAL A 39 10.86 18.07 -1.84
CA VAL A 39 9.68 18.66 -2.45
C VAL A 39 8.65 18.95 -1.36
N LYS A 40 8.67 18.11 -0.33
CA LYS A 40 7.74 18.26 0.78
C LYS A 40 6.48 17.45 0.49
N ALA A 41 5.90 17.71 -0.68
CA ALA A 41 4.69 17.02 -1.08
C ALA A 41 3.96 17.85 -2.15
N GLY A 42 2.73 17.45 -2.41
CA GLY A 42 1.92 18.14 -3.41
C GLY A 42 2.28 17.69 -4.83
N SER A 43 3.34 16.90 -4.91
CA SER A 43 3.79 16.39 -6.19
C SER A 43 2.59 15.95 -7.04
N VAL A 44 2.41 16.65 -8.15
CA VAL A 44 1.32 16.34 -9.05
C VAL A 44 1.68 15.12 -9.90
N PRO A 45 2.92 15.15 -10.44
CA PRO A 45 3.41 14.06 -11.27
C PRO A 45 3.77 12.84 -10.42
N SER A 46 4.57 13.09 -9.40
CA SER A 46 5.00 12.03 -8.51
C SER A 46 3.78 11.26 -7.99
N LEU A 47 2.91 11.97 -7.30
CA LEU A 47 1.70 11.37 -6.77
C LEU A 47 0.95 10.64 -7.88
N ALA A 48 0.80 11.34 -9.00
CA ALA A 48 0.10 10.79 -10.14
C ALA A 48 0.76 9.47 -10.54
N ALA A 49 2.07 9.42 -10.37
CA ALA A 49 2.83 8.23 -10.70
C ALA A 49 2.56 7.14 -9.65
N GLY A 50 2.28 7.60 -8.44
CA GLY A 50 2.01 6.68 -7.34
C GLY A 50 0.66 6.00 -7.53
N LEU A 51 -0.27 6.75 -8.10
CA LEU A 51 -1.61 6.23 -8.34
C LEU A 51 -1.57 5.24 -9.50
N LEU A 52 -1.12 5.73 -10.65
CA LEU A 52 -1.03 4.89 -11.84
C LEU A 52 -0.28 3.61 -11.49
N PHE A 53 0.95 3.79 -11.04
CA PHE A 53 1.78 2.65 -10.67
C PHE A 53 1.21 1.93 -9.44
N GLY A 54 0.45 2.68 -8.66
CA GLY A 54 -0.15 2.12 -7.46
C GLY A 54 -1.00 0.90 -7.79
N SER A 55 -2.09 1.15 -8.50
CA SER A 55 -3.00 0.08 -8.90
C SER A 55 -2.30 -0.86 -9.88
N LEU A 56 -1.68 -0.27 -10.89
CA LEU A 56 -0.98 -1.03 -11.90
C LEU A 56 -0.05 -2.04 -11.21
N ALA A 57 0.56 -1.59 -10.13
CA ALA A 57 1.48 -2.44 -9.37
C ALA A 57 0.68 -3.51 -8.64
N GLY A 58 0.04 -3.09 -7.56
CA GLY A 58 -0.77 -4.01 -6.77
C GLY A 58 -1.63 -4.90 -7.66
N LEU A 59 -2.53 -4.26 -8.39
CA LEU A 59 -3.43 -4.98 -9.28
C LEU A 59 -2.59 -5.84 -10.23
N GLY A 60 -1.77 -5.17 -11.02
CA GLY A 60 -0.91 -5.85 -11.98
C GLY A 60 -0.31 -7.12 -11.36
N ALA A 61 0.65 -6.91 -10.47
CA ALA A 61 1.32 -8.01 -9.81
C ALA A 61 0.27 -9.04 -9.37
N TYR A 62 -0.91 -8.54 -9.04
CA TYR A 62 -1.99 -9.40 -8.60
C TYR A 62 -3.06 -9.52 -9.68
N GLN A 63 -2.60 -9.63 -10.93
CA GLN A 63 -3.51 -9.75 -12.05
C GLN A 63 -2.72 -10.05 -13.33
N LEU A 64 -2.13 -8.99 -13.87
CA LEU A 64 -1.34 -9.11 -15.09
C LEU A 64 -0.79 -7.74 -15.48
N SER A 65 0.36 -7.42 -14.89
CA SER A 65 1.00 -6.14 -15.16
C SER A 65 2.26 -5.99 -14.30
N GLN A 66 2.95 -7.11 -14.13
CA GLN A 66 4.17 -7.11 -13.33
C GLN A 66 4.68 -8.55 -13.16
N ASP A 67 5.42 -9.00 -14.16
CA ASP A 67 5.97 -10.34 -14.13
C ASP A 67 4.83 -11.36 -14.23
N PRO A 68 5.00 -12.31 -15.19
CA PRO A 68 3.99 -13.35 -15.40
C PRO A 68 4.05 -14.39 -14.29
N ARG A 69 5.20 -15.06 -14.20
CA ARG A 69 5.40 -16.08 -13.19
C ARG A 69 4.88 -15.59 -11.83
N ASN A 70 5.58 -14.61 -11.29
CA ASN A 70 5.19 -14.06 -9.99
C ASN A 70 3.67 -13.89 -9.95
N VAL A 71 3.16 -13.17 -10.93
CA VAL A 71 1.73 -12.93 -11.01
C VAL A 71 0.97 -14.24 -10.76
N TRP A 72 1.41 -15.28 -11.45
CA TRP A 72 0.79 -16.59 -11.31
C TRP A 72 0.80 -16.95 -9.83
N VAL A 73 1.94 -16.75 -9.20
CA VAL A 73 2.09 -17.06 -7.79
C VAL A 73 1.04 -16.29 -6.99
N PHE A 74 0.74 -15.09 -7.48
CA PHE A 74 -0.24 -14.24 -6.83
C PHE A 74 -1.67 -14.71 -7.14
N LEU A 75 -1.81 -15.38 -8.28
CA LEU A 75 -3.10 -15.88 -8.70
C LEU A 75 -3.52 -17.04 -7.78
N ALA A 76 -2.59 -17.96 -7.57
CA ALA A 76 -2.86 -19.11 -6.72
C ALA A 76 -2.95 -18.63 -5.26
N THR A 77 -2.03 -17.75 -4.90
CA THR A 77 -2.00 -17.23 -3.56
C THR A 77 -3.36 -16.66 -3.16
N SER A 78 -3.74 -15.59 -3.84
CA SER A 78 -5.01 -14.94 -3.57
C SER A 78 -6.16 -15.91 -3.88
N GLY A 79 -5.91 -16.79 -4.84
CA GLY A 79 -6.90 -17.77 -5.24
C GLY A 79 -7.43 -18.54 -4.02
N THR A 80 -6.51 -19.10 -3.27
CA THR A 80 -6.87 -19.86 -2.08
C THR A 80 -7.30 -18.91 -0.96
N LEU A 81 -6.46 -17.91 -0.72
CA LEU A 81 -6.73 -16.93 0.33
C LEU A 81 -8.21 -16.55 0.28
N ALA A 82 -8.61 -16.02 -0.87
CA ALA A 82 -10.00 -15.60 -1.06
C ALA A 82 -10.90 -16.84 -1.02
N GLY A 83 -10.43 -17.90 -1.67
CA GLY A 83 -11.19 -19.13 -1.72
C GLY A 83 -11.70 -19.52 -0.33
N ILE A 84 -10.93 -19.14 0.67
CA ILE A 84 -11.29 -19.44 2.05
C ILE A 84 -12.54 -18.65 2.43
N MET A 85 -12.48 -17.35 2.17
CA MET A 85 -13.60 -16.48 2.48
C MET A 85 -13.63 -15.28 1.53
N GLY A 86 -14.80 -14.67 1.43
CA GLY A 86 -14.98 -13.52 0.57
C GLY A 86 -14.40 -12.26 1.20
N MET A 87 -14.98 -11.12 0.85
CA MET A 87 -14.54 -9.84 1.38
C MET A 87 -14.99 -9.67 2.83
N ARG A 88 -14.49 -10.55 3.68
CA ARG A 88 -14.82 -10.51 5.09
C ARG A 88 -13.79 -11.28 5.92
N PHE A 89 -12.53 -10.99 5.65
CA PHE A 89 -11.44 -11.64 6.35
C PHE A 89 -10.11 -10.92 6.11
N TYR A 90 -10.15 -9.61 6.33
CA TYR A 90 -8.96 -8.79 6.15
C TYR A 90 -8.11 -8.76 7.42
N HIS A 91 -6.85 -9.16 7.27
CA HIS A 91 -5.94 -9.18 8.39
C HIS A 91 -5.60 -7.75 8.81
N SER A 92 -5.29 -6.93 7.81
CA SER A 92 -4.95 -5.54 8.08
C SER A 92 -3.79 -5.45 9.05
N GLY A 93 -2.70 -6.12 8.70
CA GLY A 93 -1.51 -6.14 9.53
C GLY A 93 -1.89 -6.18 11.02
N LYS A 94 -1.17 -5.40 11.80
CA LYS A 94 -1.42 -5.35 13.23
C LYS A 94 -0.44 -4.35 13.88
N PHE A 95 -0.51 -3.11 13.42
CA PHE A 95 0.35 -2.07 13.93
C PHE A 95 1.76 -2.60 14.17
N MET A 96 2.61 -2.39 13.16
CA MET A 96 3.99 -2.83 13.24
C MET A 96 4.67 -2.75 11.87
N PRO A 97 4.00 -3.39 10.86
CA PRO A 97 4.53 -3.39 9.51
C PRO A 97 4.34 -2.04 8.84
N ALA A 98 3.25 -1.38 9.22
CA ALA A 98 2.93 -0.07 8.65
C ALA A 98 1.77 0.54 9.44
N GLY A 99 0.71 -0.25 9.58
CA GLY A 99 -0.48 0.22 10.30
C GLY A 99 -1.53 0.75 9.34
N LEU A 100 -2.38 -0.16 8.87
CA LEU A 100 -3.44 0.22 7.96
C LEU A 100 -4.38 1.21 8.64
N ILE A 101 -5.17 0.68 9.56
CA ILE A 101 -6.12 1.50 10.29
C ILE A 101 -5.36 2.53 11.13
N ALA A 102 -4.24 2.08 11.69
CA ALA A 102 -3.42 2.95 12.51
C ALA A 102 -2.98 4.16 11.68
N GLY A 103 -2.02 3.91 10.80
CA GLY A 103 -1.51 4.97 9.94
C GLY A 103 -2.64 5.82 9.36
N ALA A 104 -3.65 5.12 8.84
CA ALA A 104 -4.80 5.79 8.26
C ALA A 104 -5.29 6.87 9.21
N SER A 105 -5.63 6.45 10.42
CA SER A 105 -6.12 7.38 11.43
C SER A 105 -5.09 8.50 11.64
N LEU A 106 -3.82 8.14 11.47
CA LEU A 106 -2.75 9.10 11.64
C LEU A 106 -2.83 10.15 10.54
N LEU A 107 -3.24 9.71 9.37
CA LEU A 107 -3.37 10.59 8.22
C LEU A 107 -4.55 11.54 8.44
N MET A 108 -5.69 10.94 8.76
CA MET A 108 -6.90 11.71 9.01
C MET A 108 -6.65 12.82 10.03
N VAL A 109 -6.00 12.43 11.12
CA VAL A 109 -5.69 13.38 12.18
C VAL A 109 -4.79 14.48 11.63
N ALA A 110 -3.71 14.06 10.97
CA ALA A 110 -2.77 15.00 10.40
C ALA A 110 -3.50 15.97 9.49
N LYS A 111 -4.52 15.45 8.81
CA LYS A 111 -5.32 16.25 7.91
C LYS A 111 -6.12 17.28 8.72
N VAL A 112 -6.84 16.75 9.71
CA VAL A 112 -7.66 17.60 10.56
C VAL A 112 -6.84 18.83 10.99
N GLY A 113 -5.61 18.57 11.37
CA GLY A 113 -4.71 19.63 11.81
C GLY A 113 -4.21 20.44 10.61
N VAL A 114 -3.27 19.85 9.89
CA VAL A 114 -2.69 20.49 8.73
C VAL A 114 -3.81 21.02 7.84
N SER A 115 -3.45 21.96 6.98
CA SER A 115 -4.41 22.55 6.06
C SER A 115 -5.29 21.46 5.45
N MET A 116 -6.51 21.36 5.98
CA MET A 116 -7.45 20.37 5.49
C MET A 116 -8.73 20.38 6.33
N PHE A 117 -9.70 19.58 5.89
CA PHE A 117 -10.97 19.49 6.58
C PHE A 117 -11.83 18.36 6.01
N ASN A 118 -12.68 17.81 6.87
CA ASN A 118 -13.55 16.73 6.47
C ASN A 118 -14.84 17.31 5.87
N ARG A 119 -14.67 18.30 5.00
CA ARG A 119 -15.80 18.94 4.37
C ARG A 119 -16.86 17.90 3.97
N PRO A 120 -16.37 16.84 3.28
CA PRO A 120 -17.27 15.78 2.84
C PRO A 120 -17.67 14.87 4.01
N HIS A 121 -18.41 15.46 4.94
CA HIS A 121 -18.87 14.73 6.11
C HIS A 121 -20.14 15.36 6.66
N MET A 10 7.62 -6.69 15.43
CA MET A 10 8.08 -6.44 16.79
C MET A 10 8.92 -7.61 17.31
N GLN A 11 8.40 -8.81 17.12
CA GLN A 11 9.10 -10.00 17.56
C GLN A 11 8.74 -11.19 16.65
N ASP A 12 7.47 -11.56 16.69
CA ASP A 12 6.99 -12.67 15.88
C ASP A 12 7.38 -12.43 14.43
N THR A 13 7.61 -13.54 13.72
CA THR A 13 8.00 -13.48 12.33
C THR A 13 7.16 -12.42 11.59
N SER A 14 7.75 -11.87 10.54
CA SER A 14 7.07 -10.85 9.75
C SER A 14 5.78 -11.43 9.16
N SER A 15 5.83 -12.72 8.88
CA SER A 15 4.67 -13.40 8.30
C SER A 15 4.40 -12.87 6.90
N VAL A 16 3.90 -11.64 6.84
CA VAL A 16 3.59 -11.02 5.57
C VAL A 16 4.78 -10.15 5.13
N VAL A 17 4.59 -9.47 4.01
CA VAL A 17 5.63 -8.61 3.48
C VAL A 17 6.98 -9.30 3.61
N PRO A 18 7.36 -10.04 2.54
CA PRO A 18 8.62 -10.76 2.53
C PRO A 18 9.80 -9.81 2.32
N LEU A 19 10.99 -10.37 2.25
CA LEU A 19 12.19 -9.59 2.05
C LEU A 19 11.95 -8.57 0.92
N HIS A 20 11.60 -9.10 -0.24
CA HIS A 20 11.34 -8.25 -1.40
C HIS A 20 10.61 -6.98 -0.95
N TRP A 21 9.40 -7.18 -0.45
CA TRP A 21 8.59 -6.06 0.02
C TRP A 21 9.48 -5.16 0.88
N PHE A 22 10.19 -5.81 1.80
CA PHE A 22 11.08 -5.09 2.69
C PHE A 22 11.97 -4.11 1.92
N GLY A 23 12.54 -4.61 0.83
CA GLY A 23 13.41 -3.80 0.01
C GLY A 23 12.61 -2.71 -0.73
N PHE A 24 11.35 -3.05 -1.01
CA PHE A 24 10.48 -2.12 -1.71
C PHE A 24 10.04 -0.98 -0.78
N GLY A 25 9.88 -1.31 0.50
CA GLY A 25 9.47 -0.34 1.48
C GLY A 25 10.62 0.62 1.82
N TYR A 26 11.78 0.03 2.09
CA TYR A 26 12.95 0.82 2.43
C TYR A 26 13.36 1.72 1.26
N ALA A 27 13.45 1.11 0.08
CA ALA A 27 13.84 1.84 -1.12
C ALA A 27 12.77 2.90 -1.42
N ALA A 28 11.56 2.43 -1.63
CA ALA A 28 10.45 3.32 -1.93
C ALA A 28 10.38 4.42 -0.87
N LEU A 29 10.77 4.05 0.34
CA LEU A 29 10.75 5.00 1.45
C LEU A 29 11.85 6.05 1.23
N VAL A 30 13.04 5.56 0.94
CA VAL A 30 14.17 6.45 0.71
C VAL A 30 13.78 7.51 -0.32
N ALA A 31 13.38 7.02 -1.50
CA ALA A 31 12.98 7.91 -2.57
C ALA A 31 11.80 8.77 -2.10
N SER A 32 10.81 8.10 -1.53
CA SER A 32 9.63 8.79 -1.03
C SER A 32 10.04 9.99 -0.18
N GLY A 33 10.42 9.69 1.06
CA GLY A 33 10.84 10.73 1.98
C GLY A 33 11.80 11.71 1.31
N GLY A 34 12.57 11.18 0.37
CA GLY A 34 13.53 12.00 -0.36
C GLY A 34 12.83 13.18 -1.04
N ILE A 35 12.18 12.89 -2.16
CA ILE A 35 11.48 13.90 -2.91
C ILE A 35 10.33 14.46 -2.06
N ILE A 36 9.50 13.54 -1.57
CA ILE A 36 8.37 13.92 -0.75
C ILE A 36 8.85 14.82 0.40
N GLY A 37 10.13 14.67 0.73
CA GLY A 37 10.72 15.46 1.80
C GLY A 37 11.03 16.88 1.32
N TYR A 38 12.14 16.99 0.59
CA TYR A 38 12.56 18.27 0.07
C TYR A 38 11.40 19.01 -0.60
N VAL A 39 10.59 18.25 -1.32
CA VAL A 39 9.44 18.81 -2.01
C VAL A 39 8.27 18.92 -1.03
N LYS A 40 8.27 18.03 -0.05
CA LYS A 40 7.23 18.01 0.95
C LYS A 40 6.07 17.12 0.47
N ALA A 41 5.48 17.53 -0.64
CA ALA A 41 4.38 16.78 -1.22
C ALA A 41 3.56 17.71 -2.12
N GLY A 42 4.28 18.48 -2.93
CA GLY A 42 3.63 19.40 -3.85
C GLY A 42 3.99 19.07 -5.30
N SER A 43 3.92 17.78 -5.61
CA SER A 43 4.23 17.32 -6.95
C SER A 43 2.96 17.31 -7.81
N VAL A 44 2.82 16.26 -8.60
CA VAL A 44 1.66 16.12 -9.47
C VAL A 44 1.88 14.94 -10.41
N PRO A 45 3.03 14.98 -11.13
CA PRO A 45 3.38 13.93 -12.07
C PRO A 45 3.84 12.67 -11.34
N SER A 46 4.73 12.87 -10.39
CA SER A 46 5.26 11.76 -9.60
C SER A 46 4.12 11.06 -8.87
N LEU A 47 3.38 11.84 -8.11
CA LEU A 47 2.26 11.31 -7.34
C LEU A 47 1.34 10.54 -8.28
N ALA A 48 0.96 11.19 -9.36
CA ALA A 48 0.08 10.59 -10.35
C ALA A 48 0.71 9.29 -10.86
N ALA A 49 2.04 9.28 -10.86
CA ALA A 49 2.78 8.12 -11.33
C ALA A 49 2.67 7.00 -10.28
N GLY A 50 2.57 7.41 -9.03
CA GLY A 50 2.46 6.46 -7.94
C GLY A 50 1.08 5.82 -7.91
N LEU A 51 0.08 6.60 -8.28
CA LEU A 51 -1.29 6.11 -8.30
C LEU A 51 -1.44 5.11 -9.44
N LEU A 52 -1.19 5.58 -10.65
CA LEU A 52 -1.29 4.74 -11.82
C LEU A 52 -0.46 3.47 -11.62
N PHE A 53 0.83 3.68 -11.38
CA PHE A 53 1.75 2.58 -11.17
C PHE A 53 1.37 1.80 -9.90
N GLY A 54 0.65 2.47 -9.01
CA GLY A 54 0.23 1.85 -7.76
C GLY A 54 -0.70 0.67 -8.03
N SER A 55 -1.84 0.98 -8.64
CA SER A 55 -2.81 -0.06 -8.96
C SER A 55 -2.21 -1.06 -9.94
N LEU A 56 -1.55 -0.54 -10.95
CA LEU A 56 -0.93 -1.37 -11.96
C LEU A 56 0.13 -2.26 -11.29
N ALA A 57 0.67 -1.77 -10.20
CA ALA A 57 1.69 -2.50 -9.47
C ALA A 57 1.02 -3.64 -8.69
N GLY A 58 0.37 -3.27 -7.60
CA GLY A 58 -0.31 -4.25 -6.76
C GLY A 58 -1.21 -5.14 -7.61
N LEU A 59 -2.03 -4.51 -8.43
CA LEU A 59 -2.94 -5.25 -9.29
C LEU A 59 -2.14 -6.09 -10.28
N GLY A 60 -1.36 -5.40 -11.10
CA GLY A 60 -0.54 -6.06 -12.09
C GLY A 60 0.08 -7.34 -11.53
N ALA A 61 0.80 -7.17 -10.44
CA ALA A 61 1.46 -8.30 -9.78
C ALA A 61 0.40 -9.35 -9.42
N TYR A 62 -0.74 -8.86 -8.96
CA TYR A 62 -1.84 -9.73 -8.58
C TYR A 62 -2.94 -9.72 -9.63
N GLN A 63 -2.55 -9.97 -10.87
CA GLN A 63 -3.50 -9.98 -11.97
C GLN A 63 -2.79 -10.33 -13.28
N LEU A 64 -2.11 -9.34 -13.82
CA LEU A 64 -1.38 -9.53 -15.07
C LEU A 64 -0.69 -8.22 -15.46
N SER A 65 0.52 -8.05 -14.93
CA SER A 65 1.30 -6.85 -15.20
C SER A 65 2.48 -6.77 -14.25
N GLN A 66 3.12 -7.91 -14.05
CA GLN A 66 4.27 -7.98 -13.17
C GLN A 66 4.72 -9.43 -12.98
N ASP A 67 5.48 -9.91 -13.95
CA ASP A 67 5.97 -11.27 -13.90
C ASP A 67 4.79 -12.24 -13.94
N PRO A 68 4.91 -13.26 -14.84
CA PRO A 68 3.85 -14.26 -14.98
C PRO A 68 3.87 -15.24 -13.81
N ARG A 69 5.06 -15.73 -13.51
CA ARG A 69 5.23 -16.67 -12.41
C ARG A 69 4.58 -16.13 -11.14
N ASN A 70 5.18 -15.06 -10.63
CA ASN A 70 4.69 -14.44 -9.41
C ASN A 70 3.15 -14.38 -9.47
N VAL A 71 2.66 -13.78 -10.54
CA VAL A 71 1.22 -13.65 -10.73
C VAL A 71 0.54 -14.97 -10.34
N TRP A 72 1.06 -16.06 -10.90
CA TRP A 72 0.51 -17.38 -10.62
C TRP A 72 0.46 -17.56 -9.10
N VAL A 73 1.59 -17.27 -8.47
CA VAL A 73 1.69 -17.40 -7.03
C VAL A 73 0.55 -16.62 -6.37
N PHE A 74 0.18 -15.52 -7.00
CA PHE A 74 -0.89 -14.68 -6.49
C PHE A 74 -2.26 -15.33 -6.74
N LEU A 75 -2.34 -16.03 -7.87
CA LEU A 75 -3.57 -16.69 -8.24
C LEU A 75 -3.94 -17.71 -7.16
N ALA A 76 -2.96 -18.54 -6.80
CA ALA A 76 -3.17 -19.56 -5.79
C ALA A 76 -3.40 -18.88 -4.43
N THR A 77 -2.56 -17.90 -4.15
CA THR A 77 -2.67 -17.17 -2.91
C THR A 77 -4.07 -16.59 -2.73
N SER A 78 -4.30 -15.46 -3.40
CA SER A 78 -5.59 -14.79 -3.32
C SER A 78 -6.71 -15.79 -3.66
N GLY A 79 -6.38 -16.72 -4.54
CA GLY A 79 -7.33 -17.73 -4.96
C GLY A 79 -8.00 -18.38 -3.75
N THR A 80 -7.18 -18.96 -2.89
CA THR A 80 -7.67 -19.62 -1.70
C THR A 80 -8.25 -18.60 -0.72
N LEU A 81 -7.49 -17.52 -0.53
CA LEU A 81 -7.93 -16.46 0.37
C LEU A 81 -9.39 -16.13 0.11
N ALA A 82 -9.66 -15.72 -1.13
CA ALA A 82 -11.02 -15.38 -1.52
C ALA A 82 -11.93 -16.60 -1.33
N GLY A 83 -11.41 -17.75 -1.73
CA GLY A 83 -12.15 -18.99 -1.61
C GLY A 83 -12.78 -19.13 -0.23
N ILE A 84 -12.02 -18.72 0.78
CA ILE A 84 -12.49 -18.78 2.15
C ILE A 84 -13.80 -18.00 2.27
N MET A 85 -13.71 -16.71 2.00
CA MET A 85 -14.87 -15.85 2.08
C MET A 85 -14.63 -14.53 1.32
N GLY A 86 -15.66 -13.69 1.31
CA GLY A 86 -15.57 -12.41 0.63
C GLY A 86 -16.76 -11.52 1.02
N MET A 87 -16.96 -10.49 0.20
CA MET A 87 -18.04 -9.55 0.43
C MET A 87 -17.67 -8.55 1.54
N ARG A 88 -17.41 -9.10 2.72
CA ARG A 88 -17.05 -8.26 3.86
C ARG A 88 -15.56 -8.42 4.18
N PHE A 89 -14.92 -7.29 4.43
CA PHE A 89 -13.50 -7.30 4.75
C PHE A 89 -13.25 -7.89 6.14
N TYR A 90 -12.02 -8.32 6.35
CA TYR A 90 -11.64 -8.91 7.62
C TYR A 90 -10.29 -8.37 8.09
N HIS A 91 -9.32 -8.43 7.19
CA HIS A 91 -7.98 -7.96 7.49
C HIS A 91 -8.06 -6.54 8.05
N SER A 92 -6.88 -5.98 8.32
CA SER A 92 -6.80 -4.63 8.86
C SER A 92 -7.35 -4.60 10.28
N GLY A 93 -6.55 -5.11 11.21
CA GLY A 93 -6.94 -5.15 12.60
C GLY A 93 -5.85 -5.80 13.46
N LYS A 94 -4.60 -5.52 13.09
CA LYS A 94 -3.48 -6.08 13.82
C LYS A 94 -2.70 -4.94 14.49
N PHE A 95 -2.48 -3.89 13.71
CA PHE A 95 -1.75 -2.73 14.21
C PHE A 95 -0.29 -3.08 14.49
N MET A 96 -0.10 -3.99 15.42
CA MET A 96 1.24 -4.42 15.79
C MET A 96 2.15 -4.51 14.56
N PRO A 97 1.65 -5.26 13.54
CA PRO A 97 2.40 -5.44 12.31
C PRO A 97 2.35 -4.17 11.45
N ALA A 98 1.30 -4.09 10.65
CA ALA A 98 1.12 -2.94 9.77
C ALA A 98 0.29 -1.88 10.50
N GLY A 99 0.29 -0.69 9.91
CA GLY A 99 -0.46 0.42 10.48
C GLY A 99 -1.36 1.07 9.45
N LEU A 100 -2.18 0.24 8.82
CA LEU A 100 -3.11 0.72 7.80
C LEU A 100 -4.18 1.59 8.46
N ILE A 101 -5.00 0.95 9.28
CA ILE A 101 -6.06 1.65 9.97
C ILE A 101 -5.45 2.70 10.91
N ALA A 102 -4.40 2.28 11.62
CA ALA A 102 -3.73 3.17 12.55
C ALA A 102 -3.24 4.41 11.80
N GLY A 103 -2.25 4.19 10.94
CA GLY A 103 -1.69 5.27 10.16
C GLY A 103 -2.78 6.16 9.56
N ALA A 104 -3.76 5.50 8.95
CA ALA A 104 -4.87 6.21 8.33
C ALA A 104 -5.42 7.23 9.33
N SER A 105 -5.91 6.72 10.45
CA SER A 105 -6.47 7.57 11.48
C SER A 105 -5.44 8.64 11.89
N LEU A 106 -4.18 8.30 11.72
CA LEU A 106 -3.11 9.21 12.06
C LEU A 106 -3.07 10.36 11.06
N LEU A 107 -3.32 10.01 9.81
CA LEU A 107 -3.33 11.00 8.74
C LEU A 107 -4.57 11.88 8.88
N MET A 108 -5.64 11.28 9.37
CA MET A 108 -6.89 12.01 9.57
C MET A 108 -6.74 13.08 10.65
N VAL A 109 -6.24 12.65 11.80
CA VAL A 109 -6.04 13.55 12.92
C VAL A 109 -4.90 14.53 12.58
N ALA A 110 -3.98 14.05 11.75
CA ALA A 110 -2.85 14.87 11.35
C ALA A 110 -3.33 15.99 10.44
N LYS A 111 -4.19 15.61 9.49
CA LYS A 111 -4.73 16.57 8.55
C LYS A 111 -5.54 17.63 9.31
N VAL A 112 -6.56 17.16 10.00
CA VAL A 112 -7.42 18.05 10.78
C VAL A 112 -6.56 18.83 11.78
N GLY A 113 -5.49 18.18 12.22
CA GLY A 113 -4.58 18.80 13.17
C GLY A 113 -3.85 19.99 12.55
N VAL A 114 -3.45 19.81 11.29
CA VAL A 114 -2.74 20.85 10.58
C VAL A 114 -2.73 20.51 9.09
N SER A 115 -3.05 21.53 8.28
CA SER A 115 -3.07 21.35 6.84
C SER A 115 -4.17 20.36 6.45
N MET A 116 -5.32 20.91 6.08
CA MET A 116 -6.44 20.09 5.68
C MET A 116 -7.50 20.92 4.95
N PHE A 117 -7.49 20.80 3.64
CA PHE A 117 -8.43 21.53 2.81
C PHE A 117 -9.83 21.55 3.44
N ASN A 118 -10.41 20.35 3.54
CA ASN A 118 -11.72 20.21 4.13
C ASN A 118 -12.27 18.81 3.82
N ARG A 119 -13.33 18.45 4.52
CA ARG A 119 -13.94 17.15 4.32
C ARG A 119 -15.18 17.27 3.42
N PRO A 120 -15.55 16.13 2.79
CA PRO A 120 -16.70 16.11 1.91
C PRO A 120 -18.00 16.14 2.71
N HIS A 121 -18.70 17.26 2.60
CA HIS A 121 -19.96 17.43 3.31
C HIS A 121 -21.09 17.60 2.29
N MET A 10 11.44 -8.05 18.75
CA MET A 10 11.09 -9.47 18.73
C MET A 10 9.78 -9.69 17.97
N GLN A 11 9.88 -10.40 16.86
CA GLN A 11 8.72 -10.70 16.04
C GLN A 11 9.07 -11.71 14.96
N ASP A 12 8.04 -12.38 14.46
CA ASP A 12 8.24 -13.38 13.42
C ASP A 12 8.61 -12.69 12.11
N THR A 13 9.05 -13.49 11.15
CA THR A 13 9.45 -12.96 9.86
C THR A 13 8.45 -11.92 9.38
N SER A 14 8.85 -11.17 8.37
CA SER A 14 8.02 -10.13 7.81
C SER A 14 6.56 -10.60 7.79
N SER A 15 6.37 -11.86 7.44
CA SER A 15 5.05 -12.44 7.37
C SER A 15 4.19 -11.68 6.36
N VAL A 16 3.32 -12.43 5.68
CA VAL A 16 2.44 -11.84 4.69
C VAL A 16 3.30 -11.28 3.54
N VAL A 17 3.81 -10.09 3.75
CA VAL A 17 4.64 -9.44 2.73
C VAL A 17 5.94 -10.23 2.57
N PRO A 18 6.31 -10.47 1.29
CA PRO A 18 7.52 -11.20 0.97
C PRO A 18 8.76 -10.33 1.20
N LEU A 19 9.92 -10.99 1.22
CA LEU A 19 11.18 -10.29 1.43
C LEU A 19 11.33 -9.20 0.36
N HIS A 20 11.39 -9.64 -0.89
CA HIS A 20 11.53 -8.72 -2.00
C HIS A 20 10.65 -7.49 -1.77
N TRP A 21 9.38 -7.75 -1.52
CA TRP A 21 8.43 -6.69 -1.29
C TRP A 21 9.05 -5.72 -0.27
N PHE A 22 9.48 -6.28 0.84
CA PHE A 22 10.09 -5.49 1.90
C PHE A 22 11.17 -4.56 1.33
N GLY A 23 11.95 -5.11 0.41
CA GLY A 23 13.02 -4.35 -0.22
C GLY A 23 12.46 -3.22 -1.07
N PHE A 24 11.33 -3.50 -1.71
CA PHE A 24 10.68 -2.52 -2.56
C PHE A 24 10.12 -1.37 -1.73
N GLY A 25 9.62 -1.71 -0.55
CA GLY A 25 9.05 -0.72 0.34
C GLY A 25 10.14 0.17 0.95
N TYR A 26 11.25 -0.46 1.28
CA TYR A 26 12.37 0.25 1.87
C TYR A 26 12.96 1.26 0.87
N ALA A 27 13.13 0.78 -0.36
CA ALA A 27 13.67 1.62 -1.42
C ALA A 27 12.71 2.78 -1.69
N ALA A 28 11.44 2.43 -1.83
CA ALA A 28 10.42 3.43 -2.09
C ALA A 28 10.33 4.39 -0.91
N LEU A 29 10.69 3.88 0.26
CA LEU A 29 10.65 4.67 1.47
C LEU A 29 11.71 5.78 1.39
N VAL A 30 12.94 5.35 1.10
CA VAL A 30 14.06 6.27 0.99
C VAL A 30 13.72 7.33 -0.06
N ALA A 31 13.46 6.86 -1.27
CA ALA A 31 13.14 7.74 -2.37
C ALA A 31 11.95 8.61 -1.98
N SER A 32 10.98 7.99 -1.34
CA SER A 32 9.79 8.69 -0.91
C SER A 32 10.18 9.97 -0.14
N GLY A 33 10.63 9.76 1.08
CA GLY A 33 11.04 10.88 1.92
C GLY A 33 12.01 11.80 1.18
N GLY A 34 12.72 11.21 0.23
CA GLY A 34 13.69 11.95 -0.56
C GLY A 34 13.00 13.12 -1.30
N ILE A 35 12.24 12.76 -2.31
CA ILE A 35 11.54 13.76 -3.10
C ILE A 35 10.39 14.34 -2.28
N ILE A 36 9.60 13.43 -1.71
CA ILE A 36 8.46 13.84 -0.90
C ILE A 36 8.94 14.80 0.18
N GLY A 37 10.20 14.66 0.55
CA GLY A 37 10.79 15.50 1.57
C GLY A 37 11.16 16.87 1.00
N TYR A 38 12.22 16.88 0.20
CA TYR A 38 12.68 18.11 -0.41
C TYR A 38 11.51 18.92 -0.98
N VAL A 39 10.62 18.20 -1.65
CA VAL A 39 9.46 18.83 -2.25
C VAL A 39 8.36 18.98 -1.20
N LYS A 40 8.39 18.09 -0.22
CA LYS A 40 7.41 18.11 0.85
C LYS A 40 6.18 17.33 0.42
N ALA A 41 5.53 17.83 -0.62
CA ALA A 41 4.33 17.18 -1.13
C ALA A 41 3.55 18.18 -1.99
N GLY A 42 2.82 17.63 -2.95
CA GLY A 42 2.02 18.46 -3.85
C GLY A 42 2.42 18.22 -5.31
N SER A 43 3.31 17.26 -5.50
CA SER A 43 3.78 16.92 -6.83
C SER A 43 2.62 16.37 -7.67
N VAL A 44 2.46 16.94 -8.86
CA VAL A 44 1.40 16.52 -9.76
C VAL A 44 1.84 15.25 -10.49
N PRO A 45 3.12 15.25 -10.93
CA PRO A 45 3.67 14.10 -11.64
C PRO A 45 3.97 12.96 -10.67
N SER A 46 4.53 13.31 -9.53
CA SER A 46 4.88 12.33 -8.53
C SER A 46 3.63 11.54 -8.12
N LEU A 47 2.62 12.26 -7.68
CA LEU A 47 1.38 11.64 -7.26
C LEU A 47 0.84 10.77 -8.39
N ALA A 48 0.77 11.36 -9.58
CA ALA A 48 0.28 10.65 -10.74
C ALA A 48 1.08 9.35 -10.91
N ALA A 49 2.36 9.43 -10.55
CA ALA A 49 3.23 8.28 -10.66
C ALA A 49 2.80 7.22 -9.63
N GLY A 50 2.38 7.71 -8.47
CA GLY A 50 1.94 6.82 -7.40
C GLY A 50 0.66 6.09 -7.78
N LEU A 51 -0.17 6.78 -8.56
CA LEU A 51 -1.44 6.21 -9.00
C LEU A 51 -1.15 5.07 -9.99
N LEU A 52 -0.51 5.43 -11.08
CA LEU A 52 -0.17 4.46 -12.12
C LEU A 52 0.53 3.27 -11.47
N PHE A 53 1.71 3.54 -10.93
CA PHE A 53 2.49 2.49 -10.29
C PHE A 53 1.75 1.92 -9.08
N GLY A 54 0.77 2.68 -8.61
CA GLY A 54 -0.02 2.26 -7.46
C GLY A 54 -0.78 0.97 -7.77
N SER A 55 -1.73 1.07 -8.68
CA SER A 55 -2.52 -0.08 -9.08
C SER A 55 -1.63 -1.14 -9.70
N LEU A 56 -0.74 -0.69 -10.58
CA LEU A 56 0.17 -1.60 -11.26
C LEU A 56 0.96 -2.38 -10.21
N ALA A 57 1.40 -1.67 -9.18
CA ALA A 57 2.16 -2.29 -8.11
C ALA A 57 1.32 -3.37 -7.45
N GLY A 58 0.18 -2.96 -6.93
CA GLY A 58 -0.73 -3.88 -6.27
C GLY A 58 -1.21 -4.97 -7.23
N LEU A 59 -2.13 -4.58 -8.09
CA LEU A 59 -2.68 -5.51 -9.07
C LEU A 59 -1.54 -6.32 -9.69
N GLY A 60 -0.61 -5.61 -10.30
CA GLY A 60 0.52 -6.24 -10.94
C GLY A 60 1.17 -7.27 -10.00
N ALA A 61 1.76 -6.75 -8.94
CA ALA A 61 2.42 -7.60 -7.96
C ALA A 61 1.49 -8.76 -7.59
N TYR A 62 0.19 -8.52 -7.78
CA TYR A 62 -0.81 -9.54 -7.48
C TYR A 62 -1.18 -10.33 -8.73
N GLN A 63 -0.21 -10.45 -9.63
CA GLN A 63 -0.42 -11.19 -10.86
C GLN A 63 -1.69 -10.69 -11.56
N LEU A 64 -1.51 -9.67 -12.39
CA LEU A 64 -2.62 -9.10 -13.12
C LEU A 64 -2.14 -8.64 -14.50
N SER A 65 -1.01 -7.94 -14.49
CA SER A 65 -0.43 -7.44 -15.72
C SER A 65 1.02 -7.90 -15.85
N GLN A 66 1.19 -9.21 -15.92
CA GLN A 66 2.51 -9.79 -16.03
C GLN A 66 2.46 -11.11 -16.82
N ASP A 67 1.93 -12.13 -16.15
CA ASP A 67 1.80 -13.44 -16.76
C ASP A 67 0.40 -13.99 -16.50
N PRO A 68 -0.04 -14.92 -17.40
CA PRO A 68 -1.35 -15.52 -17.27
C PRO A 68 -1.37 -16.56 -16.15
N ARG A 69 -0.34 -17.39 -16.13
CA ARG A 69 -0.22 -18.43 -15.13
C ARG A 69 -0.34 -17.81 -13.72
N ASN A 70 0.66 -17.02 -13.37
CA ASN A 70 0.68 -16.38 -12.07
C ASN A 70 -0.70 -15.81 -11.77
N VAL A 71 -1.21 -15.05 -12.72
CA VAL A 71 -2.53 -14.44 -12.57
C VAL A 71 -3.51 -15.48 -12.02
N TRP A 72 -3.50 -16.65 -12.64
CA TRP A 72 -4.38 -17.73 -12.23
C TRP A 72 -4.11 -18.01 -10.76
N VAL A 73 -2.83 -18.10 -10.43
CA VAL A 73 -2.43 -18.37 -9.06
C VAL A 73 -3.01 -17.29 -8.14
N PHE A 74 -3.12 -16.10 -8.68
CA PHE A 74 -3.66 -14.97 -7.93
C PHE A 74 -5.19 -15.04 -7.88
N LEU A 75 -5.76 -15.69 -8.88
CA LEU A 75 -7.21 -15.82 -8.96
C LEU A 75 -7.69 -16.75 -7.84
N ALA A 76 -7.04 -17.90 -7.75
CA ALA A 76 -7.40 -18.88 -6.74
C ALA A 76 -6.95 -18.37 -5.36
N THR A 77 -5.77 -17.78 -5.34
CA THR A 77 -5.22 -17.24 -4.11
C THR A 77 -6.21 -16.27 -3.46
N SER A 78 -6.34 -15.10 -4.07
CA SER A 78 -7.24 -14.09 -3.57
C SER A 78 -8.68 -14.56 -3.71
N GLY A 79 -8.89 -15.49 -4.63
CA GLY A 79 -10.21 -16.04 -4.86
C GLY A 79 -10.82 -16.58 -3.57
N THR A 80 -10.06 -17.45 -2.92
CA THR A 80 -10.51 -18.05 -1.68
C THR A 80 -10.29 -17.09 -0.51
N LEU A 81 -9.13 -16.45 -0.52
CA LEU A 81 -8.79 -15.51 0.52
C LEU A 81 -9.96 -14.54 0.75
N ALA A 82 -10.32 -13.86 -0.33
CA ALA A 82 -11.42 -12.90 -0.28
C ALA A 82 -12.74 -13.64 -0.39
N GLY A 83 -12.70 -14.76 -1.11
CA GLY A 83 -13.89 -15.57 -1.30
C GLY A 83 -14.62 -15.80 0.02
N ILE A 84 -13.84 -16.10 1.05
CA ILE A 84 -14.39 -16.34 2.37
C ILE A 84 -15.40 -15.24 2.70
N MET A 85 -14.90 -14.01 2.71
CA MET A 85 -15.75 -12.86 3.01
C MET A 85 -16.25 -12.20 1.73
N GLY A 86 -16.87 -11.04 1.89
CA GLY A 86 -17.40 -10.30 0.76
C GLY A 86 -16.27 -9.78 -0.14
N MET A 87 -16.61 -8.78 -0.94
CA MET A 87 -15.64 -8.19 -1.84
C MET A 87 -15.06 -6.90 -1.25
N ARG A 88 -14.05 -7.08 -0.40
CA ARG A 88 -13.40 -5.95 0.23
C ARG A 88 -12.46 -6.43 1.35
N PHE A 89 -13.02 -7.22 2.24
CA PHE A 89 -12.25 -7.76 3.35
C PHE A 89 -10.85 -8.17 2.90
N TYR A 90 -9.88 -7.82 3.73
CA TYR A 90 -8.49 -8.14 3.43
C TYR A 90 -7.57 -7.74 4.58
N HIS A 91 -7.89 -8.25 5.75
CA HIS A 91 -7.10 -7.96 6.94
C HIS A 91 -6.85 -6.45 7.02
N SER A 92 -6.02 -6.07 7.98
CA SER A 92 -5.69 -4.67 8.18
C SER A 92 -4.49 -4.54 9.13
N GLY A 93 -4.53 -5.34 10.18
CA GLY A 93 -3.46 -5.34 11.16
C GLY A 93 -3.31 -3.94 11.80
N LYS A 94 -3.44 -3.91 13.11
CA LYS A 94 -3.32 -2.65 13.84
C LYS A 94 -1.86 -2.44 14.22
N PHE A 95 -0.98 -2.72 13.28
CA PHE A 95 0.44 -2.55 13.51
C PHE A 95 1.25 -3.10 12.33
N MET A 96 0.73 -2.85 11.14
CA MET A 96 1.39 -3.31 9.92
C MET A 96 2.69 -2.53 9.68
N PRO A 97 3.51 -3.06 8.73
CA PRO A 97 4.78 -2.44 8.40
C PRO A 97 4.56 -1.17 7.56
N ALA A 98 3.90 -0.19 8.19
CA ALA A 98 3.63 1.07 7.52
C ALA A 98 2.60 1.85 8.33
N GLY A 99 1.60 1.13 8.80
CA GLY A 99 0.54 1.74 9.59
C GLY A 99 -0.69 2.04 8.73
N LEU A 100 -1.32 0.97 8.26
CA LEU A 100 -2.51 1.11 7.43
C LEU A 100 -3.61 1.80 8.22
N ILE A 101 -4.18 1.05 9.15
CA ILE A 101 -5.26 1.56 9.98
C ILE A 101 -4.71 2.68 10.88
N ALA A 102 -3.60 2.37 11.53
CA ALA A 102 -2.97 3.33 12.42
C ALA A 102 -2.69 4.63 11.66
N GLY A 103 -1.79 4.52 10.70
CA GLY A 103 -1.43 5.69 9.88
C GLY A 103 -2.68 6.43 9.41
N ALA A 104 -3.64 5.66 8.92
CA ALA A 104 -4.88 6.23 8.43
C ALA A 104 -5.42 7.23 9.46
N SER A 105 -5.69 6.72 10.65
CA SER A 105 -6.21 7.55 11.72
C SER A 105 -5.24 8.72 11.99
N LEU A 106 -3.98 8.47 11.70
CA LEU A 106 -2.95 9.48 11.90
C LEU A 106 -3.13 10.59 10.88
N LEU A 107 -3.56 10.20 9.68
CA LEU A 107 -3.78 11.15 8.61
C LEU A 107 -5.01 12.00 8.93
N MET A 108 -6.13 11.31 9.12
CA MET A 108 -7.38 11.98 9.43
C MET A 108 -7.19 13.01 10.54
N VAL A 109 -6.60 12.54 11.64
CA VAL A 109 -6.35 13.41 12.79
C VAL A 109 -5.44 14.56 12.36
N ALA A 110 -4.41 14.21 11.58
CA ALA A 110 -3.47 15.19 11.11
C ALA A 110 -4.21 16.29 10.35
N LYS A 111 -5.19 15.85 9.56
CA LYS A 111 -5.99 16.78 8.78
C LYS A 111 -6.74 17.73 9.71
N VAL A 112 -7.43 17.13 10.68
CA VAL A 112 -8.20 17.91 11.64
C VAL A 112 -7.30 18.99 12.25
N GLY A 113 -6.05 18.60 12.49
CA GLY A 113 -5.09 19.53 13.06
C GLY A 113 -4.58 20.52 12.01
N VAL A 114 -3.62 20.06 11.23
CA VAL A 114 -3.05 20.90 10.18
C VAL A 114 -3.90 20.78 8.91
N SER A 115 -3.82 21.80 8.09
CA SER A 115 -4.57 21.83 6.85
C SER A 115 -6.06 22.06 7.14
N MET A 116 -6.68 21.02 7.69
CA MET A 116 -8.10 21.10 8.02
C MET A 116 -8.93 21.58 6.82
N PHE A 117 -8.66 20.96 5.67
CA PHE A 117 -9.37 21.31 4.45
C PHE A 117 -10.73 20.63 4.40
N ASN A 118 -10.70 19.32 4.25
CA ASN A 118 -11.93 18.54 4.17
C ASN A 118 -12.76 19.01 2.98
N ARG A 119 -14.01 18.58 2.95
CA ARG A 119 -14.91 18.94 1.88
C ARG A 119 -16.17 18.07 1.92
N PRO A 120 -15.94 16.74 1.92
CA PRO A 120 -17.05 15.79 1.96
C PRO A 120 -17.67 15.73 3.36
N HIS A 121 -18.16 16.88 3.80
CA HIS A 121 -18.79 16.98 5.12
C HIS A 121 -20.02 17.87 5.04
N MET A 10 11.42 -6.43 17.40
CA MET A 10 11.12 -7.51 18.32
C MET A 10 9.77 -8.15 17.98
N GLN A 11 9.80 -9.00 16.96
CA GLN A 11 8.59 -9.68 16.52
C GLN A 11 8.93 -10.76 15.50
N ASP A 12 8.04 -11.73 15.38
CA ASP A 12 8.23 -12.82 14.44
C ASP A 12 8.73 -12.26 13.11
N THR A 13 9.48 -13.09 12.40
CA THR A 13 10.03 -12.70 11.12
C THR A 13 8.93 -12.17 10.21
N SER A 14 9.32 -11.30 9.29
CA SER A 14 8.37 -10.72 8.36
C SER A 14 7.96 -11.75 7.31
N SER A 15 6.89 -12.46 7.61
CA SER A 15 6.39 -13.48 6.71
C SER A 15 5.40 -12.86 5.71
N VAL A 16 4.38 -12.23 6.26
CA VAL A 16 3.36 -11.59 5.45
C VAL A 16 4.04 -10.81 4.32
N VAL A 17 5.22 -10.28 4.62
CA VAL A 17 5.97 -9.52 3.64
C VAL A 17 7.38 -10.10 3.52
N PRO A 18 7.69 -10.65 2.32
CA PRO A 18 8.98 -11.23 2.07
C PRO A 18 10.05 -10.15 1.88
N LEU A 19 11.29 -10.60 1.75
CA LEU A 19 12.40 -9.69 1.55
C LEU A 19 12.04 -8.66 0.48
N HIS A 20 11.77 -9.18 -0.72
CA HIS A 20 11.40 -8.33 -1.83
C HIS A 20 10.55 -7.15 -1.34
N TRP A 21 9.49 -7.49 -0.62
CA TRP A 21 8.60 -6.49 -0.08
C TRP A 21 9.44 -5.47 0.70
N PHE A 22 10.19 -5.98 1.66
CA PHE A 22 11.05 -5.13 2.48
C PHE A 22 11.96 -4.27 1.60
N GLY A 23 12.26 -4.79 0.42
CA GLY A 23 13.11 -4.09 -0.51
C GLY A 23 12.37 -2.92 -1.17
N PHE A 24 11.09 -3.16 -1.43
CA PHE A 24 10.26 -2.16 -2.06
C PHE A 24 9.85 -1.07 -1.06
N GLY A 25 9.78 -1.48 0.20
CA GLY A 25 9.40 -0.57 1.27
C GLY A 25 10.57 0.35 1.64
N TYR A 26 11.73 -0.25 1.78
CA TYR A 26 12.93 0.50 2.12
C TYR A 26 13.35 1.42 0.99
N ALA A 27 13.32 0.87 -0.23
CA ALA A 27 13.69 1.63 -1.40
C ALA A 27 12.65 2.74 -1.64
N ALA A 28 11.39 2.35 -1.61
CA ALA A 28 10.31 3.29 -1.80
C ALA A 28 10.30 4.31 -0.66
N LEU A 29 10.84 3.88 0.47
CA LEU A 29 10.90 4.73 1.64
C LEU A 29 11.92 5.85 1.40
N VAL A 30 13.11 5.44 0.96
CA VAL A 30 14.17 6.38 0.69
C VAL A 30 13.70 7.40 -0.34
N ALA A 31 13.29 6.87 -1.49
CA ALA A 31 12.81 7.71 -2.57
C ALA A 31 11.62 8.54 -2.09
N SER A 32 10.77 7.88 -1.30
CA SER A 32 9.59 8.53 -0.76
C SER A 32 9.98 9.83 -0.05
N GLY A 33 10.56 9.67 1.12
CA GLY A 33 10.98 10.81 1.91
C GLY A 33 11.90 11.73 1.10
N GLY A 34 12.53 11.14 0.10
CA GLY A 34 13.43 11.89 -0.76
C GLY A 34 12.70 13.03 -1.47
N ILE A 35 11.90 12.65 -2.45
CA ILE A 35 11.13 13.62 -3.21
C ILE A 35 10.06 14.25 -2.31
N ILE A 36 9.34 13.38 -1.62
CA ILE A 36 8.28 13.84 -0.72
C ILE A 36 8.88 14.81 0.29
N GLY A 37 10.17 14.66 0.53
CA GLY A 37 10.87 15.51 1.48
C GLY A 37 11.19 16.87 0.85
N TYR A 38 12.21 16.86 0.00
CA TYR A 38 12.62 18.09 -0.67
C TYR A 38 11.41 18.84 -1.24
N VAL A 39 10.49 18.08 -1.81
CA VAL A 39 9.29 18.65 -2.39
C VAL A 39 8.25 18.87 -1.28
N LYS A 40 8.34 18.03 -0.26
CA LYS A 40 7.42 18.12 0.86
C LYS A 40 6.16 17.31 0.54
N ALA A 41 5.44 17.74 -0.48
CA ALA A 41 4.22 17.07 -0.88
C ALA A 41 3.36 18.02 -1.72
N GLY A 42 2.72 17.45 -2.73
CA GLY A 42 1.87 18.24 -3.60
C GLY A 42 2.26 18.04 -5.07
N SER A 43 3.24 17.16 -5.28
CA SER A 43 3.71 16.88 -6.62
C SER A 43 2.57 16.33 -7.47
N VAL A 44 2.45 16.89 -8.67
CA VAL A 44 1.41 16.47 -9.60
C VAL A 44 1.84 15.19 -10.29
N PRO A 45 3.13 15.16 -10.72
CA PRO A 45 3.67 13.99 -11.39
C PRO A 45 3.94 12.86 -10.40
N SER A 46 4.53 13.24 -9.27
CA SER A 46 4.85 12.27 -8.24
C SER A 46 3.60 11.47 -7.86
N LEU A 47 2.59 12.21 -7.43
CA LEU A 47 1.33 11.58 -7.04
C LEU A 47 0.80 10.72 -8.19
N ALA A 48 0.75 11.34 -9.35
CA ALA A 48 0.27 10.63 -10.54
C ALA A 48 1.07 9.35 -10.73
N ALA A 49 2.34 9.41 -10.30
CA ALA A 49 3.21 8.26 -10.42
C ALA A 49 2.79 7.18 -9.42
N GLY A 50 2.34 7.64 -8.27
CA GLY A 50 1.88 6.75 -7.22
C GLY A 50 0.60 6.03 -7.63
N LEU A 51 -0.22 6.74 -8.40
CA LEU A 51 -1.48 6.19 -8.86
C LEU A 51 -1.20 5.08 -9.89
N LEU A 52 -0.57 5.47 -10.97
CA LEU A 52 -0.23 4.54 -12.03
C LEU A 52 0.48 3.32 -11.43
N PHE A 53 1.64 3.59 -10.85
CA PHE A 53 2.43 2.54 -10.24
C PHE A 53 1.66 1.87 -9.10
N GLY A 54 0.70 2.61 -8.56
CA GLY A 54 -0.12 2.10 -7.47
C GLY A 54 -0.88 0.84 -7.89
N SER A 55 -1.81 1.03 -8.81
CA SER A 55 -2.60 -0.09 -9.30
C SER A 55 -1.70 -1.13 -9.95
N LEU A 56 -0.87 -0.66 -10.88
CA LEU A 56 0.05 -1.54 -11.58
C LEU A 56 0.79 -2.39 -10.57
N ALA A 57 1.29 -1.74 -9.53
CA ALA A 57 2.03 -2.43 -8.49
C ALA A 57 1.17 -3.58 -7.94
N GLY A 58 0.07 -3.19 -7.30
CA GLY A 58 -0.84 -4.16 -6.73
C GLY A 58 -1.41 -5.09 -7.81
N LEU A 59 -2.40 -4.55 -8.53
CA LEU A 59 -3.04 -5.31 -9.59
C LEU A 59 -1.99 -6.13 -10.34
N GLY A 60 -1.05 -5.41 -10.94
CA GLY A 60 0.02 -6.05 -11.69
C GLY A 60 0.66 -7.19 -10.87
N ALA A 61 0.97 -6.87 -9.63
CA ALA A 61 1.59 -7.84 -8.74
C ALA A 61 0.67 -9.07 -8.63
N TYR A 62 -0.62 -8.81 -8.64
CA TYR A 62 -1.60 -9.87 -8.54
C TYR A 62 -2.86 -9.53 -9.33
N GLN A 63 -2.78 -9.73 -10.64
CA GLN A 63 -3.90 -9.44 -11.52
C GLN A 63 -3.55 -9.84 -12.96
N LEU A 64 -2.64 -9.07 -13.54
CA LEU A 64 -2.22 -9.33 -14.91
C LEU A 64 -1.49 -8.11 -15.45
N SER A 65 -0.27 -7.92 -14.96
CA SER A 65 0.54 -6.79 -15.38
C SER A 65 1.85 -6.76 -14.58
N GLN A 66 2.54 -7.90 -14.58
CA GLN A 66 3.79 -8.02 -13.87
C GLN A 66 4.48 -9.34 -14.20
N ASP A 67 3.69 -10.40 -14.17
CA ASP A 67 4.20 -11.73 -14.47
C ASP A 67 3.03 -12.69 -14.66
N PRO A 68 3.25 -13.69 -15.54
CA PRO A 68 2.23 -14.69 -15.83
C PRO A 68 2.09 -15.69 -14.67
N ARG A 69 2.97 -16.69 -14.70
CA ARG A 69 2.96 -17.71 -13.67
C ARG A 69 2.69 -17.08 -12.29
N ASN A 70 3.60 -16.20 -11.89
CA ASN A 70 3.47 -15.52 -10.62
C ASN A 70 2.01 -15.14 -10.39
N VAL A 71 1.50 -14.33 -11.29
CA VAL A 71 0.12 -13.88 -11.20
C VAL A 71 -0.78 -15.07 -10.86
N TRP A 72 -0.57 -16.16 -11.59
CA TRP A 72 -1.34 -17.37 -11.39
C TRP A 72 -1.30 -17.70 -9.90
N VAL A 73 -0.09 -17.70 -9.36
CA VAL A 73 0.09 -18.00 -7.94
C VAL A 73 -0.77 -17.06 -7.11
N PHE A 74 -0.81 -15.80 -7.55
CA PHE A 74 -1.60 -14.79 -6.85
C PHE A 74 -3.10 -15.02 -7.05
N LEU A 75 -3.41 -15.67 -8.16
CA LEU A 75 -4.80 -15.96 -8.48
C LEU A 75 -5.34 -17.02 -7.53
N ALA A 76 -4.50 -18.02 -7.27
CA ALA A 76 -4.88 -19.11 -6.38
C ALA A 76 -4.94 -18.57 -4.95
N THR A 77 -3.91 -17.85 -4.57
CA THR A 77 -3.85 -17.28 -3.23
C THR A 77 -5.11 -16.47 -2.93
N SER A 78 -5.26 -15.37 -3.66
CA SER A 78 -6.41 -14.51 -3.48
C SER A 78 -7.70 -15.30 -3.73
N GLY A 79 -7.66 -16.13 -4.76
CA GLY A 79 -8.81 -16.95 -5.11
C GLY A 79 -9.45 -17.55 -3.87
N THR A 80 -8.65 -18.31 -3.13
CA THR A 80 -9.12 -18.94 -1.92
C THR A 80 -9.46 -17.89 -0.85
N LEU A 81 -8.59 -16.90 -0.75
CA LEU A 81 -8.78 -15.83 0.22
C LEU A 81 -10.22 -15.34 0.14
N ALA A 82 -10.59 -14.86 -1.04
CA ALA A 82 -11.94 -14.36 -1.26
C ALA A 82 -12.95 -15.48 -1.02
N GLY A 83 -12.61 -16.65 -1.53
CA GLY A 83 -13.47 -17.81 -1.38
C GLY A 83 -13.95 -17.95 0.07
N ILE A 84 -13.05 -17.64 0.99
CA ILE A 84 -13.37 -17.73 2.40
C ILE A 84 -14.61 -16.88 2.70
N MET A 85 -14.48 -15.58 2.48
CA MET A 85 -15.57 -14.66 2.71
C MET A 85 -15.17 -13.23 2.34
N GLY A 86 -16.18 -12.37 2.25
CA GLY A 86 -15.96 -10.99 1.90
C GLY A 86 -15.35 -10.86 0.50
N MET A 87 -15.83 -9.86 -0.23
CA MET A 87 -15.34 -9.63 -1.58
C MET A 87 -13.91 -9.09 -1.57
N ARG A 88 -13.72 -8.02 -0.81
CA ARG A 88 -12.40 -7.41 -0.70
C ARG A 88 -11.74 -7.81 0.62
N PHE A 89 -10.42 -7.68 0.65
CA PHE A 89 -9.65 -8.03 1.83
C PHE A 89 -10.41 -7.65 3.10
N TYR A 90 -10.73 -8.67 3.89
CA TYR A 90 -11.44 -8.46 5.14
C TYR A 90 -10.47 -8.13 6.27
N HIS A 91 -9.24 -8.56 6.10
CA HIS A 91 -8.22 -8.32 7.11
C HIS A 91 -7.58 -6.95 6.87
N SER A 92 -6.69 -6.58 7.79
CA SER A 92 -6.01 -5.30 7.70
C SER A 92 -4.54 -5.46 8.08
N GLY A 93 -4.03 -6.67 7.89
CA GLY A 93 -2.66 -6.97 8.21
C GLY A 93 -1.88 -7.40 6.96
N LYS A 94 -2.57 -8.14 6.10
CA LYS A 94 -1.97 -8.61 4.87
C LYS A 94 -1.47 -7.42 4.05
N PHE A 95 -2.41 -6.56 3.69
CA PHE A 95 -2.08 -5.38 2.91
C PHE A 95 -2.16 -4.11 3.77
N MET A 96 -1.02 -3.76 4.34
CA MET A 96 -0.94 -2.58 5.20
C MET A 96 0.50 -2.29 5.60
N PRO A 97 0.84 -0.98 5.61
CA PRO A 97 2.18 -0.55 5.98
C PRO A 97 2.39 -0.66 7.48
N ALA A 98 2.27 -1.88 7.98
CA ALA A 98 2.45 -2.12 9.40
C ALA A 98 1.64 -1.10 10.20
N GLY A 99 0.49 -0.73 9.66
CA GLY A 99 -0.38 0.24 10.31
C GLY A 99 -1.22 0.99 9.27
N LEU A 100 -2.03 0.23 8.55
CA LEU A 100 -2.88 0.81 7.53
C LEU A 100 -3.96 1.66 8.20
N ILE A 101 -4.84 0.98 8.92
CA ILE A 101 -5.92 1.66 9.62
C ILE A 101 -5.33 2.72 10.56
N ALA A 102 -4.40 2.27 11.39
CA ALA A 102 -3.75 3.17 12.33
C ALA A 102 -3.24 4.40 11.60
N GLY A 103 -2.29 4.17 10.70
CA GLY A 103 -1.72 5.26 9.93
C GLY A 103 -2.81 6.18 9.38
N ALA A 104 -3.80 5.57 8.74
CA ALA A 104 -4.90 6.33 8.17
C ALA A 104 -5.45 7.29 9.22
N SER A 105 -5.83 6.72 10.36
CA SER A 105 -6.37 7.52 11.45
C SER A 105 -5.39 8.63 11.82
N LEU A 106 -4.11 8.34 11.64
CA LEU A 106 -3.07 9.30 11.95
C LEU A 106 -3.08 10.41 10.90
N LEU A 107 -3.42 10.04 9.69
CA LEU A 107 -3.48 11.00 8.59
C LEU A 107 -4.70 11.89 8.77
N MET A 108 -5.75 11.31 9.33
CA MET A 108 -6.98 12.04 9.56
C MET A 108 -6.81 13.07 10.68
N VAL A 109 -6.23 12.61 11.78
CA VAL A 109 -5.99 13.48 12.92
C VAL A 109 -5.05 14.61 12.52
N ALA A 110 -3.98 14.22 11.84
CA ALA A 110 -2.98 15.19 11.39
C ALA A 110 -3.66 16.22 10.49
N LYS A 111 -4.38 15.71 9.50
CA LYS A 111 -5.08 16.57 8.56
C LYS A 111 -5.89 17.62 9.33
N VAL A 112 -6.77 17.12 10.19
CA VAL A 112 -7.60 18.00 10.99
C VAL A 112 -6.73 19.07 11.65
N GLY A 113 -5.59 18.62 12.17
CA GLY A 113 -4.67 19.52 12.83
C GLY A 113 -4.14 20.57 11.85
N VAL A 114 -3.29 20.11 10.94
CA VAL A 114 -2.71 21.00 9.93
C VAL A 114 -3.82 21.66 9.13
N SER A 115 -3.45 22.67 8.37
CA SER A 115 -4.41 23.40 7.55
C SER A 115 -4.91 22.49 6.42
N MET A 116 -6.17 22.12 6.53
CA MET A 116 -6.79 21.27 5.53
C MET A 116 -8.32 21.30 5.63
N PHE A 117 -8.96 20.66 4.67
CA PHE A 117 -10.41 20.60 4.65
C PHE A 117 -10.91 19.57 3.65
N ASN A 118 -11.72 18.64 4.15
CA ASN A 118 -12.27 17.59 3.31
C ASN A 118 -13.74 17.89 3.02
N ARG A 119 -14.51 18.00 4.10
CA ARG A 119 -15.93 18.28 3.98
C ARG A 119 -16.46 17.78 2.64
N PRO A 120 -16.60 16.43 2.55
CA PRO A 120 -17.09 15.80 1.34
C PRO A 120 -18.60 16.01 1.19
N HIS A 121 -18.97 17.12 0.56
CA HIS A 121 -20.37 17.44 0.35
C HIS A 121 -20.62 17.65 -1.14
N MET A 10 4.89 -15.25 19.37
CA MET A 10 5.57 -14.00 19.62
C MET A 10 6.57 -13.67 18.49
N GLN A 11 6.20 -12.67 17.72
CA GLN A 11 7.05 -12.24 16.60
C GLN A 11 7.48 -13.46 15.77
N ASP A 12 6.74 -13.67 14.69
CA ASP A 12 7.04 -14.79 13.81
C ASP A 12 6.41 -14.53 12.43
N THR A 13 7.13 -14.94 11.40
CA THR A 13 6.65 -14.76 10.04
C THR A 13 6.40 -13.27 9.76
N SER A 14 6.46 -12.94 8.48
CA SER A 14 6.24 -11.56 8.05
C SER A 14 4.75 -11.21 8.15
N SER A 15 4.32 -10.92 9.37
CA SER A 15 2.92 -10.57 9.61
C SER A 15 2.72 -9.07 9.40
N VAL A 16 3.70 -8.45 8.76
CA VAL A 16 3.64 -7.02 8.50
C VAL A 16 4.02 -6.76 7.03
N VAL A 17 5.10 -7.41 6.61
CA VAL A 17 5.57 -7.26 5.24
C VAL A 17 6.66 -8.30 4.97
N PRO A 18 6.61 -8.87 3.74
CA PRO A 18 7.58 -9.87 3.34
C PRO A 18 8.93 -9.23 3.02
N LEU A 19 9.92 -10.09 2.81
CA LEU A 19 11.26 -9.63 2.50
C LEU A 19 11.20 -8.73 1.27
N HIS A 20 11.03 -9.36 0.12
CA HIS A 20 10.96 -8.64 -1.14
C HIS A 20 10.32 -7.26 -0.91
N TRP A 21 9.04 -7.31 -0.55
CA TRP A 21 8.30 -6.08 -0.29
C TRP A 21 9.20 -5.14 0.50
N PHE A 22 9.69 -5.65 1.63
CA PHE A 22 10.57 -4.87 2.49
C PHE A 22 11.57 -4.06 1.66
N GLY A 23 12.23 -4.75 0.75
CA GLY A 23 13.21 -4.12 -0.10
C GLY A 23 12.59 -2.97 -0.90
N PHE A 24 11.41 -3.24 -1.44
CA PHE A 24 10.70 -2.24 -2.22
C PHE A 24 10.23 -1.08 -1.34
N GLY A 25 9.95 -1.42 -0.09
CA GLY A 25 9.50 -0.42 0.87
C GLY A 25 10.65 0.49 1.31
N TYR A 26 11.79 -0.15 1.54
CA TYR A 26 12.98 0.58 1.97
C TYR A 26 13.43 1.57 0.90
N ALA A 27 13.61 1.06 -0.31
CA ALA A 27 14.04 1.89 -1.42
C ALA A 27 12.97 2.93 -1.71
N ALA A 28 11.72 2.49 -1.68
CA ALA A 28 10.60 3.36 -1.94
C ALA A 28 10.51 4.42 -0.83
N LEU A 29 11.03 4.05 0.34
CA LEU A 29 11.02 4.93 1.48
C LEU A 29 11.99 6.09 1.24
N VAL A 30 13.23 5.72 0.93
CA VAL A 30 14.26 6.71 0.67
C VAL A 30 13.78 7.67 -0.41
N ALA A 31 13.36 7.10 -1.53
CA ALA A 31 12.88 7.90 -2.65
C ALA A 31 11.64 8.68 -2.21
N SER A 32 10.80 8.00 -1.43
CA SER A 32 9.58 8.62 -0.94
C SER A 32 9.91 9.92 -0.20
N GLY A 33 10.43 9.76 1.01
CA GLY A 33 10.79 10.91 1.82
C GLY A 33 11.76 11.82 1.08
N GLY A 34 12.42 11.25 0.07
CA GLY A 34 13.37 11.99 -0.72
C GLY A 34 12.70 13.14 -1.46
N ILE A 35 11.92 12.78 -2.48
CA ILE A 35 11.22 13.77 -3.28
C ILE A 35 10.08 14.36 -2.45
N ILE A 36 9.40 13.50 -1.72
CA ILE A 36 8.30 13.92 -0.88
C ILE A 36 8.82 14.89 0.19
N GLY A 37 10.09 14.73 0.52
CA GLY A 37 10.71 15.57 1.52
C GLY A 37 11.07 16.94 0.94
N TYR A 38 12.10 16.95 0.10
CA TYR A 38 12.54 18.18 -0.53
C TYR A 38 11.36 18.98 -1.08
N VAL A 39 10.44 18.25 -1.71
CA VAL A 39 9.26 18.87 -2.28
C VAL A 39 8.20 19.04 -1.20
N LYS A 40 8.26 18.16 -0.21
CA LYS A 40 7.32 18.20 0.89
C LYS A 40 6.09 17.37 0.53
N ALA A 41 5.53 17.67 -0.64
CA ALA A 41 4.35 16.97 -1.12
C ALA A 41 3.66 17.81 -2.19
N GLY A 42 2.43 17.42 -2.52
CA GLY A 42 1.66 18.12 -3.52
C GLY A 42 2.12 17.75 -4.93
N SER A 43 3.17 16.94 -4.98
CA SER A 43 3.72 16.50 -6.25
C SER A 43 2.59 16.03 -7.17
N VAL A 44 2.43 16.74 -8.29
CA VAL A 44 1.40 16.40 -9.25
C VAL A 44 1.86 15.21 -10.09
N PRO A 45 3.16 15.26 -10.51
CA PRO A 45 3.73 14.20 -11.30
C PRO A 45 4.02 12.97 -10.46
N SER A 46 4.65 13.21 -9.31
CA SER A 46 4.99 12.13 -8.40
C SER A 46 3.73 11.36 -8.01
N LEU A 47 2.78 12.09 -7.46
CA LEU A 47 1.52 11.49 -7.03
C LEU A 47 0.92 10.70 -8.20
N ALA A 48 0.84 11.36 -9.34
CA ALA A 48 0.29 10.73 -10.53
C ALA A 48 1.05 9.43 -10.81
N ALA A 49 2.34 9.47 -10.52
CA ALA A 49 3.19 8.30 -10.73
C ALA A 49 2.82 7.21 -9.72
N GLY A 50 2.39 7.66 -8.55
CA GLY A 50 2.01 6.74 -7.49
C GLY A 50 0.68 6.05 -7.82
N LEU A 51 -0.17 6.78 -8.52
CA LEU A 51 -1.47 6.25 -8.90
C LEU A 51 -1.28 5.18 -9.98
N LEU A 52 -0.70 5.59 -11.08
CA LEU A 52 -0.45 4.68 -12.19
C LEU A 52 0.32 3.47 -11.68
N PHE A 53 1.51 3.73 -11.16
CA PHE A 53 2.35 2.68 -10.64
C PHE A 53 1.68 1.98 -9.46
N GLY A 54 0.76 2.69 -8.84
CA GLY A 54 0.04 2.14 -7.70
C GLY A 54 -0.75 0.90 -8.09
N SER A 55 -1.76 1.11 -8.92
CA SER A 55 -2.59 0.01 -9.38
C SER A 55 -1.75 -1.02 -10.11
N LEU A 56 -0.83 -0.52 -10.93
CA LEU A 56 0.04 -1.38 -11.71
C LEU A 56 0.81 -2.29 -10.75
N ALA A 57 1.25 -1.71 -9.65
CA ALA A 57 2.00 -2.45 -8.64
C ALA A 57 1.09 -3.53 -8.04
N GLY A 58 0.12 -3.08 -7.26
CA GLY A 58 -0.82 -3.99 -6.63
C GLY A 58 -1.41 -4.97 -7.64
N LEU A 59 -2.29 -4.44 -8.48
CA LEU A 59 -2.94 -5.26 -9.50
C LEU A 59 -1.88 -6.13 -10.20
N GLY A 60 -0.75 -5.52 -10.48
CA GLY A 60 0.34 -6.22 -11.13
C GLY A 60 0.58 -7.57 -10.49
N ALA A 61 1.07 -7.53 -9.26
CA ALA A 61 1.36 -8.74 -8.51
C ALA A 61 0.05 -9.52 -8.29
N TYR A 62 -1.05 -8.82 -8.52
CA TYR A 62 -2.36 -9.43 -8.35
C TYR A 62 -3.06 -9.61 -9.70
N GLN A 63 -2.25 -9.85 -10.73
CA GLN A 63 -2.78 -10.04 -12.06
C GLN A 63 -2.94 -8.69 -12.77
N LEU A 64 -1.85 -8.23 -13.36
CA LEU A 64 -1.87 -6.96 -14.07
C LEU A 64 -0.47 -6.69 -14.65
N SER A 65 -0.07 -7.56 -15.57
CA SER A 65 1.23 -7.43 -16.21
C SER A 65 2.27 -8.25 -15.45
N GLN A 66 3.51 -8.11 -15.87
CA GLN A 66 4.61 -8.83 -15.24
C GLN A 66 4.44 -10.34 -15.46
N ASP A 67 5.30 -11.09 -14.79
CA ASP A 67 5.26 -12.54 -14.91
C ASP A 67 3.80 -13.01 -14.92
N PRO A 68 3.45 -13.74 -16.02
CA PRO A 68 2.09 -14.25 -16.16
C PRO A 68 1.84 -15.44 -15.24
N ARG A 69 2.90 -16.23 -15.05
CA ARG A 69 2.80 -17.40 -14.19
C ARG A 69 2.53 -16.98 -12.74
N ASN A 70 3.52 -16.32 -12.16
CA ASN A 70 3.40 -15.85 -10.78
C ASN A 70 1.99 -15.30 -10.55
N VAL A 71 1.70 -14.21 -11.24
CA VAL A 71 0.40 -13.57 -11.12
C VAL A 71 -0.69 -14.65 -11.12
N TRP A 72 -0.54 -15.59 -12.05
CA TRP A 72 -1.50 -16.68 -12.18
C TRP A 72 -1.68 -17.31 -10.79
N VAL A 73 -0.57 -17.68 -10.19
CA VAL A 73 -0.59 -18.29 -8.88
C VAL A 73 -1.34 -17.37 -7.91
N PHE A 74 -1.20 -16.08 -8.14
CA PHE A 74 -1.86 -15.09 -7.30
C PHE A 74 -3.34 -14.99 -7.64
N LEU A 75 -3.66 -15.29 -8.88
CA LEU A 75 -5.04 -15.23 -9.34
C LEU A 75 -5.85 -16.33 -8.64
N ALA A 76 -5.26 -17.51 -8.59
CA ALA A 76 -5.91 -18.64 -7.95
C ALA A 76 -5.92 -18.43 -6.43
N THR A 77 -4.78 -18.01 -5.93
CA THR A 77 -4.64 -17.76 -4.50
C THR A 77 -5.77 -16.87 -4.00
N SER A 78 -5.69 -15.59 -4.39
CA SER A 78 -6.69 -14.63 -3.99
C SER A 78 -8.03 -14.95 -4.66
N GLY A 79 -7.94 -15.71 -5.75
CA GLY A 79 -9.12 -16.09 -6.49
C GLY A 79 -10.15 -16.77 -5.58
N THR A 80 -9.70 -17.84 -4.94
CA THR A 80 -10.55 -18.60 -4.04
C THR A 80 -10.57 -17.96 -2.66
N LEU A 81 -9.37 -17.64 -2.18
CA LEU A 81 -9.23 -17.02 -0.86
C LEU A 81 -10.18 -15.84 -0.77
N ALA A 82 -10.10 -14.97 -1.76
CA ALA A 82 -10.94 -13.78 -1.80
C ALA A 82 -12.30 -14.15 -2.41
N GLY A 83 -12.27 -15.12 -3.31
CA GLY A 83 -13.48 -15.57 -3.97
C GLY A 83 -14.61 -15.80 -2.95
N ILE A 84 -14.23 -16.40 -1.84
CA ILE A 84 -15.20 -16.69 -0.78
C ILE A 84 -15.80 -15.38 -0.28
N MET A 85 -14.99 -14.32 -0.36
CA MET A 85 -15.42 -13.02 0.08
C MET A 85 -15.87 -12.15 -1.10
N GLY A 86 -16.28 -10.93 -0.78
CA GLY A 86 -16.74 -10.01 -1.80
C GLY A 86 -15.56 -9.40 -2.56
N MET A 87 -15.76 -8.17 -3.02
CA MET A 87 -14.72 -7.47 -3.76
C MET A 87 -13.67 -6.90 -2.81
N ARG A 88 -14.10 -5.96 -1.98
CA ARG A 88 -13.21 -5.33 -1.02
C ARG A 88 -13.71 -5.58 0.41
N PHE A 89 -12.95 -6.38 1.14
CA PHE A 89 -13.29 -6.70 2.51
C PHE A 89 -12.08 -7.26 3.26
N TYR A 90 -12.22 -7.33 4.57
CA TYR A 90 -11.15 -7.84 5.41
C TYR A 90 -9.80 -7.28 4.99
N HIS A 91 -8.74 -7.95 5.44
CA HIS A 91 -7.39 -7.53 5.12
C HIS A 91 -7.01 -6.32 5.97
N SER A 92 -6.99 -6.55 7.28
CA SER A 92 -6.64 -5.48 8.21
C SER A 92 -6.54 -6.05 9.63
N GLY A 93 -5.89 -7.20 9.73
CA GLY A 93 -5.72 -7.84 11.02
C GLY A 93 -4.43 -7.38 11.71
N LYS A 94 -4.61 -6.73 12.84
CA LYS A 94 -3.47 -6.23 13.60
C LYS A 94 -2.37 -5.79 12.63
N PHE A 95 -2.65 -4.69 11.94
CA PHE A 95 -1.70 -4.16 10.98
C PHE A 95 -1.16 -5.26 10.06
N MET A 96 -2.04 -5.76 9.21
CA MET A 96 -1.66 -6.82 8.28
C MET A 96 -0.65 -6.31 7.26
N PRO A 97 -1.00 -5.17 6.61
CA PRO A 97 -0.13 -4.58 5.61
C PRO A 97 1.06 -3.87 6.27
N ALA A 98 0.77 -3.17 7.36
CA ALA A 98 1.80 -2.45 8.08
C ALA A 98 1.14 -1.54 9.11
N GLY A 99 0.05 -0.91 8.70
CA GLY A 99 -0.68 -0.01 9.57
C GLY A 99 -1.60 0.91 8.77
N LEU A 100 -2.48 0.29 8.00
CA LEU A 100 -3.41 1.04 7.18
C LEU A 100 -4.45 1.72 8.08
N ILE A 101 -5.05 0.92 8.95
CA ILE A 101 -6.04 1.44 9.88
C ILE A 101 -5.40 2.48 10.80
N ALA A 102 -4.33 2.04 11.47
CA ALA A 102 -3.62 2.92 12.37
C ALA A 102 -3.17 4.17 11.62
N GLY A 103 -2.24 3.96 10.70
CA GLY A 103 -1.71 5.06 9.91
C GLY A 103 -2.84 5.97 9.42
N ALA A 104 -3.86 5.33 8.88
CA ALA A 104 -5.01 6.06 8.36
C ALA A 104 -5.47 7.09 9.40
N SER A 105 -5.77 6.58 10.59
CA SER A 105 -6.22 7.43 11.68
C SER A 105 -5.18 8.50 11.96
N LEU A 106 -3.92 8.16 11.72
CA LEU A 106 -2.83 9.08 11.94
C LEU A 106 -2.86 10.18 10.87
N LEU A 107 -3.34 9.80 9.70
CA LEU A 107 -3.43 10.73 8.59
C LEU A 107 -4.60 11.68 8.84
N MET A 108 -5.72 11.10 9.22
CA MET A 108 -6.93 11.87 9.48
C MET A 108 -6.68 12.91 10.57
N VAL A 109 -6.04 12.45 11.64
CA VAL A 109 -5.74 13.33 12.76
C VAL A 109 -4.77 14.42 12.31
N ALA A 110 -3.63 13.99 11.79
CA ALA A 110 -2.62 14.91 11.30
C ALA A 110 -3.26 15.88 10.30
N LYS A 111 -4.30 15.40 9.65
CA LYS A 111 -5.01 16.21 8.67
C LYS A 111 -5.83 17.28 9.40
N VAL A 112 -6.63 16.83 10.35
CA VAL A 112 -7.47 17.73 11.12
C VAL A 112 -6.61 18.89 11.65
N GLY A 113 -5.41 18.54 12.09
CA GLY A 113 -4.49 19.53 12.62
C GLY A 113 -4.00 20.47 11.52
N VAL A 114 -3.21 19.91 10.62
CA VAL A 114 -2.67 20.68 9.52
C VAL A 114 -3.81 21.22 8.67
N SER A 115 -3.49 22.23 7.88
CA SER A 115 -4.50 22.85 7.01
C SER A 115 -4.89 21.88 5.89
N MET A 116 -6.09 21.33 6.02
CA MET A 116 -6.60 20.39 5.04
C MET A 116 -7.91 20.88 4.43
N PHE A 117 -8.04 20.69 3.13
CA PHE A 117 -9.23 21.11 2.42
C PHE A 117 -10.49 20.73 3.20
N ASN A 118 -10.65 19.44 3.42
CA ASN A 118 -11.81 18.93 4.15
C ASN A 118 -13.02 18.93 3.23
N ARG A 119 -14.13 18.44 3.77
CA ARG A 119 -15.37 18.38 3.01
C ARG A 119 -15.19 17.48 1.79
N PRO A 120 -16.09 16.47 1.67
CA PRO A 120 -16.04 15.53 0.56
C PRO A 120 -16.56 16.19 -0.72
N HIS A 121 -17.54 17.05 -0.56
CA HIS A 121 -18.12 17.74 -1.69
C HIS A 121 -18.03 19.26 -1.48
N MET A 10 -0.06 -15.85 16.28
CA MET A 10 1.33 -16.11 15.92
C MET A 10 1.98 -14.88 15.31
N GLN A 11 3.22 -14.63 15.73
CA GLN A 11 3.96 -13.48 15.23
C GLN A 11 5.44 -13.60 15.61
N ASP A 12 6.29 -13.29 14.64
CA ASP A 12 7.72 -13.35 14.86
C ASP A 12 8.44 -13.16 13.53
N THR A 13 8.24 -14.12 12.62
CA THR A 13 8.86 -14.06 11.31
C THR A 13 8.63 -12.69 10.68
N SER A 14 7.36 -12.42 10.37
CA SER A 14 7.00 -11.15 9.76
C SER A 14 5.48 -10.95 9.83
N SER A 15 5.04 -9.81 9.34
CA SER A 15 3.63 -9.49 9.33
C SER A 15 3.40 -8.12 8.70
N VAL A 16 4.32 -7.21 8.98
CA VAL A 16 4.23 -5.86 8.44
C VAL A 16 4.39 -5.91 6.92
N VAL A 17 5.20 -6.87 6.47
CA VAL A 17 5.44 -7.04 5.05
C VAL A 17 6.51 -8.11 4.84
N PRO A 18 6.55 -8.64 3.59
CA PRO A 18 7.51 -9.68 3.25
C PRO A 18 8.91 -9.08 3.08
N LEU A 19 9.89 -9.97 2.92
CA LEU A 19 11.26 -9.55 2.74
C LEU A 19 11.36 -8.62 1.52
N HIS A 20 11.23 -9.23 0.35
CA HIS A 20 11.29 -8.46 -0.89
C HIS A 20 10.69 -7.08 -0.68
N TRP A 21 9.39 -7.07 -0.41
CA TRP A 21 8.69 -5.82 -0.19
C TRP A 21 9.56 -4.94 0.70
N PHE A 22 9.95 -5.49 1.84
CA PHE A 22 10.78 -4.77 2.78
C PHE A 22 11.88 -3.98 2.06
N GLY A 23 12.58 -4.67 1.18
CA GLY A 23 13.65 -4.06 0.42
C GLY A 23 13.12 -2.89 -0.42
N PHE A 24 11.97 -3.12 -1.04
CA PHE A 24 11.35 -2.10 -1.87
C PHE A 24 10.84 -0.94 -1.02
N GLY A 25 10.49 -1.27 0.22
CA GLY A 25 9.98 -0.26 1.14
C GLY A 25 11.12 0.62 1.67
N TYR A 26 12.26 -0.01 1.92
CA TYR A 26 13.41 0.71 2.41
C TYR A 26 13.96 1.68 1.36
N ALA A 27 14.21 1.13 0.18
CA ALA A 27 14.74 1.92 -0.91
C ALA A 27 13.70 2.98 -1.32
N ALA A 28 12.46 2.54 -1.44
CA ALA A 28 11.38 3.43 -1.81
C ALA A 28 11.13 4.42 -0.67
N LEU A 29 11.55 4.03 0.52
CA LEU A 29 11.38 4.87 1.69
C LEU A 29 12.29 6.08 1.58
N VAL A 30 13.57 5.81 1.37
CA VAL A 30 14.56 6.87 1.24
C VAL A 30 14.17 7.76 0.06
N ALA A 31 13.76 7.13 -1.02
CA ALA A 31 13.36 7.87 -2.21
C ALA A 31 12.14 8.72 -1.90
N SER A 32 11.04 8.04 -1.57
CA SER A 32 9.81 8.73 -1.25
C SER A 32 10.08 9.87 -0.27
N GLY A 33 10.44 9.47 0.95
CA GLY A 33 10.73 10.44 1.99
C GLY A 33 11.72 11.50 1.49
N GLY A 34 12.57 11.08 0.56
CA GLY A 34 13.56 11.98 0.01
C GLY A 34 12.90 13.11 -0.78
N ILE A 35 12.53 12.79 -2.02
CA ILE A 35 11.89 13.76 -2.88
C ILE A 35 10.66 14.34 -2.17
N ILE A 36 9.86 13.44 -1.64
CA ILE A 36 8.65 13.85 -0.94
C ILE A 36 9.04 14.71 0.27
N GLY A 37 10.26 14.49 0.75
CA GLY A 37 10.77 15.24 1.89
C GLY A 37 11.02 16.70 1.52
N TYR A 38 12.11 16.92 0.79
CA TYR A 38 12.47 18.25 0.37
C TYR A 38 11.30 18.95 -0.33
N VAL A 39 10.66 18.22 -1.23
CA VAL A 39 9.54 18.75 -1.96
C VAL A 39 8.31 18.79 -1.05
N LYS A 40 8.36 17.97 -0.01
CA LYS A 40 7.27 17.89 0.94
C LYS A 40 6.17 17.00 0.37
N ALA A 41 5.55 17.47 -0.70
CA ALA A 41 4.48 16.71 -1.33
C ALA A 41 3.62 17.66 -2.17
N GLY A 42 4.29 18.45 -3.00
CA GLY A 42 3.61 19.40 -3.85
C GLY A 42 3.85 19.08 -5.33
N SER A 43 3.75 17.80 -5.65
CA SER A 43 3.95 17.35 -7.02
C SER A 43 2.62 17.35 -7.77
N VAL A 44 2.45 16.34 -8.63
CA VAL A 44 1.24 16.21 -9.40
C VAL A 44 1.42 15.10 -10.44
N PRO A 45 2.51 15.24 -11.24
CA PRO A 45 2.81 14.27 -12.27
C PRO A 45 3.38 12.98 -11.67
N SER A 46 4.37 13.16 -10.81
CA SER A 46 5.00 12.02 -10.15
C SER A 46 3.98 11.25 -9.32
N LEU A 47 3.31 11.98 -8.44
CA LEU A 47 2.31 11.39 -7.58
C LEU A 47 1.29 10.63 -8.44
N ALA A 48 0.79 11.32 -9.46
CA ALA A 48 -0.18 10.74 -10.37
C ALA A 48 0.40 9.46 -10.97
N ALA A 49 1.71 9.47 -11.15
CA ALA A 49 2.40 8.33 -11.73
C ALA A 49 2.40 7.18 -10.70
N GLY A 50 2.48 7.57 -9.44
CA GLY A 50 2.50 6.60 -8.36
C GLY A 50 1.15 5.87 -8.25
N LEU A 51 0.09 6.64 -8.44
CA LEU A 51 -1.26 6.09 -8.36
C LEU A 51 -1.47 5.11 -9.51
N LEU A 52 -1.24 5.59 -10.72
CA LEU A 52 -1.38 4.77 -11.90
C LEU A 52 -0.63 3.46 -11.71
N PHE A 53 0.69 3.58 -11.63
CA PHE A 53 1.54 2.42 -11.44
C PHE A 53 1.22 1.71 -10.13
N GLY A 54 0.56 2.44 -9.25
CA GLY A 54 0.18 1.90 -7.95
C GLY A 54 -0.75 0.69 -8.11
N SER A 55 -1.93 0.98 -8.65
CA SER A 55 -2.93 -0.06 -8.85
C SER A 55 -2.43 -1.05 -9.92
N LEU A 56 -1.69 -0.52 -10.87
CA LEU A 56 -1.15 -1.33 -11.94
C LEU A 56 -0.17 -2.37 -11.36
N ALA A 57 0.50 -1.95 -10.30
CA ALA A 57 1.46 -2.82 -9.63
C ALA A 57 0.70 -3.87 -8.83
N GLY A 58 -0.12 -3.40 -7.91
CA GLY A 58 -0.91 -4.29 -7.07
C GLY A 58 -1.74 -5.26 -7.91
N LEU A 59 -2.59 -4.68 -8.76
CA LEU A 59 -3.45 -5.47 -9.62
C LEU A 59 -2.58 -6.28 -10.58
N GLY A 60 -1.72 -5.58 -11.30
CA GLY A 60 -0.83 -6.23 -12.25
C GLY A 60 -0.20 -7.49 -11.64
N ALA A 61 0.62 -7.27 -10.62
CA ALA A 61 1.29 -8.35 -9.94
C ALA A 61 0.25 -9.36 -9.43
N TYR A 62 -0.94 -8.83 -9.16
CA TYR A 62 -2.03 -9.66 -8.68
C TYR A 62 -2.85 -10.23 -9.84
N GLN A 63 -2.41 -9.91 -11.04
CA GLN A 63 -3.09 -10.38 -12.24
C GLN A 63 -2.07 -10.77 -13.31
N LEU A 64 -1.51 -9.76 -13.95
CA LEU A 64 -0.53 -9.98 -15.00
C LEU A 64 -0.04 -8.63 -15.52
N SER A 65 1.28 -8.50 -15.60
CA SER A 65 1.90 -7.28 -16.08
C SER A 65 3.40 -7.31 -15.83
N GLN A 66 3.76 -7.71 -14.62
CA GLN A 66 5.17 -7.80 -14.26
C GLN A 66 5.50 -9.20 -13.74
N ASP A 67 6.13 -9.99 -14.59
CA ASP A 67 6.50 -11.35 -14.24
C ASP A 67 5.24 -12.20 -14.10
N PRO A 68 5.07 -13.13 -15.09
CA PRO A 68 3.91 -14.01 -15.09
C PRO A 68 4.05 -15.10 -14.03
N ARG A 69 5.30 -15.46 -13.76
CA ARG A 69 5.58 -16.50 -12.78
C ARG A 69 4.98 -16.11 -11.42
N ASN A 70 5.70 -15.28 -10.70
CA ASN A 70 5.24 -14.83 -9.39
C ASN A 70 3.75 -14.53 -9.45
N VAL A 71 3.39 -13.67 -10.41
CA VAL A 71 2.01 -13.28 -10.58
C VAL A 71 1.12 -14.53 -10.49
N TRP A 72 1.49 -15.53 -11.27
CA TRP A 72 0.74 -16.78 -11.29
C TRP A 72 0.59 -17.26 -9.85
N VAL A 73 1.70 -17.25 -9.13
CA VAL A 73 1.70 -17.68 -7.74
C VAL A 73 0.64 -16.90 -6.97
N PHE A 74 0.51 -15.63 -7.32
CA PHE A 74 -0.46 -14.77 -6.67
C PHE A 74 -1.88 -15.07 -7.16
N LEU A 75 -1.94 -15.57 -8.38
CA LEU A 75 -3.23 -15.90 -8.99
C LEU A 75 -3.87 -17.05 -8.20
N ALA A 76 -3.09 -18.10 -8.00
CA ALA A 76 -3.57 -19.25 -7.27
C ALA A 76 -3.78 -18.88 -5.80
N THR A 77 -2.82 -18.13 -5.28
CA THR A 77 -2.88 -17.70 -3.89
C THR A 77 -4.24 -17.05 -3.60
N SER A 78 -4.42 -15.86 -4.13
CA SER A 78 -5.66 -15.13 -3.94
C SER A 78 -6.81 -15.86 -4.63
N GLY A 79 -6.45 -16.72 -5.56
CA GLY A 79 -7.44 -17.49 -6.29
C GLY A 79 -8.33 -18.28 -5.34
N THR A 80 -7.70 -19.17 -4.58
CA THR A 80 -8.43 -19.99 -3.63
C THR A 80 -8.70 -19.20 -2.35
N LEU A 81 -7.64 -18.57 -1.84
CA LEU A 81 -7.76 -17.79 -0.62
C LEU A 81 -8.93 -16.81 -0.75
N ALA A 82 -8.86 -15.99 -1.79
CA ALA A 82 -9.91 -15.01 -2.03
C ALA A 82 -11.13 -15.72 -2.63
N GLY A 83 -10.86 -16.77 -3.38
CA GLY A 83 -11.93 -17.54 -4.01
C GLY A 83 -13.03 -17.85 -3.00
N ILE A 84 -12.62 -18.28 -1.82
CA ILE A 84 -13.57 -18.61 -0.77
C ILE A 84 -14.35 -17.36 -0.38
N MET A 85 -13.62 -16.37 0.14
CA MET A 85 -14.23 -15.13 0.55
C MET A 85 -14.87 -14.41 -0.63
N GLY A 86 -15.46 -13.25 -0.33
CA GLY A 86 -16.10 -12.46 -1.37
C GLY A 86 -15.11 -11.48 -2.01
N MET A 87 -15.50 -10.22 -2.03
CA MET A 87 -14.67 -9.19 -2.60
C MET A 87 -13.95 -8.39 -1.52
N ARG A 88 -12.76 -8.87 -1.16
CA ARG A 88 -11.96 -8.23 -0.14
C ARG A 88 -10.48 -8.29 -0.52
N PHE A 89 -9.68 -7.54 0.24
CA PHE A 89 -8.26 -7.49 0.00
C PHE A 89 -7.48 -7.94 1.24
N TYR A 90 -7.60 -7.14 2.29
CA TYR A 90 -6.92 -7.43 3.55
C TYR A 90 -7.80 -7.12 4.74
N HIS A 91 -7.82 -8.04 5.69
CA HIS A 91 -8.63 -7.87 6.90
C HIS A 91 -8.43 -6.46 7.44
N SER A 92 -7.28 -6.27 8.07
CA SER A 92 -6.96 -4.97 8.65
C SER A 92 -7.51 -4.88 10.07
N GLY A 93 -7.46 -6.01 10.76
CA GLY A 93 -7.96 -6.07 12.13
C GLY A 93 -6.91 -6.68 13.07
N LYS A 94 -5.72 -6.09 13.01
CA LYS A 94 -4.63 -6.57 13.85
C LYS A 94 -4.08 -5.40 14.67
N PHE A 95 -3.89 -4.27 13.99
CA PHE A 95 -3.36 -3.08 14.63
C PHE A 95 -2.06 -3.39 15.39
N MET A 96 -0.98 -3.39 14.64
CA MET A 96 0.33 -3.66 15.22
C MET A 96 1.39 -3.84 14.13
N PRO A 97 1.08 -4.76 13.18
CA PRO A 97 1.99 -5.04 12.07
C PRO A 97 1.96 -3.91 11.04
N ALA A 98 0.82 -3.79 10.39
CA ALA A 98 0.66 -2.76 9.38
C ALA A 98 -0.19 -1.61 9.95
N GLY A 99 0.36 -0.42 9.86
CA GLY A 99 -0.33 0.76 10.36
C GLY A 99 -1.36 1.27 9.34
N LEU A 100 -2.19 0.35 8.87
CA LEU A 100 -3.21 0.70 7.90
C LEU A 100 -4.26 1.59 8.56
N ILE A 101 -5.03 0.99 9.45
CA ILE A 101 -6.07 1.71 10.16
C ILE A 101 -5.42 2.72 11.11
N ALA A 102 -4.26 2.34 11.63
CA ALA A 102 -3.54 3.20 12.55
C ALA A 102 -3.08 4.45 11.81
N GLY A 103 -2.09 4.28 10.95
CA GLY A 103 -1.55 5.38 10.18
C GLY A 103 -2.67 6.21 9.56
N ALA A 104 -3.62 5.51 8.94
CA ALA A 104 -4.74 6.17 8.32
C ALA A 104 -5.38 7.15 9.30
N SER A 105 -5.72 6.64 10.47
CA SER A 105 -6.33 7.45 11.50
C SER A 105 -5.38 8.58 11.90
N LEU A 106 -4.09 8.32 11.73
CA LEU A 106 -3.08 9.30 12.07
C LEU A 106 -3.04 10.39 10.99
N LEU A 107 -3.44 10.00 9.79
CA LEU A 107 -3.47 10.92 8.67
C LEU A 107 -4.68 11.85 8.81
N MET A 108 -5.82 11.24 9.11
CA MET A 108 -7.05 12.00 9.28
C MET A 108 -6.96 12.95 10.47
N VAL A 109 -6.39 12.44 11.55
CA VAL A 109 -6.22 13.22 12.76
C VAL A 109 -5.24 14.36 12.50
N ALA A 110 -4.08 13.99 11.96
CA ALA A 110 -3.05 14.96 11.66
C ALA A 110 -3.63 16.05 10.76
N LYS A 111 -4.26 15.62 9.68
CA LYS A 111 -4.86 16.54 8.74
C LYS A 111 -5.78 17.51 9.49
N VAL A 112 -6.62 16.94 10.33
CA VAL A 112 -7.55 17.73 11.11
C VAL A 112 -6.77 18.79 11.90
N GLY A 113 -5.62 18.38 12.41
CA GLY A 113 -4.78 19.27 13.17
C GLY A 113 -4.08 20.28 12.26
N VAL A 114 -3.00 19.83 11.66
CA VAL A 114 -2.22 20.67 10.76
C VAL A 114 -2.36 20.15 9.33
N SER A 115 -1.95 20.99 8.39
CA SER A 115 -2.02 20.62 6.99
C SER A 115 -3.47 20.66 6.50
N MET A 116 -3.65 21.23 5.32
CA MET A 116 -4.96 21.35 4.74
C MET A 116 -5.81 20.11 5.04
N PHE A 117 -7.11 20.33 5.13
CA PHE A 117 -8.03 19.24 5.42
C PHE A 117 -9.49 19.71 5.31
N ASN A 118 -10.11 19.35 4.20
CA ASN A 118 -11.50 19.72 3.96
C ASN A 118 -12.34 18.46 3.76
N ARG A 119 -13.32 18.30 4.63
CA ARG A 119 -14.19 17.15 4.56
C ARG A 119 -15.12 17.26 3.34
N PRO A 120 -15.65 16.08 2.91
CA PRO A 120 -16.55 16.04 1.77
C PRO A 120 -17.93 16.57 2.14
N HIS A 121 -18.27 17.71 1.55
CA HIS A 121 -19.56 18.33 1.82
C HIS A 121 -19.82 18.36 3.31
N MET A 10 4.89 -14.33 20.18
CA MET A 10 5.60 -13.15 20.67
C MET A 10 6.64 -12.68 19.65
N GLN A 11 6.21 -11.75 18.80
CA GLN A 11 7.10 -11.21 17.79
C GLN A 11 7.78 -12.34 17.02
N ASP A 12 7.22 -12.64 15.86
CA ASP A 12 7.76 -13.69 15.02
C ASP A 12 7.37 -13.43 13.56
N THR A 13 7.96 -14.21 12.67
CA THR A 13 7.68 -14.08 11.25
C THR A 13 7.85 -12.63 10.81
N SER A 14 7.69 -12.40 9.51
CA SER A 14 7.82 -11.08 8.95
C SER A 14 7.20 -10.04 9.90
N SER A 15 8.06 -9.20 10.45
CA SER A 15 7.61 -8.17 11.37
C SER A 15 6.25 -7.61 10.91
N VAL A 16 6.15 -7.37 9.61
CA VAL A 16 4.92 -6.84 9.04
C VAL A 16 4.85 -7.24 7.57
N VAL A 17 5.96 -7.07 6.87
CA VAL A 17 6.01 -7.40 5.47
C VAL A 17 7.14 -8.43 5.25
N PRO A 18 7.09 -9.07 4.04
CA PRO A 18 8.09 -10.08 3.69
C PRO A 18 9.42 -9.41 3.33
N LEU A 19 10.42 -10.25 3.08
CA LEU A 19 11.73 -9.77 2.73
C LEU A 19 11.63 -8.83 1.53
N HIS A 20 11.34 -9.43 0.38
CA HIS A 20 11.20 -8.66 -0.85
C HIS A 20 10.56 -7.31 -0.55
N TRP A 21 9.31 -7.37 -0.11
CA TRP A 21 8.57 -6.17 0.23
C TRP A 21 9.51 -5.24 1.02
N PHE A 22 10.09 -5.81 2.07
CA PHE A 22 11.01 -5.06 2.91
C PHE A 22 11.96 -4.21 2.07
N GLY A 23 12.57 -4.85 1.09
CA GLY A 23 13.50 -4.16 0.21
C GLY A 23 12.81 -3.01 -0.53
N PHE A 24 11.58 -3.27 -0.96
CA PHE A 24 10.81 -2.27 -1.68
C PHE A 24 10.40 -1.14 -0.75
N GLY A 25 10.19 -1.49 0.51
CA GLY A 25 9.79 -0.51 1.51
C GLY A 25 10.94 0.46 1.82
N TYR A 26 12.12 -0.10 1.97
CA TYR A 26 13.30 0.70 2.26
C TYR A 26 13.63 1.63 1.10
N ALA A 27 13.72 1.05 -0.09
CA ALA A 27 14.03 1.82 -1.28
C ALA A 27 12.92 2.83 -1.53
N ALA A 28 11.69 2.37 -1.33
CA ALA A 28 10.53 3.23 -1.52
C ALA A 28 10.50 4.30 -0.44
N LEU A 29 11.15 3.99 0.68
CA LEU A 29 11.20 4.90 1.80
C LEU A 29 12.10 6.08 1.44
N VAL A 30 13.30 5.75 0.96
CA VAL A 30 14.27 6.77 0.58
C VAL A 30 13.67 7.64 -0.53
N ALA A 31 13.15 6.98 -1.55
CA ALA A 31 12.55 7.67 -2.67
C ALA A 31 11.33 8.46 -2.18
N SER A 32 10.57 7.82 -1.30
CA SER A 32 9.38 8.45 -0.75
C SER A 32 9.76 9.75 -0.04
N GLY A 33 10.45 9.61 1.08
CA GLY A 33 10.87 10.76 1.86
C GLY A 33 11.70 11.72 1.00
N GLY A 34 12.27 11.18 -0.06
CA GLY A 34 13.08 11.98 -0.97
C GLY A 34 12.23 13.01 -1.70
N ILE A 35 11.47 12.52 -2.68
CA ILE A 35 10.60 13.38 -3.46
C ILE A 35 9.60 14.07 -2.54
N ILE A 36 9.12 13.32 -1.56
CA ILE A 36 8.17 13.84 -0.60
C ILE A 36 8.86 14.90 0.28
N GLY A 37 10.17 14.76 0.39
CA GLY A 37 10.95 15.69 1.19
C GLY A 37 11.11 17.03 0.48
N TYR A 38 11.89 17.01 -0.58
CA TYR A 38 12.12 18.22 -1.36
C TYR A 38 10.81 18.88 -1.77
N VAL A 39 9.87 18.04 -2.18
CA VAL A 39 8.56 18.53 -2.60
C VAL A 39 7.68 18.72 -1.37
N LYS A 40 8.08 18.08 -0.28
CA LYS A 40 7.33 18.18 0.97
C LYS A 40 6.06 17.35 0.85
N ALA A 41 5.20 17.76 -0.08
CA ALA A 41 3.94 17.06 -0.29
C ALA A 41 4.22 15.73 -0.99
N GLY A 42 4.82 15.83 -2.17
CA GLY A 42 5.14 14.63 -2.94
C GLY A 42 5.04 14.92 -4.44
N SER A 43 4.45 16.06 -4.76
CA SER A 43 4.29 16.46 -6.15
C SER A 43 2.96 15.93 -6.69
N VAL A 44 2.38 16.69 -7.60
CA VAL A 44 1.11 16.31 -8.21
C VAL A 44 1.35 15.24 -9.27
N PRO A 45 2.43 15.47 -10.09
CA PRO A 45 2.77 14.54 -11.14
C PRO A 45 3.44 13.29 -10.57
N SER A 46 4.47 13.52 -9.77
CA SER A 46 5.20 12.43 -9.16
C SER A 46 4.23 11.46 -8.48
N LEU A 47 3.51 11.98 -7.50
CA LEU A 47 2.54 11.18 -6.76
C LEU A 47 1.57 10.53 -7.76
N ALA A 48 1.16 11.32 -8.73
CA ALA A 48 0.23 10.85 -9.74
C ALA A 48 0.79 9.56 -10.36
N ALA A 49 2.09 9.56 -10.60
CA ALA A 49 2.75 8.41 -11.18
C ALA A 49 2.73 7.26 -10.17
N GLY A 50 2.81 7.61 -8.91
CA GLY A 50 2.80 6.62 -7.84
C GLY A 50 1.45 5.90 -7.78
N LEU A 51 0.39 6.67 -7.98
CA LEU A 51 -0.95 6.12 -7.94
C LEU A 51 -1.13 5.17 -9.13
N LEU A 52 -1.00 5.73 -10.32
CA LEU A 52 -1.15 4.95 -11.53
C LEU A 52 -0.38 3.64 -11.40
N PHE A 53 0.93 3.78 -11.24
CA PHE A 53 1.80 2.62 -11.11
C PHE A 53 1.46 1.84 -9.83
N GLY A 54 0.80 2.53 -8.90
CA GLY A 54 0.41 1.91 -7.65
C GLY A 54 -0.50 0.72 -7.88
N SER A 55 -1.66 0.99 -8.45
CA SER A 55 -2.63 -0.05 -8.73
C SER A 55 -2.09 -0.98 -9.82
N LEU A 56 -1.54 -0.38 -10.86
CA LEU A 56 -0.98 -1.13 -11.96
C LEU A 56 0.07 -2.12 -11.42
N ALA A 57 0.69 -1.73 -10.33
CA ALA A 57 1.71 -2.56 -9.70
C ALA A 57 1.03 -3.69 -8.93
N GLY A 58 0.39 -3.31 -7.83
CA GLY A 58 -0.30 -4.28 -6.99
C GLY A 58 -1.10 -5.27 -7.84
N LEU A 59 -1.97 -4.71 -8.67
CA LEU A 59 -2.81 -5.52 -9.54
C LEU A 59 -1.93 -6.22 -10.57
N GLY A 60 -1.00 -5.44 -11.14
CA GLY A 60 -0.09 -5.97 -12.14
C GLY A 60 0.46 -7.33 -11.72
N ALA A 61 0.91 -7.40 -10.48
CA ALA A 61 1.46 -8.63 -9.94
C ALA A 61 0.32 -9.51 -9.41
N TYR A 62 -0.79 -8.85 -9.11
CA TYR A 62 -1.95 -9.55 -8.58
C TYR A 62 -3.09 -9.55 -9.61
N GLN A 63 -2.73 -9.81 -10.85
CA GLN A 63 -3.71 -9.83 -11.93
C GLN A 63 -3.04 -10.22 -13.25
N LEU A 64 -2.26 -9.30 -13.78
CA LEU A 64 -1.56 -9.54 -15.03
C LEU A 64 -0.84 -8.25 -15.46
N SER A 65 0.42 -8.43 -15.87
CA SER A 65 1.21 -7.30 -16.30
C SER A 65 2.69 -7.71 -16.41
N GLN A 66 3.14 -8.43 -15.40
CA GLN A 66 4.51 -8.90 -15.37
C GLN A 66 4.55 -10.43 -15.22
N ASP A 67 4.83 -11.09 -16.33
CA ASP A 67 4.91 -12.54 -16.34
C ASP A 67 3.54 -13.11 -15.99
N PRO A 68 3.05 -14.02 -16.88
CA PRO A 68 1.76 -14.65 -16.68
C PRO A 68 1.83 -15.71 -15.58
N ARG A 69 3.05 -16.18 -15.33
CA ARG A 69 3.28 -17.19 -14.31
C ARG A 69 2.94 -16.64 -12.93
N ASN A 70 3.91 -15.95 -12.34
CA ASN A 70 3.74 -15.37 -11.02
C ASN A 70 2.27 -14.94 -10.85
N VAL A 71 1.89 -13.96 -11.65
CA VAL A 71 0.53 -13.44 -11.59
C VAL A 71 -0.44 -14.61 -11.41
N TRP A 72 -0.35 -15.57 -12.33
CA TRP A 72 -1.21 -16.74 -12.28
C TRP A 72 -1.14 -17.32 -10.87
N VAL A 73 0.08 -17.51 -10.40
CA VAL A 73 0.29 -18.06 -9.07
C VAL A 73 -0.52 -17.25 -8.05
N PHE A 74 -0.54 -15.94 -8.26
CA PHE A 74 -1.27 -15.05 -7.39
C PHE A 74 -2.78 -15.19 -7.59
N LEU A 75 -3.15 -15.52 -8.81
CA LEU A 75 -4.55 -15.70 -9.16
C LEU A 75 -5.14 -16.85 -8.33
N ALA A 76 -4.41 -17.95 -8.33
CA ALA A 76 -4.84 -19.13 -7.59
C ALA A 76 -4.75 -18.85 -6.09
N THR A 77 -3.67 -18.19 -5.71
CA THR A 77 -3.46 -17.85 -4.31
C THR A 77 -4.67 -17.09 -3.75
N SER A 78 -4.76 -15.82 -4.13
CA SER A 78 -5.86 -14.99 -3.68
C SER A 78 -7.18 -15.52 -4.22
N GLY A 79 -7.08 -16.32 -5.26
CA GLY A 79 -8.25 -16.90 -5.88
C GLY A 79 -9.06 -17.71 -4.87
N THR A 80 -8.38 -18.68 -4.25
CA THR A 80 -9.03 -19.53 -3.26
C THR A 80 -9.12 -18.80 -1.92
N LEU A 81 -8.03 -18.13 -1.57
CA LEU A 81 -7.97 -17.39 -0.32
C LEU A 81 -9.18 -16.45 -0.22
N ALA A 82 -9.29 -15.59 -1.21
CA ALA A 82 -10.41 -14.64 -1.25
C ALA A 82 -11.67 -15.36 -1.73
N GLY A 83 -11.46 -16.39 -2.54
CA GLY A 83 -12.56 -17.16 -3.07
C GLY A 83 -13.55 -17.54 -1.97
N ILE A 84 -13.04 -18.29 -0.99
CA ILE A 84 -13.85 -18.73 0.12
C ILE A 84 -14.63 -17.53 0.68
N MET A 85 -13.99 -16.38 0.64
CA MET A 85 -14.61 -15.16 1.13
C MET A 85 -15.20 -14.34 -0.02
N GLY A 86 -15.57 -13.10 0.29
CA GLY A 86 -16.15 -12.22 -0.69
C GLY A 86 -15.13 -11.17 -1.16
N MET A 87 -15.67 -10.04 -1.62
CA MET A 87 -14.82 -8.96 -2.09
C MET A 87 -14.43 -8.03 -0.95
N ARG A 88 -13.29 -7.38 -1.13
CA ARG A 88 -12.79 -6.45 -0.12
C ARG A 88 -12.52 -7.20 1.19
N PHE A 89 -11.28 -7.65 1.33
CA PHE A 89 -10.88 -8.38 2.52
C PHE A 89 -9.37 -8.59 2.54
N TYR A 90 -8.76 -8.21 3.65
CA TYR A 90 -7.32 -8.36 3.81
C TYR A 90 -6.92 -8.19 5.27
N HIS A 91 -5.66 -8.54 5.56
CA HIS A 91 -5.14 -8.43 6.90
C HIS A 91 -4.90 -6.95 7.24
N SER A 92 -5.87 -6.38 7.93
CA SER A 92 -5.77 -4.98 8.32
C SER A 92 -5.52 -4.86 9.82
N GLY A 93 -4.33 -5.28 10.22
CA GLY A 93 -3.95 -5.24 11.62
C GLY A 93 -3.66 -3.80 12.06
N LYS A 94 -4.38 -3.37 13.09
CA LYS A 94 -4.22 -2.04 13.62
C LYS A 94 -3.11 -2.04 14.68
N PHE A 95 -1.91 -2.38 14.23
CA PHE A 95 -0.76 -2.43 15.11
C PHE A 95 0.54 -2.56 14.32
N MET A 96 1.65 -2.40 15.03
CA MET A 96 2.96 -2.50 14.41
C MET A 96 3.14 -1.42 13.34
N PRO A 97 4.41 -1.32 12.84
CA PRO A 97 4.73 -0.34 11.82
C PRO A 97 4.17 -0.76 10.45
N ALA A 98 2.87 -0.99 10.43
CA ALA A 98 2.21 -1.40 9.20
C ALA A 98 0.70 -1.48 9.44
N GLY A 99 0.10 -0.31 9.58
CA GLY A 99 -1.33 -0.23 9.81
C GLY A 99 -1.98 0.79 8.87
N LEU A 100 -2.72 0.26 7.90
CA LEU A 100 -3.40 1.11 6.94
C LEU A 100 -4.46 1.94 7.65
N ILE A 101 -5.27 1.26 8.45
CA ILE A 101 -6.32 1.93 9.20
C ILE A 101 -5.70 2.86 10.24
N ALA A 102 -4.93 2.26 11.14
CA ALA A 102 -4.27 3.02 12.18
C ALA A 102 -3.56 4.22 11.57
N GLY A 103 -2.52 3.93 10.81
CA GLY A 103 -1.75 4.98 10.16
C GLY A 103 -2.67 6.02 9.51
N ALA A 104 -3.62 5.51 8.74
CA ALA A 104 -4.58 6.37 8.06
C ALA A 104 -5.16 7.36 9.06
N SER A 105 -5.77 6.81 10.11
CA SER A 105 -6.37 7.64 11.14
C SER A 105 -5.35 8.64 11.68
N LEU A 106 -4.09 8.23 11.65
CA LEU A 106 -3.01 9.07 12.12
C LEU A 106 -2.80 10.22 11.13
N LEU A 107 -2.95 9.90 9.86
CA LEU A 107 -2.78 10.88 8.81
C LEU A 107 -3.90 11.93 8.90
N MET A 108 -5.12 11.45 8.70
CA MET A 108 -6.28 12.32 8.75
C MET A 108 -6.27 13.16 10.03
N VAL A 109 -5.97 12.51 11.14
CA VAL A 109 -5.93 13.18 12.42
C VAL A 109 -4.94 14.34 12.34
N ALA A 110 -3.72 14.03 11.94
CA ALA A 110 -2.68 15.04 11.82
C ALA A 110 -3.15 16.12 10.84
N LYS A 111 -3.90 15.69 9.84
CA LYS A 111 -4.40 16.61 8.83
C LYS A 111 -5.30 17.64 9.50
N VAL A 112 -6.37 17.15 10.11
CA VAL A 112 -7.32 18.02 10.78
C VAL A 112 -6.58 18.84 11.85
N GLY A 113 -5.48 18.27 12.33
CA GLY A 113 -4.68 18.93 13.34
C GLY A 113 -4.08 20.23 12.81
N VAL A 114 -3.19 20.09 11.84
CA VAL A 114 -2.55 21.25 11.24
C VAL A 114 -2.15 20.91 9.80
N SER A 115 -3.10 21.10 8.90
CA SER A 115 -2.87 20.83 7.49
C SER A 115 -4.19 20.92 6.72
N MET A 116 -4.06 21.23 5.43
CA MET A 116 -5.22 21.35 4.58
C MET A 116 -6.13 20.11 4.69
N PHE A 117 -7.42 20.36 4.57
CA PHE A 117 -8.40 19.28 4.68
C PHE A 117 -9.81 19.80 4.44
N ASN A 118 -10.74 18.87 4.29
CA ASN A 118 -12.13 19.22 4.06
C ASN A 118 -12.92 17.97 3.69
N ARG A 119 -13.90 17.66 4.51
CA ARG A 119 -14.74 16.49 4.26
C ARG A 119 -15.69 16.74 3.09
N PRO A 120 -16.16 15.63 2.48
CA PRO A 120 -17.07 15.71 1.34
C PRO A 120 -18.48 16.10 1.81
N HIS A 121 -18.57 17.29 2.38
CA HIS A 121 -19.85 17.78 2.87
C HIS A 121 -20.85 17.81 1.72
N MET A 10 -0.78 -10.66 14.08
CA MET A 10 0.22 -11.14 13.13
C MET A 10 1.60 -11.20 13.78
N GLN A 11 2.28 -12.32 13.55
CA GLN A 11 3.61 -12.52 14.10
C GLN A 11 4.37 -13.55 13.27
N ASP A 12 5.69 -13.49 13.38
CA ASP A 12 6.55 -14.40 12.66
C ASP A 12 6.15 -14.41 11.18
N THR A 13 6.85 -15.23 10.40
CA THR A 13 6.58 -15.33 8.98
C THR A 13 6.24 -13.97 8.40
N SER A 14 7.27 -13.19 8.13
CA SER A 14 7.09 -11.87 7.57
C SER A 14 6.86 -10.85 8.70
N SER A 15 5.97 -11.23 9.61
CA SER A 15 5.65 -10.37 10.74
C SER A 15 4.85 -9.15 10.25
N VAL A 16 5.48 -8.38 9.36
CA VAL A 16 4.85 -7.19 8.82
C VAL A 16 4.85 -7.28 7.30
N VAL A 17 6.00 -7.66 6.75
CA VAL A 17 6.14 -7.77 5.31
C VAL A 17 7.31 -8.71 5.00
N PRO A 18 7.27 -9.28 3.77
CA PRO A 18 8.31 -10.20 3.33
C PRO A 18 9.59 -9.44 2.97
N LEU A 19 10.62 -10.22 2.67
CA LEU A 19 11.91 -9.63 2.31
C LEU A 19 11.73 -8.68 1.13
N HIS A 20 11.35 -9.27 0.00
CA HIS A 20 11.14 -8.49 -1.21
C HIS A 20 10.46 -7.17 -0.86
N TRP A 21 9.25 -7.29 -0.33
CA TRP A 21 8.48 -6.11 0.05
C TRP A 21 9.41 -5.18 0.84
N PHE A 22 10.11 -5.77 1.81
CA PHE A 22 11.03 -5.02 2.63
C PHE A 22 11.92 -4.11 1.78
N GLY A 23 12.44 -4.69 0.70
CA GLY A 23 13.31 -3.95 -0.20
C GLY A 23 12.53 -2.88 -0.96
N PHE A 24 11.27 -3.20 -1.23
CA PHE A 24 10.41 -2.28 -1.96
C PHE A 24 10.04 -1.07 -1.08
N GLY A 25 9.85 -1.36 0.21
CA GLY A 25 9.50 -0.32 1.16
C GLY A 25 10.70 0.56 1.49
N TYR A 26 11.85 -0.10 1.61
CA TYR A 26 13.08 0.61 1.93
C TYR A 26 13.46 1.57 0.80
N ALA A 27 13.53 1.03 -0.41
CA ALA A 27 13.89 1.83 -1.57
C ALA A 27 12.80 2.88 -1.81
N ALA A 28 11.55 2.41 -1.78
CA ALA A 28 10.43 3.30 -1.99
C ALA A 28 10.41 4.38 -0.89
N LEU A 29 10.99 4.03 0.24
CA LEU A 29 11.05 4.95 1.37
C LEU A 29 12.04 6.07 1.04
N VAL A 30 13.26 5.67 0.71
CA VAL A 30 14.30 6.62 0.38
C VAL A 30 13.76 7.61 -0.66
N ALA A 31 13.33 7.05 -1.79
CA ALA A 31 12.81 7.87 -2.87
C ALA A 31 11.60 8.65 -2.36
N SER A 32 10.74 7.97 -1.62
CA SER A 32 9.55 8.59 -1.06
C SER A 32 9.94 9.86 -0.30
N GLY A 33 10.34 9.66 0.94
CA GLY A 33 10.73 10.77 1.79
C GLY A 33 11.77 11.65 1.09
N GLY A 34 12.41 11.07 0.09
CA GLY A 34 13.42 11.78 -0.67
C GLY A 34 12.84 13.01 -1.37
N ILE A 35 12.10 12.75 -2.44
CA ILE A 35 11.48 13.82 -3.20
C ILE A 35 10.29 14.37 -2.42
N ILE A 36 9.57 13.46 -1.76
CA ILE A 36 8.42 13.84 -0.97
C ILE A 36 8.86 14.73 0.18
N GLY A 37 10.10 14.53 0.61
CA GLY A 37 10.66 15.30 1.70
C GLY A 37 11.11 16.68 1.22
N TYR A 38 12.19 16.68 0.45
CA TYR A 38 12.74 17.92 -0.06
C TYR A 38 11.63 18.81 -0.63
N VAL A 39 10.74 18.19 -1.39
CA VAL A 39 9.63 18.90 -1.99
C VAL A 39 8.49 19.02 -0.98
N LYS A 40 8.45 18.05 -0.07
CA LYS A 40 7.42 18.03 0.95
C LYS A 40 6.18 17.30 0.42
N ALA A 41 5.75 17.71 -0.76
CA ALA A 41 4.59 17.11 -1.39
C ALA A 41 4.01 18.08 -2.42
N GLY A 42 2.80 17.77 -2.86
CA GLY A 42 2.12 18.60 -3.84
C GLY A 42 2.46 18.15 -5.26
N SER A 43 3.40 17.22 -5.36
CA SER A 43 3.81 16.69 -6.64
C SER A 43 2.59 16.21 -7.44
N VAL A 44 2.42 16.81 -8.60
CA VAL A 44 1.30 16.46 -9.47
C VAL A 44 1.66 15.20 -10.26
N PRO A 45 2.89 15.21 -10.83
CA PRO A 45 3.35 14.08 -11.62
C PRO A 45 3.74 12.91 -10.71
N SER A 46 4.65 13.18 -9.80
CA SER A 46 5.11 12.16 -8.87
C SER A 46 3.94 11.32 -8.39
N LEU A 47 3.00 11.98 -7.73
CA LEU A 47 1.82 11.31 -7.22
C LEU A 47 1.12 10.58 -8.37
N ALA A 48 0.96 11.29 -9.48
CA ALA A 48 0.32 10.71 -10.65
C ALA A 48 1.00 9.39 -11.01
N ALA A 49 2.31 9.36 -10.81
CA ALA A 49 3.09 8.18 -11.11
C ALA A 49 2.80 7.10 -10.05
N GLY A 50 2.54 7.56 -8.84
CA GLY A 50 2.26 6.66 -7.74
C GLY A 50 0.89 5.98 -7.94
N LEU A 51 -0.02 6.73 -8.53
CA LEU A 51 -1.37 6.21 -8.77
C LEU A 51 -1.30 5.17 -9.89
N LEU A 52 -0.82 5.59 -11.04
CA LEU A 52 -0.70 4.71 -12.18
C LEU A 52 0.05 3.44 -11.77
N PHE A 53 1.30 3.64 -11.39
CA PHE A 53 2.14 2.53 -10.97
C PHE A 53 1.61 1.90 -9.68
N GLY A 54 0.77 2.65 -8.99
CA GLY A 54 0.18 2.19 -7.74
C GLY A 54 -0.68 0.95 -7.98
N SER A 55 -1.80 1.16 -8.65
CA SER A 55 -2.72 0.08 -8.95
C SER A 55 -2.05 -0.95 -9.87
N LEU A 56 -1.29 -0.42 -10.82
CA LEU A 56 -0.59 -1.26 -11.77
C LEU A 56 0.39 -2.16 -11.01
N ALA A 57 0.89 -1.65 -9.90
CA ALA A 57 1.83 -2.38 -9.08
C ALA A 57 1.10 -3.51 -8.35
N GLY A 58 0.18 -3.11 -7.48
CA GLY A 58 -0.60 -4.07 -6.72
C GLY A 58 -1.27 -5.09 -7.64
N LEU A 59 -2.14 -4.58 -8.50
CA LEU A 59 -2.85 -5.42 -9.45
C LEU A 59 -1.84 -6.20 -10.29
N GLY A 60 -0.85 -5.48 -10.78
CA GLY A 60 0.18 -6.08 -11.61
C GLY A 60 0.81 -7.29 -10.90
N ALA A 61 1.03 -7.13 -9.60
CA ALA A 61 1.62 -8.18 -8.80
C ALA A 61 0.59 -9.30 -8.60
N TYR A 62 -0.67 -8.91 -8.65
CA TYR A 62 -1.76 -9.85 -8.48
C TYR A 62 -2.10 -10.56 -9.80
N GLN A 63 -2.49 -9.75 -10.77
CA GLN A 63 -2.83 -10.28 -12.08
C GLN A 63 -1.58 -10.46 -12.93
N LEU A 64 -0.44 -10.28 -12.29
CA LEU A 64 0.84 -10.41 -12.98
C LEU A 64 0.99 -9.28 -13.99
N SER A 65 0.04 -9.22 -14.92
CA SER A 65 0.06 -8.19 -15.94
C SER A 65 0.88 -8.66 -17.14
N GLN A 66 1.07 -9.98 -17.21
CA GLN A 66 1.83 -10.56 -18.30
C GLN A 66 1.31 -11.96 -18.62
N ASP A 67 1.26 -12.79 -17.58
CA ASP A 67 0.79 -14.16 -17.73
C ASP A 67 -0.64 -14.25 -17.21
N PRO A 68 -1.53 -14.84 -18.07
CA PRO A 68 -2.93 -15.00 -17.70
C PRO A 68 -3.10 -16.13 -16.68
N ARG A 69 -2.14 -17.03 -16.67
CA ARG A 69 -2.16 -18.16 -15.76
C ARG A 69 -2.04 -17.67 -14.32
N ASN A 70 -0.84 -17.20 -13.99
CA ASN A 70 -0.58 -16.71 -12.65
C ASN A 70 -1.82 -15.98 -12.11
N VAL A 71 -2.17 -14.91 -12.79
CA VAL A 71 -3.33 -14.12 -12.41
C VAL A 71 -4.49 -15.07 -12.06
N TRP A 72 -4.79 -15.95 -13.00
CA TRP A 72 -5.86 -16.91 -12.79
C TRP A 72 -5.70 -17.52 -11.40
N VAL A 73 -4.49 -17.97 -11.12
CA VAL A 73 -4.19 -18.57 -9.83
C VAL A 73 -4.61 -17.61 -8.72
N PHE A 74 -4.27 -16.34 -8.91
CA PHE A 74 -4.61 -15.33 -7.93
C PHE A 74 -6.11 -15.04 -7.94
N LEU A 75 -6.73 -15.32 -9.07
CA LEU A 75 -8.16 -15.10 -9.21
C LEU A 75 -8.92 -16.01 -8.25
N ALA A 76 -8.61 -17.30 -8.34
CA ALA A 76 -9.25 -18.29 -7.49
C ALA A 76 -8.81 -18.06 -6.03
N THR A 77 -7.54 -17.72 -5.89
CA THR A 77 -6.99 -17.48 -4.56
C THR A 77 -7.80 -16.40 -3.84
N SER A 78 -7.55 -15.15 -4.21
CA SER A 78 -8.25 -14.03 -3.61
C SER A 78 -9.73 -14.12 -3.91
N GLY A 79 -10.06 -14.92 -4.93
CA GLY A 79 -11.44 -15.09 -5.33
C GLY A 79 -12.28 -15.66 -4.19
N THR A 80 -11.80 -16.75 -3.63
CA THR A 80 -12.49 -17.40 -2.53
C THR A 80 -12.17 -16.71 -1.21
N LEU A 81 -10.88 -16.44 -1.02
CA LEU A 81 -10.42 -15.78 0.19
C LEU A 81 -11.23 -14.50 0.40
N ALA A 82 -11.22 -13.65 -0.62
CA ALA A 82 -11.94 -12.40 -0.56
C ALA A 82 -13.43 -12.66 -0.74
N GLY A 83 -13.73 -13.50 -1.72
CA GLY A 83 -15.12 -13.85 -2.01
C GLY A 83 -15.88 -14.20 -0.73
N ILE A 84 -15.13 -14.69 0.25
CA ILE A 84 -15.72 -15.06 1.53
C ILE A 84 -16.78 -14.03 1.92
N MET A 85 -16.52 -12.79 1.55
CA MET A 85 -17.43 -11.70 1.85
C MET A 85 -17.09 -10.45 1.03
N GLY A 86 -18.12 -9.67 0.75
CA GLY A 86 -17.93 -8.45 -0.01
C GLY A 86 -17.34 -8.74 -1.39
N MET A 87 -17.35 -7.72 -2.24
CA MET A 87 -16.82 -7.86 -3.58
C MET A 87 -15.35 -7.43 -3.63
N ARG A 88 -15.13 -6.19 -3.22
CA ARG A 88 -13.78 -5.64 -3.21
C ARG A 88 -13.41 -5.15 -1.81
N PHE A 89 -12.89 -6.07 -1.01
CA PHE A 89 -12.50 -5.75 0.35
C PHE A 89 -11.65 -6.87 0.95
N TYR A 90 -11.16 -6.62 2.16
CA TYR A 90 -10.33 -7.59 2.85
C TYR A 90 -10.12 -7.18 4.31
N HIS A 91 -9.33 -7.99 5.00
CA HIS A 91 -9.03 -7.73 6.40
C HIS A 91 -8.15 -6.49 6.51
N SER A 92 -7.55 -6.33 7.68
CA SER A 92 -6.67 -5.20 7.93
C SER A 92 -5.83 -5.44 9.19
N GLY A 93 -5.37 -6.67 9.32
CA GLY A 93 -4.56 -7.05 10.46
C GLY A 93 -5.18 -6.55 11.77
N LYS A 94 -4.32 -6.02 12.62
CA LYS A 94 -4.77 -5.50 13.90
C LYS A 94 -3.65 -4.66 14.53
N PHE A 95 -3.15 -3.71 13.74
CA PHE A 95 -2.09 -2.84 14.20
C PHE A 95 -0.88 -3.66 14.67
N MET A 96 0.08 -3.82 13.75
CA MET A 96 1.28 -4.57 14.05
C MET A 96 2.05 -4.91 12.78
N PRO A 97 1.31 -5.52 11.81
CA PRO A 97 1.90 -5.90 10.55
C PRO A 97 2.13 -4.67 9.65
N ALA A 98 1.58 -3.55 10.09
CA ALA A 98 1.71 -2.31 9.35
C ALA A 98 0.96 -1.20 10.10
N GLY A 99 -0.37 -1.29 10.05
CA GLY A 99 -1.21 -0.30 10.70
C GLY A 99 -1.91 0.59 9.68
N LEU A 100 -2.84 -0.01 8.96
CA LEU A 100 -3.58 0.72 7.95
C LEU A 100 -4.56 1.68 8.63
N ILE A 101 -5.46 1.10 9.40
CA ILE A 101 -6.45 1.88 10.11
C ILE A 101 -5.75 2.80 11.11
N ALA A 102 -4.65 2.31 11.65
CA ALA A 102 -3.88 3.07 12.62
C ALA A 102 -3.30 4.31 11.93
N GLY A 103 -2.26 4.08 11.15
CA GLY A 103 -1.60 5.16 10.43
C GLY A 103 -2.63 6.07 9.77
N ALA A 104 -3.55 5.45 9.04
CA ALA A 104 -4.60 6.19 8.35
C ALA A 104 -5.25 7.17 9.32
N SER A 105 -5.73 6.62 10.43
CA SER A 105 -6.37 7.44 11.45
C SER A 105 -5.43 8.55 11.90
N LEU A 106 -4.14 8.25 11.86
CA LEU A 106 -3.14 9.21 12.27
C LEU A 106 -3.00 10.29 11.19
N LEU A 107 -3.25 9.88 9.96
CA LEU A 107 -3.16 10.81 8.84
C LEU A 107 -4.32 11.79 8.91
N MET A 108 -5.52 11.25 9.01
CA MET A 108 -6.71 12.07 9.08
C MET A 108 -6.66 13.00 10.29
N VAL A 109 -6.26 12.44 11.42
CA VAL A 109 -6.16 13.20 12.64
C VAL A 109 -5.22 14.38 12.43
N ALA A 110 -4.00 14.05 12.04
CA ALA A 110 -2.98 15.07 11.79
C ALA A 110 -3.51 16.07 10.75
N LYS A 111 -4.24 15.53 9.79
CA LYS A 111 -4.81 16.34 8.73
C LYS A 111 -5.72 17.40 9.35
N VAL A 112 -6.66 16.93 10.15
CA VAL A 112 -7.61 17.82 10.82
C VAL A 112 -6.83 18.86 11.63
N GLY A 113 -5.74 18.41 12.23
CA GLY A 113 -4.92 19.29 13.03
C GLY A 113 -4.22 20.34 12.16
N VAL A 114 -3.15 19.91 11.50
CA VAL A 114 -2.40 20.79 10.64
C VAL A 114 -2.56 20.35 9.19
N SER A 115 -1.87 21.06 8.30
CA SER A 115 -1.93 20.75 6.88
C SER A 115 -3.37 20.89 6.37
N MET A 116 -3.48 21.27 5.11
CA MET A 116 -4.78 21.45 4.49
C MET A 116 -5.74 20.33 4.91
N PHE A 117 -7.02 20.68 4.95
CA PHE A 117 -8.03 19.71 5.33
C PHE A 117 -9.41 20.13 4.79
N ASN A 118 -10.23 19.13 4.49
CA ASN A 118 -11.55 19.38 3.98
C ASN A 118 -12.22 18.04 3.62
N ARG A 119 -13.46 17.90 4.07
CA ARG A 119 -14.21 16.68 3.82
C ARG A 119 -15.31 16.94 2.79
N PRO A 120 -15.84 15.83 2.22
CA PRO A 120 -16.89 15.92 1.22
C PRO A 120 -18.24 16.28 1.87
N HIS A 121 -18.63 17.54 1.72
CA HIS A 121 -19.87 18.01 2.29
C HIS A 121 -19.88 17.77 3.79
N MET A 10 5.41 -7.87 13.99
CA MET A 10 5.47 -8.27 15.39
C MET A 10 6.89 -8.60 15.81
N GLN A 11 7.43 -9.64 15.21
CA GLN A 11 8.79 -10.07 15.50
C GLN A 11 9.20 -11.22 14.59
N ASP A 12 8.25 -12.11 14.34
CA ASP A 12 8.51 -13.25 13.48
C ASP A 12 8.63 -12.78 12.04
N THR A 13 8.87 -13.73 11.14
CA THR A 13 9.01 -13.43 9.74
C THR A 13 7.94 -12.44 9.29
N SER A 14 8.16 -11.85 8.13
CA SER A 14 7.21 -10.88 7.58
C SER A 14 5.78 -11.33 7.87
N SER A 15 5.47 -12.54 7.42
CA SER A 15 4.14 -13.09 7.61
C SER A 15 3.08 -12.12 7.07
N VAL A 16 3.48 -11.36 6.07
CA VAL A 16 2.59 -10.39 5.46
C VAL A 16 3.08 -10.06 4.04
N VAL A 17 4.37 -9.74 3.96
CA VAL A 17 4.97 -9.40 2.69
C VAL A 17 6.29 -10.15 2.54
N PRO A 18 6.66 -10.43 1.27
CA PRO A 18 7.89 -11.14 0.97
C PRO A 18 9.10 -10.22 1.16
N LEU A 19 10.25 -10.85 1.41
CA LEU A 19 11.48 -10.11 1.61
C LEU A 19 11.61 -9.06 0.51
N HIS A 20 11.58 -9.52 -0.73
CA HIS A 20 11.70 -8.63 -1.86
C HIS A 20 10.89 -7.35 -1.60
N TRP A 21 9.60 -7.54 -1.40
CA TRP A 21 8.71 -6.43 -1.14
C TRP A 21 9.38 -5.52 -0.10
N PHE A 22 9.83 -6.14 0.97
CA PHE A 22 10.49 -5.40 2.04
C PHE A 22 11.56 -4.46 1.48
N GLY A 23 12.37 -5.00 0.57
CA GLY A 23 13.43 -4.22 -0.04
C GLY A 23 12.84 -3.07 -0.87
N PHE A 24 11.70 -3.34 -1.48
CA PHE A 24 11.03 -2.34 -2.30
C PHE A 24 10.48 -1.20 -1.43
N GLY A 25 10.05 -1.58 -0.23
CA GLY A 25 9.49 -0.60 0.69
C GLY A 25 10.58 0.32 1.24
N TYR A 26 11.68 -0.29 1.64
CA TYR A 26 12.80 0.46 2.19
C TYR A 26 13.36 1.43 1.15
N ALA A 27 13.60 0.90 -0.04
CA ALA A 27 14.15 1.70 -1.12
C ALA A 27 13.15 2.81 -1.47
N ALA A 28 11.88 2.44 -1.46
CA ALA A 28 10.82 3.38 -1.78
C ALA A 28 10.69 4.40 -0.64
N LEU A 29 11.16 3.99 0.53
CA LEU A 29 11.11 4.86 1.70
C LEU A 29 12.13 5.98 1.54
N VAL A 30 13.38 5.59 1.42
CA VAL A 30 14.45 6.56 1.26
C VAL A 30 14.14 7.49 0.08
N ALA A 31 13.81 6.87 -1.04
CA ALA A 31 13.48 7.61 -2.25
C ALA A 31 12.30 8.53 -1.96
N SER A 32 11.23 7.93 -1.44
CA SER A 32 10.02 8.67 -1.12
C SER A 32 10.38 9.91 -0.30
N GLY A 33 10.65 9.68 0.98
CA GLY A 33 10.99 10.76 1.88
C GLY A 33 12.07 11.66 1.26
N GLY A 34 12.83 11.07 0.35
CA GLY A 34 13.89 11.81 -0.33
C GLY A 34 13.34 13.02 -1.07
N ILE A 35 12.62 12.74 -2.15
CA ILE A 35 12.03 13.79 -2.96
C ILE A 35 10.79 14.33 -2.25
N ILE A 36 9.95 13.42 -1.80
CA ILE A 36 8.73 13.80 -1.10
C ILE A 36 9.10 14.71 0.07
N GLY A 37 10.29 14.50 0.60
CA GLY A 37 10.76 15.29 1.72
C GLY A 37 11.22 16.68 1.27
N TYR A 38 12.27 16.68 0.46
CA TYR A 38 12.81 17.93 -0.05
C TYR A 38 11.70 18.89 -0.45
N VAL A 39 10.79 18.39 -1.26
CA VAL A 39 9.66 19.20 -1.72
C VAL A 39 8.55 19.16 -0.67
N LYS A 40 8.57 18.10 0.13
CA LYS A 40 7.58 17.93 1.17
C LYS A 40 6.36 17.21 0.59
N ALA A 41 5.88 17.74 -0.52
CA ALA A 41 4.71 17.17 -1.18
C ALA A 41 4.07 18.21 -2.09
N GLY A 42 3.11 17.77 -2.88
CA GLY A 42 2.40 18.65 -3.79
C GLY A 42 2.66 18.25 -5.25
N SER A 43 3.47 17.21 -5.40
CA SER A 43 3.80 16.73 -6.73
C SER A 43 2.54 16.25 -7.44
N VAL A 44 2.24 16.90 -8.56
CA VAL A 44 1.07 16.55 -9.34
C VAL A 44 1.38 15.31 -10.19
N PRO A 45 2.58 15.35 -10.83
CA PRO A 45 3.01 14.24 -11.67
C PRO A 45 3.44 13.04 -10.83
N SER A 46 4.36 13.30 -9.91
CA SER A 46 4.86 12.26 -9.03
C SER A 46 3.70 11.47 -8.44
N LEU A 47 2.80 12.19 -7.78
CA LEU A 47 1.64 11.58 -7.16
C LEU A 47 0.88 10.76 -8.21
N ALA A 48 0.63 11.41 -9.34
CA ALA A 48 -0.09 10.77 -10.43
C ALA A 48 0.61 9.46 -10.79
N ALA A 49 1.93 9.48 -10.66
CA ALA A 49 2.72 8.31 -10.97
C ALA A 49 2.48 7.23 -9.91
N GLY A 50 2.28 7.68 -8.69
CA GLY A 50 2.02 6.77 -7.58
C GLY A 50 0.66 6.09 -7.74
N LEU A 51 -0.27 6.82 -8.32
CA LEU A 51 -1.61 6.31 -8.53
C LEU A 51 -1.57 5.21 -9.60
N LEU A 52 -1.13 5.61 -10.79
CA LEU A 52 -1.03 4.66 -11.89
C LEU A 52 -0.25 3.43 -11.45
N PHE A 53 1.01 3.66 -11.11
CA PHE A 53 1.88 2.58 -10.67
C PHE A 53 1.35 1.96 -9.37
N GLY A 54 0.51 2.71 -8.68
CA GLY A 54 -0.07 2.25 -7.44
C GLY A 54 -0.91 0.99 -7.65
N SER A 55 -2.03 1.18 -8.33
CA SER A 55 -2.93 0.06 -8.61
C SER A 55 -2.21 -0.98 -9.48
N LEU A 56 -1.45 -0.49 -10.44
CA LEU A 56 -0.72 -1.36 -11.35
C LEU A 56 0.25 -2.23 -10.53
N ALA A 57 0.83 -1.61 -9.51
CA ALA A 57 1.77 -2.30 -8.65
C ALA A 57 1.02 -3.37 -7.85
N GLY A 58 -0.02 -2.93 -7.17
CA GLY A 58 -0.83 -3.84 -6.37
C GLY A 58 -1.41 -4.96 -7.22
N LEU A 59 -2.35 -4.59 -8.07
CA LEU A 59 -2.99 -5.55 -8.94
C LEU A 59 -1.92 -6.32 -9.72
N GLY A 60 -1.14 -5.57 -10.47
CA GLY A 60 -0.08 -6.17 -11.27
C GLY A 60 0.72 -7.17 -10.45
N ALA A 61 1.44 -6.65 -9.47
CA ALA A 61 2.25 -7.50 -8.60
C ALA A 61 1.45 -8.76 -8.24
N TYR A 62 0.14 -8.58 -8.14
CA TYR A 62 -0.73 -9.69 -7.79
C TYR A 62 -0.82 -10.69 -8.94
N GLN A 63 0.14 -11.60 -8.97
CA GLN A 63 0.18 -12.62 -10.00
C GLN A 63 0.44 -11.97 -11.37
N LEU A 64 1.05 -10.80 -11.33
CA LEU A 64 1.36 -10.08 -12.55
C LEU A 64 0.08 -9.49 -13.13
N SER A 65 0.26 -8.64 -14.13
CA SER A 65 -0.88 -8.01 -14.78
C SER A 65 -1.08 -8.60 -16.17
N GLN A 66 -0.05 -9.29 -16.64
CA GLN A 66 -0.12 -9.92 -17.95
C GLN A 66 -0.42 -11.41 -17.82
N ASP A 67 0.47 -12.11 -17.12
CA ASP A 67 0.30 -13.54 -16.92
C ASP A 67 -1.17 -13.84 -16.65
N PRO A 68 -1.79 -14.58 -17.61
CA PRO A 68 -3.19 -14.94 -17.48
C PRO A 68 -3.38 -16.06 -16.46
N ARG A 69 -2.46 -17.02 -16.50
CA ARG A 69 -2.52 -18.14 -15.58
C ARG A 69 -2.40 -17.66 -14.14
N ASN A 70 -1.22 -17.20 -13.79
CA ASN A 70 -0.97 -16.71 -12.44
C ASN A 70 -2.14 -15.83 -12.00
N VAL A 71 -2.46 -14.86 -12.85
CA VAL A 71 -3.55 -13.96 -12.56
C VAL A 71 -4.76 -14.75 -12.06
N TRP A 72 -5.10 -15.79 -12.81
CA TRP A 72 -6.22 -16.64 -12.45
C TRP A 72 -6.03 -17.11 -11.01
N VAL A 73 -4.81 -17.57 -10.74
CA VAL A 73 -4.47 -18.05 -9.41
C VAL A 73 -4.70 -16.93 -8.39
N PHE A 74 -4.45 -15.71 -8.84
CA PHE A 74 -4.62 -14.55 -7.98
C PHE A 74 -6.11 -14.24 -7.77
N LEU A 75 -6.91 -14.65 -8.74
CA LEU A 75 -8.34 -14.42 -8.68
C LEU A 75 -8.95 -15.35 -7.62
N ALA A 76 -8.74 -16.64 -7.81
CA ALA A 76 -9.26 -17.63 -6.89
C ALA A 76 -8.62 -17.42 -5.51
N THR A 77 -7.38 -16.97 -5.54
CA THR A 77 -6.65 -16.73 -4.31
C THR A 77 -7.35 -15.67 -3.47
N SER A 78 -7.37 -14.45 -4.00
CA SER A 78 -8.02 -13.35 -3.31
C SER A 78 -9.41 -13.77 -2.83
N GLY A 79 -10.13 -14.43 -3.73
CA GLY A 79 -11.48 -14.89 -3.41
C GLY A 79 -11.48 -15.77 -2.15
N THR A 80 -10.75 -16.86 -2.23
CA THR A 80 -10.66 -17.79 -1.12
C THR A 80 -10.02 -17.11 0.09
N LEU A 81 -9.36 -15.99 -0.18
CA LEU A 81 -8.70 -15.23 0.87
C LEU A 81 -9.73 -14.35 1.57
N ALA A 82 -10.74 -13.95 0.81
CA ALA A 82 -11.79 -13.10 1.34
C ALA A 82 -12.81 -13.97 2.10
N GLY A 83 -12.94 -15.21 1.64
CA GLY A 83 -13.86 -16.14 2.27
C GLY A 83 -13.19 -16.88 3.43
N ILE A 84 -12.07 -17.50 3.12
CA ILE A 84 -11.32 -18.24 4.13
C ILE A 84 -10.26 -17.32 4.75
N MET A 85 -9.38 -16.82 3.89
CA MET A 85 -8.32 -15.93 4.35
C MET A 85 -7.14 -16.73 4.89
N GLY A 86 -5.98 -16.50 4.28
CA GLY A 86 -4.77 -17.18 4.69
C GLY A 86 -4.48 -16.96 6.18
N MET A 87 -3.43 -16.20 6.44
CA MET A 87 -3.04 -15.90 7.80
C MET A 87 -3.48 -14.48 8.21
N ARG A 88 -2.75 -13.51 7.69
CA ARG A 88 -3.06 -12.12 7.98
C ARG A 88 -3.06 -11.29 6.69
N PHE A 89 -4.25 -10.87 6.30
CA PHE A 89 -4.40 -10.08 5.09
C PHE A 89 -5.87 -9.73 4.84
N TYR A 90 -6.08 -8.81 3.92
CA TYR A 90 -7.41 -8.37 3.58
C TYR A 90 -8.03 -7.55 4.72
N HIS A 91 -8.10 -8.18 5.89
CA HIS A 91 -8.65 -7.53 7.05
C HIS A 91 -7.95 -6.20 7.29
N SER A 92 -6.83 -6.28 7.99
CA SER A 92 -6.04 -5.09 8.29
C SER A 92 -5.07 -5.38 9.44
N GLY A 93 -5.48 -6.31 10.29
CA GLY A 93 -4.65 -6.68 11.43
C GLY A 93 -4.78 -5.65 12.56
N LYS A 94 -3.99 -4.60 12.45
CA LYS A 94 -4.00 -3.54 13.44
C LYS A 94 -3.03 -2.44 13.02
N PHE A 95 -1.78 -2.85 12.84
CA PHE A 95 -0.73 -1.91 12.44
C PHE A 95 0.61 -2.61 12.33
N MET A 96 0.85 -3.53 13.26
CA MET A 96 2.10 -4.27 13.27
C MET A 96 2.53 -4.65 11.85
N PRO A 97 1.60 -5.32 11.12
CA PRO A 97 1.87 -5.73 9.75
C PRO A 97 1.83 -4.54 8.80
N ALA A 98 0.94 -3.60 9.11
CA ALA A 98 0.79 -2.41 8.29
C ALA A 98 -0.10 -1.40 9.03
N GLY A 99 0.48 -0.25 9.31
CA GLY A 99 -0.25 0.80 10.00
C GLY A 99 -1.35 1.39 9.11
N LEU A 100 -2.24 0.51 8.68
CA LEU A 100 -3.35 0.92 7.82
C LEU A 100 -4.34 1.74 8.64
N ILE A 101 -5.01 1.05 9.54
CA ILE A 101 -6.00 1.70 10.40
C ILE A 101 -5.30 2.73 11.29
N ALA A 102 -4.13 2.35 11.77
CA ALA A 102 -3.35 3.23 12.63
C ALA A 102 -2.91 4.46 11.83
N GLY A 103 -2.00 4.22 10.89
CA GLY A 103 -1.50 5.30 10.06
C GLY A 103 -2.65 6.14 9.50
N ALA A 104 -3.62 5.46 8.93
CA ALA A 104 -4.78 6.13 8.36
C ALA A 104 -5.32 7.15 9.37
N SER A 105 -5.70 6.64 10.53
CA SER A 105 -6.24 7.49 11.58
C SER A 105 -5.27 8.63 11.87
N LEU A 106 -4.00 8.35 11.66
CA LEU A 106 -2.97 9.35 11.89
C LEU A 106 -3.02 10.41 10.79
N LEU A 107 -3.30 9.94 9.58
CA LEU A 107 -3.39 10.83 8.44
C LEU A 107 -4.61 11.74 8.60
N MET A 108 -5.75 11.11 8.86
CA MET A 108 -6.99 11.84 9.03
C MET A 108 -6.86 12.88 10.16
N VAL A 109 -6.25 12.44 11.25
CA VAL A 109 -6.06 13.30 12.39
C VAL A 109 -5.24 14.53 11.97
N ALA A 110 -4.17 14.25 11.25
CA ALA A 110 -3.29 15.31 10.78
C ALA A 110 -4.04 16.17 9.75
N LYS A 111 -4.96 15.53 9.04
CA LYS A 111 -5.74 16.21 8.03
C LYS A 111 -6.59 17.29 8.70
N VAL A 112 -7.22 16.92 9.80
CA VAL A 112 -8.06 17.85 10.54
C VAL A 112 -7.17 18.87 11.25
N GLY A 113 -5.98 18.43 11.62
CA GLY A 113 -5.04 19.29 12.31
C GLY A 113 -4.58 20.43 11.39
N VAL A 114 -4.23 20.06 10.17
CA VAL A 114 -3.77 21.03 9.19
C VAL A 114 -4.95 21.89 8.74
N SER A 115 -4.81 22.47 7.56
CA SER A 115 -5.86 23.31 7.00
C SER A 115 -6.33 22.74 5.66
N MET A 116 -7.32 23.42 5.09
CA MET A 116 -7.86 23.00 3.81
C MET A 116 -8.85 21.84 3.98
N PHE A 117 -8.30 20.68 4.29
CA PHE A 117 -9.11 19.49 4.48
C PHE A 117 -9.80 19.52 5.85
N ASN A 118 -11.05 19.07 5.85
CA ASN A 118 -11.83 19.04 7.09
C ASN A 118 -12.80 17.86 7.03
N ARG A 119 -13.61 17.85 5.98
CA ARG A 119 -14.60 16.80 5.81
C ARG A 119 -15.39 17.02 4.52
N PRO A 120 -15.78 15.89 3.88
CA PRO A 120 -16.54 15.95 2.64
C PRO A 120 -18.00 16.34 2.92
N HIS A 121 -18.23 17.64 2.96
CA HIS A 121 -19.57 18.16 3.20
C HIS A 121 -20.43 17.97 1.95
N MET A 10 7.54 -11.53 20.94
CA MET A 10 7.10 -12.78 20.35
C MET A 10 6.46 -12.55 18.98
N GLN A 11 7.28 -12.69 17.95
CA GLN A 11 6.81 -12.49 16.59
C GLN A 11 7.22 -13.69 15.72
N ASP A 12 6.71 -13.69 14.50
CA ASP A 12 7.01 -14.76 13.56
C ASP A 12 6.33 -14.46 12.22
N THR A 13 6.82 -15.13 11.18
CA THR A 13 6.27 -14.95 9.85
C THR A 13 6.28 -13.47 9.47
N SER A 14 5.98 -13.21 8.21
CA SER A 14 5.94 -11.84 7.71
C SER A 14 4.68 -11.14 8.20
N SER A 15 4.54 -11.11 9.52
CA SER A 15 3.39 -10.47 10.13
C SER A 15 3.47 -8.95 9.94
N VAL A 16 4.65 -8.50 9.54
CA VAL A 16 4.87 -7.08 9.31
C VAL A 16 5.06 -6.83 7.83
N VAL A 17 5.98 -7.58 7.24
CA VAL A 17 6.28 -7.45 5.83
C VAL A 17 7.35 -8.46 5.42
N PRO A 18 7.18 -9.04 4.21
CA PRO A 18 8.12 -10.02 3.71
C PRO A 18 9.42 -9.36 3.24
N LEU A 19 10.33 -10.19 2.75
CA LEU A 19 11.61 -9.70 2.28
C LEU A 19 11.39 -8.79 1.06
N HIS A 20 11.10 -9.44 -0.07
CA HIS A 20 10.87 -8.71 -1.30
C HIS A 20 10.23 -7.36 -0.99
N TRP A 21 9.04 -7.43 -0.41
CA TRP A 21 8.31 -6.22 -0.05
C TRP A 21 9.30 -5.25 0.59
N PHE A 22 9.92 -5.70 1.67
CA PHE A 22 10.87 -4.89 2.38
C PHE A 22 11.77 -4.11 1.41
N GLY A 23 12.24 -4.82 0.40
CA GLY A 23 13.10 -4.21 -0.60
C GLY A 23 12.39 -3.07 -1.32
N PHE A 24 11.16 -3.34 -1.72
CA PHE A 24 10.36 -2.34 -2.41
C PHE A 24 10.05 -1.15 -1.49
N GLY A 25 9.64 -1.48 -0.28
CA GLY A 25 9.31 -0.45 0.70
C GLY A 25 10.54 0.40 1.04
N TYR A 26 11.67 -0.27 1.13
CA TYR A 26 12.92 0.40 1.44
C TYR A 26 13.27 1.44 0.39
N ALA A 27 13.34 0.98 -0.85
CA ALA A 27 13.66 1.85 -1.97
C ALA A 27 12.58 2.92 -2.10
N ALA A 28 11.35 2.52 -1.78
CA ALA A 28 10.23 3.43 -1.84
C ALA A 28 10.33 4.47 -0.71
N LEU A 29 11.00 4.05 0.35
CA LEU A 29 11.18 4.92 1.50
C LEU A 29 12.17 6.03 1.15
N VAL A 30 13.37 5.62 0.78
CA VAL A 30 14.41 6.57 0.41
C VAL A 30 13.86 7.53 -0.64
N ALA A 31 13.31 6.95 -1.70
CA ALA A 31 12.75 7.73 -2.78
C ALA A 31 11.63 8.62 -2.24
N SER A 32 10.74 8.00 -1.47
CA SER A 32 9.62 8.71 -0.89
C SER A 32 10.13 9.93 -0.11
N GLY A 33 10.55 9.67 1.12
CA GLY A 33 11.05 10.73 1.97
C GLY A 33 12.01 11.65 1.19
N GLY A 34 12.63 11.09 0.17
CA GLY A 34 13.56 11.84 -0.65
C GLY A 34 12.87 13.04 -1.30
N ILE A 35 12.12 12.74 -2.36
CA ILE A 35 11.40 13.78 -3.08
C ILE A 35 10.28 14.32 -2.19
N ILE A 36 9.55 13.41 -1.59
CA ILE A 36 8.44 13.78 -0.71
C ILE A 36 8.96 14.71 0.37
N GLY A 37 10.23 14.54 0.71
CA GLY A 37 10.86 15.36 1.73
C GLY A 37 11.23 16.74 1.19
N TYR A 38 12.29 16.75 0.39
CA TYR A 38 12.77 17.99 -0.20
C TYR A 38 11.60 18.79 -0.79
N VAL A 39 10.70 18.09 -1.45
CA VAL A 39 9.55 18.71 -2.06
C VAL A 39 8.45 18.88 -1.01
N LYS A 40 8.46 17.98 -0.03
CA LYS A 40 7.48 18.01 1.03
C LYS A 40 6.21 17.29 0.57
N ALA A 41 5.64 17.79 -0.51
CA ALA A 41 4.43 17.20 -1.05
C ALA A 41 3.71 18.23 -1.92
N GLY A 42 2.98 17.73 -2.91
CA GLY A 42 2.24 18.59 -3.80
C GLY A 42 2.63 18.33 -5.26
N SER A 43 3.46 17.31 -5.45
CA SER A 43 3.91 16.94 -6.78
C SER A 43 2.74 16.37 -7.58
N VAL A 44 2.52 16.97 -8.74
CA VAL A 44 1.44 16.54 -9.61
C VAL A 44 1.87 15.28 -10.37
N PRO A 45 3.17 15.28 -10.81
CA PRO A 45 3.72 14.15 -11.53
C PRO A 45 4.01 12.99 -10.59
N SER A 46 4.62 13.32 -9.46
CA SER A 46 4.96 12.31 -8.46
C SER A 46 3.71 11.52 -8.07
N LEU A 47 2.71 12.25 -7.62
CA LEU A 47 1.46 11.63 -7.20
C LEU A 47 0.90 10.79 -8.35
N ALA A 48 0.86 11.40 -9.53
CA ALA A 48 0.36 10.72 -10.71
C ALA A 48 1.14 9.42 -10.91
N ALA A 49 2.41 9.47 -10.53
CA ALA A 49 3.27 8.30 -10.66
C ALA A 49 2.85 7.24 -9.63
N GLY A 50 2.42 7.73 -8.47
CA GLY A 50 1.99 6.85 -7.40
C GLY A 50 0.70 6.11 -7.79
N LEU A 51 -0.14 6.81 -8.54
CA LEU A 51 -1.40 6.23 -8.97
C LEU A 51 -1.13 5.13 -9.99
N LEU A 52 -0.47 5.52 -11.08
CA LEU A 52 -0.15 4.57 -12.13
C LEU A 52 0.51 3.33 -11.52
N PHE A 53 1.68 3.55 -10.93
CA PHE A 53 2.42 2.46 -10.30
C PHE A 53 1.65 1.90 -9.11
N GLY A 54 0.70 2.69 -8.63
CA GLY A 54 -0.10 2.29 -7.49
C GLY A 54 -0.89 1.02 -7.80
N SER A 55 -1.89 1.18 -8.66
CA SER A 55 -2.74 0.06 -9.05
C SER A 55 -1.90 -0.98 -9.82
N LEU A 56 -0.97 -0.47 -10.60
CA LEU A 56 -0.11 -1.33 -11.39
C LEU A 56 0.68 -2.27 -10.45
N ALA A 57 1.16 -1.68 -9.36
CA ALA A 57 1.92 -2.44 -8.38
C ALA A 57 1.01 -3.49 -7.74
N GLY A 58 -0.10 -3.02 -7.20
CA GLY A 58 -1.06 -3.90 -6.56
C GLY A 58 -1.58 -4.96 -7.55
N LEU A 59 -2.45 -4.52 -8.44
CA LEU A 59 -3.02 -5.40 -9.43
C LEU A 59 -1.91 -6.22 -10.09
N GLY A 60 -0.95 -5.50 -10.66
CA GLY A 60 0.17 -6.15 -11.32
C GLY A 60 0.76 -7.25 -10.44
N ALA A 61 1.38 -6.82 -9.35
CA ALA A 61 2.00 -7.75 -8.42
C ALA A 61 1.07 -8.96 -8.24
N TYR A 62 -0.22 -8.70 -8.35
CA TYR A 62 -1.22 -9.75 -8.20
C TYR A 62 -1.97 -9.99 -9.52
N GLN A 63 -1.19 -10.10 -10.58
CA GLN A 63 -1.77 -10.32 -11.90
C GLN A 63 -0.66 -10.56 -12.93
N LEU A 64 0.41 -9.79 -12.78
CA LEU A 64 1.55 -9.90 -13.68
C LEU A 64 1.27 -9.09 -14.94
N SER A 65 0.12 -8.43 -14.94
CA SER A 65 -0.28 -7.61 -16.07
C SER A 65 0.15 -8.28 -17.38
N GLN A 66 0.15 -9.60 -17.36
CA GLN A 66 0.54 -10.37 -18.53
C GLN A 66 -0.11 -11.76 -18.49
N ASP A 67 0.57 -12.68 -17.82
CA ASP A 67 0.08 -14.03 -17.70
C ASP A 67 -1.35 -14.01 -17.17
N PRO A 68 -2.29 -14.48 -18.04
CA PRO A 68 -3.70 -14.52 -17.67
C PRO A 68 -3.98 -15.65 -16.69
N ARG A 69 -3.23 -16.74 -16.85
CA ARG A 69 -3.39 -17.89 -15.99
C ARG A 69 -3.08 -17.52 -14.53
N ASN A 70 -1.81 -17.23 -14.28
CA ASN A 70 -1.37 -16.87 -12.95
C ASN A 70 -2.42 -15.97 -12.30
N VAL A 71 -2.56 -14.77 -12.87
CA VAL A 71 -3.52 -13.82 -12.35
C VAL A 71 -4.81 -14.54 -11.98
N TRP A 72 -5.27 -15.39 -12.89
CA TRP A 72 -6.49 -16.14 -12.67
C TRP A 72 -6.39 -16.79 -11.28
N VAL A 73 -5.31 -17.53 -11.08
CA VAL A 73 -5.09 -18.20 -9.80
C VAL A 73 -5.21 -17.18 -8.67
N PHE A 74 -4.72 -15.98 -8.94
CA PHE A 74 -4.76 -14.91 -7.95
C PHE A 74 -6.19 -14.41 -7.75
N LEU A 75 -6.96 -14.46 -8.83
CA LEU A 75 -8.34 -14.02 -8.79
C LEU A 75 -9.18 -15.05 -8.03
N ALA A 76 -8.71 -16.28 -8.07
CA ALA A 76 -9.41 -17.37 -7.39
C ALA A 76 -9.14 -17.27 -5.89
N THR A 77 -7.86 -17.30 -5.55
CA THR A 77 -7.45 -17.22 -4.15
C THR A 77 -8.15 -16.04 -3.46
N SER A 78 -7.95 -14.86 -4.04
CA SER A 78 -8.54 -13.65 -3.48
C SER A 78 -10.04 -13.63 -3.79
N GLY A 79 -10.41 -14.36 -4.84
CA GLY A 79 -11.81 -14.42 -5.24
C GLY A 79 -12.67 -15.02 -4.13
N THR A 80 -12.13 -16.06 -3.51
CA THR A 80 -12.85 -16.74 -2.43
C THR A 80 -12.59 -16.03 -1.09
N LEU A 81 -11.31 -15.79 -0.82
CA LEU A 81 -10.92 -15.12 0.41
C LEU A 81 -11.71 -13.82 0.54
N ALA A 82 -11.79 -13.08 -0.55
CA ALA A 82 -12.51 -11.82 -0.56
C ALA A 82 -14.00 -12.09 -0.81
N GLY A 83 -14.24 -13.08 -1.66
CA GLY A 83 -15.62 -13.45 -2.00
C GLY A 83 -16.47 -13.57 -0.74
N ILE A 84 -15.94 -14.26 0.25
CA ILE A 84 -16.65 -14.46 1.50
C ILE A 84 -17.29 -13.14 1.93
N MET A 85 -16.62 -12.04 1.58
CA MET A 85 -17.12 -10.73 1.91
C MET A 85 -17.26 -9.85 0.67
N GLY A 86 -17.54 -8.59 0.90
CA GLY A 86 -17.70 -7.63 -0.20
C GLY A 86 -16.34 -7.23 -0.76
N MET A 87 -16.31 -6.05 -1.37
CA MET A 87 -15.09 -5.54 -1.96
C MET A 87 -14.23 -4.83 -0.91
N ARG A 88 -13.31 -5.59 -0.34
CA ARG A 88 -12.41 -5.04 0.68
C ARG A 88 -11.04 -5.73 0.59
N PHE A 89 -11.04 -7.02 0.85
CA PHE A 89 -9.81 -7.79 0.81
C PHE A 89 -8.76 -7.21 1.75
N TYR A 90 -7.73 -7.99 2.01
CA TYR A 90 -6.66 -7.56 2.90
C TYR A 90 -7.20 -7.23 4.29
N HIS A 91 -6.82 -8.05 5.25
CA HIS A 91 -7.25 -7.84 6.62
C HIS A 91 -6.85 -6.45 7.10
N SER A 92 -7.00 -6.22 8.39
CA SER A 92 -6.67 -4.94 8.98
C SER A 92 -6.96 -4.95 10.48
N GLY A 93 -6.27 -5.85 11.17
CA GLY A 93 -6.44 -5.97 12.62
C GLY A 93 -5.18 -6.52 13.28
N LYS A 94 -4.26 -5.62 13.59
CA LYS A 94 -3.01 -5.99 14.22
C LYS A 94 -2.05 -4.81 14.17
N PHE A 95 -2.18 -4.01 13.12
CA PHE A 95 -1.32 -2.85 12.95
C PHE A 95 0.15 -3.26 12.93
N MET A 96 0.38 -4.55 12.78
CA MET A 96 1.73 -5.08 12.75
C MET A 96 2.46 -4.65 11.47
N PRO A 97 1.78 -4.91 10.32
CA PRO A 97 2.35 -4.55 9.03
C PRO A 97 2.26 -3.05 8.78
N ALA A 98 3.26 -2.34 9.28
CA ALA A 98 3.30 -0.89 9.13
C ALA A 98 2.21 -0.26 9.99
N GLY A 99 0.98 -0.42 9.54
CA GLY A 99 -0.16 0.13 10.26
C GLY A 99 -1.08 0.90 9.31
N LEU A 100 -1.97 0.16 8.67
CA LEU A 100 -2.91 0.77 7.73
C LEU A 100 -3.96 1.56 8.52
N ILE A 101 -4.71 0.84 9.33
CA ILE A 101 -5.75 1.45 10.14
C ILE A 101 -5.12 2.48 11.06
N ALA A 102 -3.99 2.11 11.64
CA ALA A 102 -3.28 3.00 12.55
C ALA A 102 -2.90 4.28 11.81
N GLY A 103 -1.91 4.15 10.93
CA GLY A 103 -1.43 5.28 10.16
C GLY A 103 -2.60 6.07 9.59
N ALA A 104 -3.55 5.35 9.01
CA ALA A 104 -4.73 5.97 8.43
C ALA A 104 -5.29 7.01 9.41
N SER A 105 -5.73 6.51 10.55
CA SER A 105 -6.29 7.38 11.58
C SER A 105 -5.30 8.50 11.91
N LEU A 106 -4.03 8.20 11.74
CA LEU A 106 -2.98 9.18 12.01
C LEU A 106 -3.06 10.30 10.98
N LEU A 107 -3.31 9.90 9.74
CA LEU A 107 -3.40 10.86 8.65
C LEU A 107 -4.65 11.72 8.84
N MET A 108 -5.75 11.04 9.16
CA MET A 108 -7.02 11.72 9.37
C MET A 108 -6.87 12.83 10.41
N VAL A 109 -6.37 12.46 11.57
CA VAL A 109 -6.18 13.41 12.65
C VAL A 109 -5.26 14.54 12.18
N ALA A 110 -4.20 14.14 11.49
CA ALA A 110 -3.24 15.10 10.98
C ALA A 110 -3.98 16.14 10.12
N LYS A 111 -4.79 15.63 9.22
CA LYS A 111 -5.56 16.50 8.33
C LYS A 111 -6.38 17.48 9.17
N VAL A 112 -7.06 16.94 10.16
CA VAL A 112 -7.89 17.74 11.04
C VAL A 112 -7.05 18.91 11.58
N GLY A 113 -5.83 18.58 11.98
CA GLY A 113 -4.93 19.59 12.52
C GLY A 113 -4.51 20.58 11.44
N VAL A 114 -3.61 20.13 10.59
CA VAL A 114 -3.12 20.97 9.51
C VAL A 114 -4.31 21.58 8.75
N SER A 115 -4.01 22.60 7.96
CA SER A 115 -5.04 23.27 7.19
C SER A 115 -5.19 22.59 5.83
N MET A 116 -6.31 21.89 5.68
CA MET A 116 -6.59 21.19 4.44
C MET A 116 -7.88 21.72 3.79
N PHE A 117 -8.20 21.15 2.64
CA PHE A 117 -9.39 21.55 1.91
C PHE A 117 -10.66 21.05 2.61
N ASN A 118 -10.60 19.79 3.04
CA ASN A 118 -11.73 19.18 3.71
C ASN A 118 -12.98 19.32 2.84
N ARG A 119 -14.11 18.90 3.41
CA ARG A 119 -15.37 18.97 2.69
C ARG A 119 -15.34 18.05 1.47
N PRO A 120 -16.06 16.89 1.59
CA PRO A 120 -16.12 15.94 0.51
C PRO A 120 -17.05 16.42 -0.60
N HIS A 121 -17.91 17.36 -0.25
CA HIS A 121 -18.84 17.92 -1.20
C HIS A 121 -18.31 19.25 -1.73
N MET A 10 7.86 -10.15 21.27
CA MET A 10 8.13 -11.27 20.38
C MET A 10 7.60 -10.98 18.98
N GLN A 11 8.27 -11.58 18.00
CA GLN A 11 7.87 -11.41 16.61
C GLN A 11 8.40 -12.58 15.76
N ASP A 12 7.63 -12.90 14.73
CA ASP A 12 8.00 -13.98 13.84
C ASP A 12 7.44 -13.70 12.45
N THR A 13 7.96 -14.45 11.47
CA THR A 13 7.51 -14.29 10.10
C THR A 13 7.46 -12.80 9.72
N SER A 14 6.90 -12.55 8.55
CA SER A 14 6.78 -11.19 8.06
C SER A 14 5.38 -10.65 8.34
N SER A 15 5.33 -9.45 8.90
CA SER A 15 4.07 -8.82 9.23
C SER A 15 3.37 -8.35 7.95
N VAL A 16 3.10 -9.31 7.08
CA VAL A 16 2.45 -9.01 5.81
C VAL A 16 3.40 -8.19 4.93
N VAL A 17 4.55 -8.77 4.66
CA VAL A 17 5.55 -8.10 3.83
C VAL A 17 6.72 -9.04 3.60
N PRO A 18 6.86 -9.46 2.30
CA PRO A 18 7.94 -10.36 1.93
C PRO A 18 9.29 -9.62 1.88
N LEU A 19 10.35 -10.41 1.88
CA LEU A 19 11.69 -9.85 1.84
C LEU A 19 11.76 -8.81 0.72
N HIS A 20 11.62 -9.29 -0.51
CA HIS A 20 11.67 -8.41 -1.67
C HIS A 20 10.97 -7.09 -1.34
N TRP A 21 9.67 -7.19 -1.10
CA TRP A 21 8.88 -6.01 -0.78
C TRP A 21 9.66 -5.18 0.24
N PHE A 22 10.12 -5.86 1.28
CA PHE A 22 10.89 -5.20 2.33
C PHE A 22 11.94 -4.27 1.73
N GLY A 23 12.69 -4.81 0.79
CA GLY A 23 13.73 -4.04 0.12
C GLY A 23 13.14 -2.86 -0.65
N PHE A 24 11.98 -3.11 -1.25
CA PHE A 24 11.31 -2.08 -2.03
C PHE A 24 10.76 -0.98 -1.12
N GLY A 25 10.38 -1.38 0.09
CA GLY A 25 9.83 -0.46 1.05
C GLY A 25 10.93 0.48 1.59
N TYR A 26 12.04 -0.14 1.95
CA TYR A 26 13.16 0.62 2.49
C TYR A 26 13.70 1.61 1.45
N ALA A 27 13.98 1.08 0.26
CA ALA A 27 14.49 1.91 -0.82
C ALA A 27 13.45 2.96 -1.20
N ALA A 28 12.19 2.54 -1.13
CA ALA A 28 11.09 3.42 -1.47
C ALA A 28 10.93 4.47 -0.36
N LEU A 29 11.41 4.12 0.82
CA LEU A 29 11.32 5.01 1.96
C LEU A 29 12.32 6.16 1.78
N VAL A 30 13.57 5.79 1.58
CA VAL A 30 14.62 6.77 1.38
C VAL A 30 14.27 7.67 0.21
N ALA A 31 13.88 7.03 -0.89
CA ALA A 31 13.51 7.77 -2.09
C ALA A 31 12.28 8.63 -1.79
N SER A 32 11.21 7.97 -1.40
CA SER A 32 9.97 8.66 -1.08
C SER A 32 10.26 9.87 -0.20
N GLY A 33 10.68 9.59 1.02
CA GLY A 33 10.99 10.65 1.97
C GLY A 33 12.00 11.63 1.38
N GLY A 34 12.80 11.13 0.45
CA GLY A 34 13.81 11.95 -0.20
C GLY A 34 13.16 13.11 -0.96
N ILE A 35 12.52 12.76 -2.06
CA ILE A 35 11.85 13.75 -2.89
C ILE A 35 10.69 14.37 -2.10
N ILE A 36 9.87 13.48 -1.55
CA ILE A 36 8.71 13.91 -0.78
C ILE A 36 9.18 14.81 0.37
N GLY A 37 10.45 14.63 0.73
CA GLY A 37 11.02 15.42 1.82
C GLY A 37 11.34 16.84 1.35
N TYR A 38 12.41 16.94 0.57
CA TYR A 38 12.83 18.24 0.05
C TYR A 38 11.66 18.98 -0.60
N VAL A 39 10.84 18.22 -1.31
CA VAL A 39 9.68 18.78 -1.99
C VAL A 39 8.53 18.90 -1.00
N LYS A 40 8.57 18.04 0.01
CA LYS A 40 7.54 18.04 1.04
C LYS A 40 6.39 17.13 0.58
N ALA A 41 5.76 17.53 -0.52
CA ALA A 41 4.66 16.76 -1.07
C ALA A 41 3.80 17.68 -1.96
N GLY A 42 4.50 18.45 -2.78
CA GLY A 42 3.83 19.36 -3.69
C GLY A 42 4.07 18.97 -5.14
N SER A 43 4.08 17.67 -5.38
CA SER A 43 4.31 17.15 -6.72
C SER A 43 3.02 17.20 -7.53
N VAL A 44 2.88 16.23 -8.43
CA VAL A 44 1.69 16.15 -9.26
C VAL A 44 1.84 14.97 -10.23
N PRO A 45 2.96 15.01 -11.00
CA PRO A 45 3.23 13.95 -11.96
C PRO A 45 3.70 12.67 -11.27
N SER A 46 4.62 12.85 -10.33
CA SER A 46 5.16 11.72 -9.58
C SER A 46 4.04 11.04 -8.78
N LEU A 47 3.37 11.85 -7.97
CA LEU A 47 2.29 11.35 -7.15
C LEU A 47 1.28 10.59 -8.04
N ALA A 48 0.84 11.28 -9.08
CA ALA A 48 -0.11 10.68 -10.01
C ALA A 48 0.48 9.41 -10.59
N ALA A 49 1.80 9.39 -10.68
CA ALA A 49 2.50 8.23 -11.21
C ALA A 49 2.46 7.09 -10.20
N GLY A 50 2.42 7.48 -8.93
CA GLY A 50 2.37 6.50 -7.85
C GLY A 50 0.98 5.87 -7.74
N LEU A 51 -0.03 6.67 -8.04
CA LEU A 51 -1.40 6.21 -7.98
C LEU A 51 -1.65 5.22 -9.12
N LEU A 52 -1.42 5.70 -10.34
CA LEU A 52 -1.62 4.87 -11.52
C LEU A 52 -0.77 3.61 -11.39
N PHE A 53 0.53 3.82 -11.23
CA PHE A 53 1.46 2.71 -11.09
C PHE A 53 1.16 1.89 -9.83
N GLY A 54 0.51 2.54 -8.88
CA GLY A 54 0.16 1.89 -7.63
C GLY A 54 -0.81 0.73 -7.87
N SER A 55 -1.94 1.06 -8.47
CA SER A 55 -2.96 0.06 -8.76
C SER A 55 -2.40 -0.97 -9.74
N LEU A 56 -1.78 -0.46 -10.80
CA LEU A 56 -1.20 -1.33 -11.81
C LEU A 56 -0.31 -2.37 -11.14
N ALA A 57 0.42 -1.92 -10.13
CA ALA A 57 1.32 -2.80 -9.40
C ALA A 57 0.48 -3.79 -8.57
N GLY A 58 -0.20 -3.25 -7.59
CA GLY A 58 -1.04 -4.06 -6.71
C GLY A 58 -1.90 -5.03 -7.53
N LEU A 59 -2.81 -4.46 -8.31
CA LEU A 59 -3.70 -5.26 -9.14
C LEU A 59 -2.86 -6.17 -10.03
N GLY A 60 -2.05 -5.54 -10.87
CA GLY A 60 -1.19 -6.29 -11.79
C GLY A 60 -0.60 -7.52 -11.11
N ALA A 61 0.39 -7.27 -10.26
CA ALA A 61 1.06 -8.35 -9.54
C ALA A 61 0.01 -9.38 -9.11
N TYR A 62 -1.15 -8.87 -8.72
CA TYR A 62 -2.24 -9.74 -8.29
C TYR A 62 -3.32 -9.83 -9.35
N GLN A 63 -2.94 -10.39 -10.50
CA GLN A 63 -3.87 -10.55 -11.60
C GLN A 63 -3.11 -10.72 -12.92
N LEU A 64 -2.29 -9.72 -13.23
CA LEU A 64 -1.50 -9.75 -14.45
C LEU A 64 -0.44 -8.66 -14.39
N SER A 65 -0.28 -7.96 -15.51
CA SER A 65 0.70 -6.90 -15.60
C SER A 65 1.96 -7.28 -14.82
N GLN A 66 2.35 -8.53 -14.95
CA GLN A 66 3.54 -9.02 -14.27
C GLN A 66 3.50 -10.55 -14.20
N ASP A 67 3.95 -11.18 -15.27
CA ASP A 67 3.98 -12.63 -15.34
C ASP A 67 2.56 -13.17 -15.23
N PRO A 68 2.16 -13.96 -16.26
CA PRO A 68 0.83 -14.53 -16.30
C PRO A 68 0.72 -15.71 -15.32
N ARG A 69 1.83 -16.43 -15.19
CA ARG A 69 1.88 -17.57 -14.29
C ARG A 69 1.73 -17.11 -12.84
N ASN A 70 2.76 -16.43 -12.37
CA ASN A 70 2.77 -15.93 -11.00
C ASN A 70 1.37 -15.43 -10.65
N VAL A 71 0.95 -14.38 -11.35
CA VAL A 71 -0.35 -13.79 -11.12
C VAL A 71 -1.39 -14.91 -10.96
N TRP A 72 -1.34 -15.85 -11.89
CA TRP A 72 -2.26 -16.98 -11.87
C TRP A 72 -2.27 -17.55 -10.45
N VAL A 73 -1.08 -17.84 -9.96
CA VAL A 73 -0.94 -18.40 -8.62
C VAL A 73 -1.65 -17.48 -7.61
N PHE A 74 -1.52 -16.18 -7.85
CA PHE A 74 -2.14 -15.19 -6.99
C PHE A 74 -3.65 -15.15 -7.20
N LEU A 75 -4.05 -15.55 -8.40
CA LEU A 75 -5.47 -15.56 -8.74
C LEU A 75 -6.19 -16.62 -7.91
N ALA A 76 -5.60 -17.80 -7.87
CA ALA A 76 -6.17 -18.91 -7.13
C ALA A 76 -5.98 -18.65 -5.63
N THR A 77 -4.84 -18.05 -5.29
CA THR A 77 -4.54 -17.74 -3.91
C THR A 77 -5.63 -16.87 -3.30
N SER A 78 -5.67 -15.62 -3.77
CA SER A 78 -6.67 -14.68 -3.28
C SER A 78 -8.06 -15.06 -3.79
N GLY A 79 -8.07 -15.83 -4.87
CA GLY A 79 -9.31 -16.28 -5.46
C GLY A 79 -10.17 -17.05 -4.44
N THR A 80 -9.59 -18.13 -3.93
CA THR A 80 -10.28 -18.95 -2.96
C THR A 80 -10.17 -18.33 -1.56
N LEU A 81 -8.95 -17.93 -1.23
CA LEU A 81 -8.69 -17.32 0.07
C LEU A 81 -9.80 -16.32 0.38
N ALA A 82 -9.95 -15.34 -0.50
CA ALA A 82 -10.95 -14.31 -0.33
C ALA A 82 -12.31 -14.85 -0.81
N GLY A 83 -12.24 -15.70 -1.83
CA GLY A 83 -13.45 -16.29 -2.38
C GLY A 83 -14.36 -16.82 -1.28
N ILE A 84 -13.73 -17.37 -0.25
CA ILE A 84 -14.48 -17.93 0.87
C ILE A 84 -15.50 -16.89 1.36
N MET A 85 -15.07 -15.64 1.36
CA MET A 85 -15.94 -14.56 1.78
C MET A 85 -15.54 -13.23 1.12
N GLY A 86 -16.40 -12.76 0.25
CA GLY A 86 -16.15 -11.52 -0.46
C GLY A 86 -16.34 -10.32 0.47
N MET A 87 -16.88 -9.24 -0.09
CA MET A 87 -17.11 -8.04 0.67
C MET A 87 -15.85 -7.58 1.39
N ARG A 88 -15.18 -6.60 0.80
CA ARG A 88 -13.96 -6.08 1.38
C ARG A 88 -12.81 -7.06 1.17
N PHE A 89 -11.60 -6.58 1.46
CA PHE A 89 -10.42 -7.41 1.31
C PHE A 89 -9.27 -6.88 2.17
N TYR A 90 -8.26 -7.73 2.35
CA TYR A 90 -7.10 -7.36 3.14
C TYR A 90 -7.50 -7.09 4.60
N HIS A 91 -6.96 -7.91 5.49
CA HIS A 91 -7.24 -7.77 6.90
C HIS A 91 -6.85 -6.38 7.37
N SER A 92 -6.83 -6.21 8.69
CA SER A 92 -6.48 -4.93 9.28
C SER A 92 -7.06 -4.83 10.70
N GLY A 93 -6.90 -5.92 11.44
CA GLY A 93 -7.38 -5.97 12.80
C GLY A 93 -6.30 -5.52 13.80
N LYS A 94 -5.30 -6.36 13.95
CA LYS A 94 -4.20 -6.06 14.84
C LYS A 94 -2.87 -6.40 14.16
N PHE A 95 -2.65 -5.75 13.03
CA PHE A 95 -1.43 -5.97 12.27
C PHE A 95 -0.66 -4.66 12.09
N MET A 96 0.48 -4.77 11.42
CA MET A 96 1.32 -3.61 11.17
C MET A 96 2.11 -3.77 9.88
N PRO A 97 1.36 -3.79 8.74
CA PRO A 97 1.98 -3.93 7.43
C PRO A 97 2.67 -2.64 7.01
N ALA A 98 2.03 -1.53 7.34
CA ALA A 98 2.56 -0.23 7.00
C ALA A 98 1.65 0.87 7.56
N GLY A 99 1.23 0.66 8.80
CA GLY A 99 0.36 1.62 9.47
C GLY A 99 -0.88 1.89 8.63
N LEU A 100 -1.48 0.82 8.14
CA LEU A 100 -2.68 0.93 7.32
C LEU A 100 -3.76 1.69 8.11
N ILE A 101 -4.22 1.05 9.17
CA ILE A 101 -5.25 1.64 10.01
C ILE A 101 -4.64 2.76 10.85
N ALA A 102 -3.65 2.38 11.65
CA ALA A 102 -2.97 3.34 12.51
C ALA A 102 -2.66 4.60 11.70
N GLY A 103 -1.87 4.41 10.66
CA GLY A 103 -1.49 5.52 9.80
C GLY A 103 -2.72 6.26 9.27
N ALA A 104 -3.65 5.49 8.75
CA ALA A 104 -4.88 6.05 8.21
C ALA A 104 -5.45 7.05 9.20
N SER A 105 -5.70 6.57 10.41
CA SER A 105 -6.25 7.42 11.46
C SER A 105 -5.32 8.60 11.71
N LEU A 106 -4.03 8.35 11.52
CA LEU A 106 -3.03 9.39 11.72
C LEU A 106 -3.16 10.45 10.62
N LEU A 107 -3.63 9.99 9.47
CA LEU A 107 -3.81 10.89 8.34
C LEU A 107 -5.03 11.79 8.59
N MET A 108 -6.15 11.14 8.83
CA MET A 108 -7.39 11.87 9.08
C MET A 108 -7.21 12.89 10.21
N VAL A 109 -6.53 12.43 11.26
CA VAL A 109 -6.28 13.28 12.40
C VAL A 109 -5.41 14.47 11.98
N ALA A 110 -4.28 14.14 11.36
CA ALA A 110 -3.35 15.15 10.89
C ALA A 110 -4.14 16.24 10.14
N LYS A 111 -5.07 15.77 9.32
CA LYS A 111 -5.88 16.68 8.52
C LYS A 111 -6.65 17.62 9.45
N VAL A 112 -7.48 17.01 10.29
CA VAL A 112 -8.28 17.76 11.24
C VAL A 112 -7.39 18.77 11.96
N GLY A 113 -6.12 18.42 12.06
CA GLY A 113 -5.15 19.28 12.74
C GLY A 113 -4.68 20.40 11.80
N VAL A 114 -3.67 20.07 11.00
CA VAL A 114 -3.12 21.03 10.06
C VAL A 114 -2.87 20.33 8.72
N SER A 115 -3.63 20.76 7.72
CA SER A 115 -3.50 20.19 6.39
C SER A 115 -4.58 20.77 5.46
N MET A 116 -4.34 20.62 4.17
CA MET A 116 -5.27 21.13 3.18
C MET A 116 -6.09 19.99 2.56
N PHE A 117 -7.32 19.86 3.04
CA PHE A 117 -8.21 18.82 2.54
C PHE A 117 -9.65 19.10 2.95
N ASN A 118 -9.83 19.39 4.23
CA ASN A 118 -11.15 19.68 4.76
C ASN A 118 -12.05 18.45 4.57
N ARG A 119 -13.01 18.31 5.47
CA ARG A 119 -13.94 17.20 5.40
C ARG A 119 -14.91 17.37 4.23
N PRO A 120 -15.39 16.22 3.71
CA PRO A 120 -16.32 16.24 2.59
C PRO A 120 -17.72 16.66 3.05
N HIS A 121 -18.07 17.90 2.74
CA HIS A 121 -19.37 18.43 3.12
C HIS A 121 -19.51 18.39 4.64
N MET A 10 6.94 -8.42 15.09
CA MET A 10 7.16 -8.10 16.50
C MET A 10 7.89 -9.23 17.22
N GLN A 11 7.29 -10.42 17.15
CA GLN A 11 7.88 -11.58 17.79
C GLN A 11 8.43 -12.54 16.73
N ASP A 12 7.67 -12.70 15.67
CA ASP A 12 8.07 -13.59 14.58
C ASP A 12 8.60 -12.75 13.42
N THR A 13 9.13 -13.45 12.42
CA THR A 13 9.66 -12.78 11.25
C THR A 13 8.65 -11.78 10.69
N SER A 14 9.04 -11.16 9.58
CA SER A 14 8.18 -10.18 8.94
C SER A 14 6.73 -10.66 8.97
N SER A 15 5.85 -9.74 9.36
CA SER A 15 4.44 -10.06 9.45
C SER A 15 4.03 -10.98 8.28
N VAL A 16 4.10 -10.43 7.08
CA VAL A 16 3.75 -11.18 5.90
C VAL A 16 4.67 -10.78 4.75
N VAL A 17 4.75 -9.47 4.52
CA VAL A 17 5.59 -8.94 3.46
C VAL A 17 6.92 -9.71 3.44
N PRO A 18 7.22 -10.30 2.26
CA PRO A 18 8.45 -11.07 2.09
C PRO A 18 9.65 -10.14 1.97
N LEU A 19 10.83 -10.74 1.95
CA LEU A 19 12.06 -9.99 1.84
C LEU A 19 11.92 -8.96 0.71
N HIS A 20 11.57 -9.46 -0.46
CA HIS A 20 11.39 -8.61 -1.62
C HIS A 20 10.70 -7.31 -1.20
N TRP A 21 9.49 -7.46 -0.69
CA TRP A 21 8.72 -6.31 -0.25
C TRP A 21 9.63 -5.44 0.62
N PHE A 22 10.32 -6.08 1.54
CA PHE A 22 11.22 -5.37 2.44
C PHE A 22 12.14 -4.43 1.65
N GLY A 23 12.66 -4.95 0.55
CA GLY A 23 13.55 -4.17 -0.29
C GLY A 23 12.79 -3.06 -1.01
N PHE A 24 11.53 -3.34 -1.32
CA PHE A 24 10.69 -2.38 -2.01
C PHE A 24 10.25 -1.26 -1.06
N GLY A 25 10.14 -1.62 0.21
CA GLY A 25 9.74 -0.66 1.22
C GLY A 25 10.90 0.27 1.60
N TYR A 26 12.06 -0.34 1.76
CA TYR A 26 13.25 0.42 2.12
C TYR A 26 13.66 1.37 0.98
N ALA A 27 13.68 0.83 -0.22
CA ALA A 27 14.04 1.62 -1.39
C ALA A 27 12.97 2.68 -1.64
N ALA A 28 11.73 2.22 -1.65
CA ALA A 28 10.60 3.12 -1.88
C ALA A 28 10.54 4.14 -0.74
N LEU A 29 11.09 3.76 0.39
CA LEU A 29 11.09 4.62 1.55
C LEU A 29 12.08 5.77 1.32
N VAL A 30 13.28 5.40 0.90
CA VAL A 30 14.31 6.38 0.64
C VAL A 30 13.81 7.39 -0.40
N ALA A 31 13.43 6.85 -1.55
CA ALA A 31 12.92 7.68 -2.63
C ALA A 31 11.66 8.42 -2.16
N SER A 32 10.87 7.72 -1.36
CA SER A 32 9.64 8.29 -0.83
C SER A 32 9.94 9.64 -0.18
N GLY A 33 10.57 9.58 0.98
CA GLY A 33 10.91 10.79 1.71
C GLY A 33 11.91 11.64 0.93
N GLY A 34 12.55 11.01 -0.04
CA GLY A 34 13.54 11.69 -0.87
C GLY A 34 12.89 12.82 -1.65
N ILE A 35 12.08 12.44 -2.63
CA ILE A 35 11.40 13.42 -3.47
C ILE A 35 10.33 14.14 -2.64
N ILE A 36 9.58 13.34 -1.90
CA ILE A 36 8.52 13.88 -1.07
C ILE A 36 9.14 14.86 -0.05
N GLY A 37 10.41 14.64 0.23
CA GLY A 37 11.12 15.48 1.19
C GLY A 37 11.49 16.82 0.56
N TYR A 38 12.41 16.77 -0.40
CA TYR A 38 12.85 17.96 -1.08
C TYR A 38 11.65 18.80 -1.56
N VAL A 39 10.66 18.10 -2.07
CA VAL A 39 9.45 18.76 -2.56
C VAL A 39 8.50 19.03 -1.39
N LYS A 40 8.66 18.21 -0.35
CA LYS A 40 7.82 18.35 0.83
C LYS A 40 6.56 17.49 0.67
N ALA A 41 5.88 17.69 -0.46
CA ALA A 41 4.68 16.95 -0.75
C ALA A 41 3.85 17.71 -1.78
N GLY A 42 4.54 18.19 -2.81
CA GLY A 42 3.88 18.94 -3.87
C GLY A 42 2.49 18.36 -4.17
N SER A 43 2.42 17.04 -4.13
CA SER A 43 1.17 16.35 -4.39
C SER A 43 0.71 16.65 -5.82
N VAL A 44 1.17 15.81 -6.74
CA VAL A 44 0.82 15.97 -8.14
C VAL A 44 1.69 15.05 -9.00
N PRO A 45 3.03 15.24 -8.85
CA PRO A 45 3.98 14.43 -9.60
C PRO A 45 4.07 13.02 -9.02
N SER A 46 4.49 12.95 -7.76
CA SER A 46 4.62 11.67 -7.08
C SER A 46 3.27 10.98 -6.99
N LEU A 47 2.29 11.71 -6.47
CA LEU A 47 0.95 11.17 -6.33
C LEU A 47 0.52 10.52 -7.65
N ALA A 48 0.61 11.31 -8.71
CA ALA A 48 0.25 10.81 -10.04
C ALA A 48 0.95 9.48 -10.30
N ALA A 49 2.22 9.44 -9.94
CA ALA A 49 3.02 8.24 -10.12
C ALA A 49 2.54 7.16 -9.16
N GLY A 50 2.07 7.61 -8.01
CA GLY A 50 1.58 6.70 -6.98
C GLY A 50 0.35 5.93 -7.48
N LEU A 51 -0.49 6.65 -8.22
CA LEU A 51 -1.71 6.05 -8.76
C LEU A 51 -1.33 5.07 -9.87
N LEU A 52 -0.63 5.59 -10.87
CA LEU A 52 -0.21 4.77 -12.00
C LEU A 52 0.41 3.47 -11.47
N PHE A 53 1.59 3.62 -10.90
CA PHE A 53 2.31 2.48 -10.36
C PHE A 53 1.52 1.82 -9.23
N GLY A 54 0.63 2.61 -8.63
CA GLY A 54 -0.19 2.12 -7.54
C GLY A 54 -0.92 0.83 -7.93
N SER A 55 -1.93 0.99 -8.78
CA SER A 55 -2.71 -0.15 -9.24
C SER A 55 -1.86 -1.02 -10.17
N LEU A 56 -1.12 -0.35 -11.05
CA LEU A 56 -0.26 -1.05 -11.99
C LEU A 56 0.58 -2.08 -11.24
N ALA A 57 1.08 -1.66 -10.08
CA ALA A 57 1.91 -2.53 -9.26
C ALA A 57 1.03 -3.59 -8.61
N GLY A 58 0.24 -3.15 -7.65
CA GLY A 58 -0.64 -4.06 -6.93
C GLY A 58 -1.30 -5.05 -7.90
N LEU A 59 -2.15 -4.52 -8.77
CA LEU A 59 -2.84 -5.34 -9.74
C LEU A 59 -1.81 -6.05 -10.63
N GLY A 60 -0.77 -5.30 -10.98
CA GLY A 60 0.29 -5.85 -11.81
C GLY A 60 0.58 -7.31 -11.46
N ALA A 61 0.97 -7.51 -10.20
CA ALA A 61 1.28 -8.84 -9.73
C ALA A 61 0.00 -9.52 -9.24
N TYR A 62 -1.04 -8.71 -9.08
CA TYR A 62 -2.33 -9.20 -8.62
C TYR A 62 -3.41 -8.98 -9.67
N GLN A 63 -3.10 -9.37 -10.90
CA GLN A 63 -4.04 -9.22 -11.99
C GLN A 63 -3.43 -9.74 -13.30
N LEU A 64 -2.61 -8.90 -13.91
CA LEU A 64 -1.96 -9.26 -15.16
C LEU A 64 -1.13 -8.08 -15.65
N SER A 65 0.16 -8.14 -15.36
CA SER A 65 1.08 -7.08 -15.76
C SER A 65 2.43 -7.27 -15.08
N GLN A 66 2.86 -8.53 -15.01
CA GLN A 66 4.14 -8.85 -14.39
C GLN A 66 4.31 -10.37 -14.31
N ASP A 67 4.81 -10.93 -15.40
CA ASP A 67 5.04 -12.37 -15.47
C ASP A 67 3.69 -13.09 -15.37
N PRO A 68 3.48 -14.03 -16.33
CA PRO A 68 2.25 -14.80 -16.35
C PRO A 68 2.24 -15.86 -15.26
N ARG A 69 3.40 -16.50 -15.09
CA ARG A 69 3.53 -17.54 -14.08
C ARG A 69 3.16 -17.00 -12.70
N ASN A 70 3.97 -16.07 -12.22
CA ASN A 70 3.73 -15.47 -10.92
C ASN A 70 2.26 -15.13 -10.79
N VAL A 71 1.76 -14.39 -11.77
CA VAL A 71 0.36 -13.98 -11.76
C VAL A 71 -0.51 -15.19 -11.40
N TRP A 72 -0.23 -16.30 -12.06
CA TRP A 72 -0.98 -17.52 -11.81
C TRP A 72 -0.89 -17.85 -10.33
N VAL A 73 0.33 -17.77 -9.81
CA VAL A 73 0.56 -18.05 -8.41
C VAL A 73 -0.32 -17.14 -7.55
N PHE A 74 -0.57 -15.95 -8.08
CA PHE A 74 -1.40 -14.98 -7.38
C PHE A 74 -2.89 -15.30 -7.55
N LEU A 75 -3.19 -15.95 -8.66
CA LEU A 75 -4.57 -16.32 -8.96
C LEU A 75 -5.03 -17.38 -7.96
N ALA A 76 -4.20 -18.40 -7.80
CA ALA A 76 -4.53 -19.48 -6.88
C ALA A 76 -4.38 -18.97 -5.44
N THR A 77 -3.30 -18.24 -5.22
CA THR A 77 -3.03 -17.70 -3.89
C THR A 77 -4.26 -16.95 -3.37
N SER A 78 -4.51 -15.80 -3.98
CA SER A 78 -5.65 -14.98 -3.60
C SER A 78 -6.96 -15.69 -3.94
N GLY A 79 -6.86 -16.59 -4.91
CA GLY A 79 -8.03 -17.34 -5.35
C GLY A 79 -8.73 -18.00 -4.16
N THR A 80 -7.97 -18.84 -3.45
CA THR A 80 -8.50 -19.54 -2.30
C THR A 80 -8.47 -18.63 -1.07
N LEU A 81 -7.32 -18.02 -0.86
CA LEU A 81 -7.14 -17.12 0.28
C LEU A 81 -8.34 -16.18 0.38
N ALA A 82 -8.58 -15.46 -0.71
CA ALA A 82 -9.69 -14.53 -0.76
C ALA A 82 -10.98 -15.29 -1.03
N GLY A 83 -10.85 -16.35 -1.82
CA GLY A 83 -12.01 -17.17 -2.16
C GLY A 83 -12.82 -17.51 -0.91
N ILE A 84 -12.11 -17.77 0.18
CA ILE A 84 -12.76 -18.10 1.44
C ILE A 84 -13.64 -16.94 1.88
N MET A 85 -12.99 -15.81 2.14
CA MET A 85 -13.70 -14.61 2.57
C MET A 85 -14.35 -13.90 1.39
N GLY A 86 -14.97 -12.78 1.68
CA GLY A 86 -15.63 -11.99 0.65
C GLY A 86 -15.11 -10.55 0.62
N MET A 87 -15.67 -9.77 -0.29
CA MET A 87 -15.26 -8.38 -0.42
C MET A 87 -13.75 -8.23 -0.27
N ARG A 88 -13.03 -8.77 -1.25
CA ARG A 88 -11.58 -8.71 -1.25
C ARG A 88 -11.04 -9.17 0.11
N PHE A 89 -10.84 -8.20 0.99
CA PHE A 89 -10.32 -8.48 2.32
C PHE A 89 -8.88 -8.97 2.26
N TYR A 90 -8.00 -8.22 2.90
CA TYR A 90 -6.59 -8.57 2.91
C TYR A 90 -5.97 -8.31 4.29
N HIS A 91 -6.64 -8.85 5.31
CA HIS A 91 -6.17 -8.68 6.68
C HIS A 91 -6.29 -7.21 7.08
N SER A 92 -6.46 -7.00 8.37
CA SER A 92 -6.58 -5.65 8.90
C SER A 92 -7.31 -5.67 10.25
N GLY A 93 -6.90 -6.63 11.08
CA GLY A 93 -7.50 -6.77 12.39
C GLY A 93 -6.63 -6.13 13.47
N LYS A 94 -5.33 -6.22 13.26
CA LYS A 94 -4.38 -5.66 14.21
C LYS A 94 -3.00 -6.26 13.97
N PHE A 95 -2.47 -6.02 12.78
CA PHE A 95 -1.16 -6.54 12.42
C PHE A 95 -0.10 -5.44 12.47
N MET A 96 -0.49 -4.31 13.04
CA MET A 96 0.41 -3.18 13.16
C MET A 96 1.34 -3.10 11.95
N PRO A 97 0.72 -2.88 10.76
CA PRO A 97 1.48 -2.77 9.53
C PRO A 97 2.20 -1.42 9.43
N ALA A 98 2.60 -1.08 8.21
CA ALA A 98 3.29 0.18 7.98
C ALA A 98 2.50 1.32 8.61
N GLY A 99 1.20 1.06 8.78
CA GLY A 99 0.32 2.06 9.37
C GLY A 99 -0.93 2.25 8.51
N LEU A 100 -1.54 1.14 8.15
CA LEU A 100 -2.74 1.17 7.34
C LEU A 100 -3.85 1.93 8.09
N ILE A 101 -4.37 1.28 9.12
CA ILE A 101 -5.43 1.87 9.92
C ILE A 101 -4.83 2.98 10.79
N ALA A 102 -3.69 2.67 11.39
CA ALA A 102 -3.01 3.63 12.25
C ALA A 102 -2.69 4.89 11.45
N GLY A 103 -1.87 4.73 10.43
CA GLY A 103 -1.48 5.84 9.58
C GLY A 103 -2.72 6.59 9.07
N ALA A 104 -3.66 5.82 8.55
CA ALA A 104 -4.88 6.39 8.02
C ALA A 104 -5.47 7.36 9.05
N SER A 105 -5.68 6.84 10.25
CA SER A 105 -6.24 7.64 11.33
C SER A 105 -5.32 8.83 11.62
N LEU A 106 -4.03 8.63 11.36
CA LEU A 106 -3.05 9.67 11.59
C LEU A 106 -3.20 10.75 10.51
N LEU A 107 -3.69 10.33 9.35
CA LEU A 107 -3.89 11.25 8.24
C LEU A 107 -5.11 12.11 8.50
N MET A 108 -6.18 11.45 8.92
CA MET A 108 -7.44 12.14 9.21
C MET A 108 -7.25 13.13 10.37
N VAL A 109 -6.59 12.65 11.41
CA VAL A 109 -6.34 13.48 12.59
C VAL A 109 -5.43 14.64 12.20
N ALA A 110 -4.35 14.30 11.50
CA ALA A 110 -3.40 15.31 11.07
C ALA A 110 -4.14 16.41 10.31
N LYS A 111 -4.91 16.00 9.31
CA LYS A 111 -5.67 16.93 8.50
C LYS A 111 -6.46 17.86 9.42
N VAL A 112 -7.29 17.25 10.26
CA VAL A 112 -8.10 18.02 11.19
C VAL A 112 -7.26 19.12 11.82
N GLY A 113 -6.12 18.71 12.36
CA GLY A 113 -5.21 19.65 13.00
C GLY A 113 -4.67 20.66 11.99
N VAL A 114 -3.66 20.23 11.25
CA VAL A 114 -3.04 21.08 10.24
C VAL A 114 -3.08 20.37 8.89
N SER A 115 -2.62 21.09 7.87
CA SER A 115 -2.60 20.55 6.53
C SER A 115 -4.02 20.53 5.95
N MET A 116 -4.09 20.40 4.64
CA MET A 116 -5.37 20.37 3.96
C MET A 116 -6.33 19.40 4.64
N PHE A 117 -7.60 19.80 4.69
CA PHE A 117 -8.62 18.99 5.32
C PHE A 117 -10.01 19.54 5.03
N ASN A 118 -10.84 18.71 4.43
CA ASN A 118 -12.20 19.10 4.09
C ASN A 118 -13.09 17.85 4.02
N ARG A 119 -13.67 17.53 5.17
CA ARG A 119 -14.54 16.37 5.26
C ARG A 119 -15.58 16.39 4.13
N PRO A 120 -16.00 15.17 3.73
CA PRO A 120 -16.99 15.03 2.65
C PRO A 120 -18.38 15.41 3.15
N HIS A 121 -18.58 16.71 3.33
CA HIS A 121 -19.87 17.21 3.79
C HIS A 121 -20.22 16.56 5.13
N MET A 10 10.28 -10.09 20.68
CA MET A 10 9.02 -10.82 20.72
C MET A 10 8.21 -10.60 19.44
N GLN A 11 8.43 -11.49 18.48
CA GLN A 11 7.74 -11.40 17.21
C GLN A 11 8.24 -12.48 16.25
N ASP A 12 7.41 -12.81 15.28
CA ASP A 12 7.76 -13.83 14.30
C ASP A 12 7.45 -13.30 12.90
N THR A 13 8.17 -13.83 11.93
CA THR A 13 7.98 -13.42 10.54
C THR A 13 7.98 -11.91 10.43
N SER A 14 7.78 -11.44 9.20
CA SER A 14 7.77 -10.01 8.94
C SER A 14 6.34 -9.54 8.61
N SER A 15 5.47 -9.67 9.61
CA SER A 15 4.09 -9.28 9.44
C SER A 15 3.54 -9.81 8.11
N VAL A 16 4.00 -11.01 7.77
CA VAL A 16 3.56 -11.64 6.53
C VAL A 16 4.09 -10.83 5.34
N VAL A 17 5.33 -10.38 5.47
CA VAL A 17 5.95 -9.58 4.42
C VAL A 17 7.23 -10.29 3.95
N PRO A 18 7.29 -10.54 2.61
CA PRO A 18 8.44 -11.20 2.02
C PRO A 18 9.64 -10.25 1.94
N LEU A 19 10.82 -10.83 1.92
CA LEU A 19 12.05 -10.05 1.84
C LEU A 19 11.89 -9.00 0.75
N HIS A 20 11.58 -9.48 -0.46
CA HIS A 20 11.41 -8.59 -1.59
C HIS A 20 10.67 -7.33 -1.15
N TRP A 21 9.46 -7.54 -0.67
CA TRP A 21 8.63 -6.42 -0.22
C TRP A 21 9.51 -5.51 0.65
N PHE A 22 10.21 -6.13 1.59
CA PHE A 22 11.09 -5.40 2.48
C PHE A 22 11.98 -4.44 1.70
N GLY A 23 12.56 -4.95 0.63
CA GLY A 23 13.44 -4.14 -0.20
C GLY A 23 12.66 -3.05 -0.92
N PHE A 24 11.40 -3.36 -1.22
CA PHE A 24 10.54 -2.40 -1.90
C PHE A 24 10.15 -1.25 -0.98
N GLY A 25 9.89 -1.61 0.28
CA GLY A 25 9.51 -0.62 1.27
C GLY A 25 10.68 0.28 1.63
N TYR A 26 11.85 -0.34 1.75
CA TYR A 26 13.06 0.39 2.09
C TYR A 26 13.44 1.38 0.99
N ALA A 27 13.57 0.85 -0.22
CA ALA A 27 13.93 1.68 -1.36
C ALA A 27 12.83 2.72 -1.59
N ALA A 28 11.59 2.26 -1.46
CA ALA A 28 10.45 3.14 -1.66
C ALA A 28 10.42 4.19 -0.56
N LEU A 29 11.00 3.82 0.59
CA LEU A 29 11.06 4.72 1.72
C LEU A 29 12.02 5.86 1.42
N VAL A 30 13.21 5.49 0.97
CA VAL A 30 14.22 6.47 0.64
C VAL A 30 13.68 7.43 -0.42
N ALA A 31 13.32 6.86 -1.56
CA ALA A 31 12.78 7.64 -2.65
C ALA A 31 11.57 8.43 -2.17
N SER A 32 10.76 7.76 -1.36
CA SER A 32 9.56 8.38 -0.82
C SER A 32 9.91 9.73 -0.18
N GLY A 33 10.52 9.66 0.99
CA GLY A 33 10.92 10.85 1.71
C GLY A 33 11.79 11.76 0.83
N GLY A 34 12.38 11.14 -0.18
CA GLY A 34 13.24 11.88 -1.10
C GLY A 34 12.48 12.97 -1.82
N ILE A 35 11.57 12.55 -2.70
CA ILE A 35 10.76 13.49 -3.45
C ILE A 35 9.83 14.24 -2.50
N ILE A 36 9.08 13.46 -1.72
CA ILE A 36 8.15 14.03 -0.77
C ILE A 36 8.89 15.00 0.16
N GLY A 37 10.20 14.77 0.27
CA GLY A 37 11.04 15.62 1.11
C GLY A 37 11.35 16.94 0.42
N TYR A 38 12.31 16.90 -0.49
CA TYR A 38 12.71 18.08 -1.22
C TYR A 38 11.49 18.83 -1.76
N VAL A 39 10.51 18.06 -2.22
CA VAL A 39 9.30 18.63 -2.77
C VAL A 39 8.33 18.96 -1.62
N LYS A 40 8.44 18.17 -0.57
CA LYS A 40 7.59 18.36 0.60
C LYS A 40 6.31 17.55 0.42
N ALA A 41 5.66 17.76 -0.72
CA ALA A 41 4.43 17.06 -1.03
C ALA A 41 3.65 17.84 -2.09
N GLY A 42 4.38 18.24 -3.13
CA GLY A 42 3.78 18.98 -4.22
C GLY A 42 2.34 18.52 -4.48
N SER A 43 2.23 17.23 -4.79
CA SER A 43 0.92 16.65 -5.06
C SER A 43 0.56 16.83 -6.53
N VAL A 44 1.10 15.95 -7.36
CA VAL A 44 0.85 16.00 -8.79
C VAL A 44 1.75 15.00 -9.50
N PRO A 45 3.09 15.16 -9.27
CA PRO A 45 4.06 14.27 -9.88
C PRO A 45 4.07 12.90 -9.19
N SER A 46 4.36 12.93 -7.91
CA SER A 46 4.41 11.70 -7.14
C SER A 46 3.05 11.01 -7.17
N LEU A 47 2.02 11.78 -6.84
CA LEU A 47 0.66 11.26 -6.83
C LEU A 47 0.39 10.52 -8.14
N ALA A 48 0.58 11.23 -9.24
CA ALA A 48 0.36 10.65 -10.55
C ALA A 48 1.09 9.31 -10.64
N ALA A 49 2.31 9.30 -10.09
CA ALA A 49 3.12 8.09 -10.10
C ALA A 49 2.49 7.05 -9.16
N GLY A 50 1.93 7.56 -8.07
CA GLY A 50 1.30 6.69 -7.09
C GLY A 50 0.15 5.89 -7.72
N LEU A 51 -0.56 6.55 -8.63
CA LEU A 51 -1.68 5.92 -9.31
C LEU A 51 -1.15 4.89 -10.29
N LEU A 52 -0.31 5.36 -11.21
CA LEU A 52 0.27 4.48 -12.21
C LEU A 52 0.88 3.26 -11.53
N PHE A 53 1.92 3.51 -10.74
CA PHE A 53 2.59 2.44 -10.03
C PHE A 53 1.67 1.80 -8.99
N GLY A 54 0.63 2.55 -8.63
CA GLY A 54 -0.33 2.07 -7.64
C GLY A 54 -0.96 0.76 -8.10
N SER A 55 -1.86 0.89 -9.06
CA SER A 55 -2.55 -0.28 -9.59
C SER A 55 -1.58 -1.15 -10.38
N LEU A 56 -0.65 -0.48 -11.05
CA LEU A 56 0.35 -1.18 -11.84
C LEU A 56 1.11 -2.16 -10.95
N ALA A 57 1.54 -1.66 -9.81
CA ALA A 57 2.28 -2.48 -8.86
C ALA A 57 1.36 -3.55 -8.28
N GLY A 58 0.40 -3.10 -7.49
CA GLY A 58 -0.55 -4.01 -6.87
C GLY A 58 -1.19 -4.92 -7.91
N LEU A 59 -2.06 -4.34 -8.73
CA LEU A 59 -2.74 -5.09 -9.77
C LEU A 59 -1.72 -5.94 -10.52
N GLY A 60 -0.61 -5.30 -10.89
CA GLY A 60 0.43 -5.98 -11.62
C GLY A 60 0.70 -7.37 -11.02
N ALA A 61 1.33 -7.38 -9.86
CA ALA A 61 1.64 -8.62 -9.18
C ALA A 61 0.40 -9.49 -9.12
N TYR A 62 -0.75 -8.82 -9.13
CA TYR A 62 -2.02 -9.53 -9.07
C TYR A 62 -2.32 -10.24 -10.39
N GLN A 63 -2.04 -9.54 -11.47
CA GLN A 63 -2.26 -10.10 -12.81
C GLN A 63 -2.16 -9.00 -13.87
N LEU A 64 -2.52 -7.79 -13.46
CA LEU A 64 -2.47 -6.66 -14.37
C LEU A 64 -1.20 -6.74 -15.21
N SER A 65 -0.17 -7.31 -14.62
CA SER A 65 1.10 -7.46 -15.32
C SER A 65 2.22 -7.75 -14.31
N GLN A 66 2.76 -8.95 -14.42
CA GLN A 66 3.84 -9.36 -13.52
C GLN A 66 4.12 -10.86 -13.68
N ASP A 67 4.66 -11.22 -14.83
CA ASP A 67 4.97 -12.59 -15.12
C ASP A 67 3.68 -13.42 -15.13
N PRO A 68 3.67 -14.45 -16.02
CA PRO A 68 2.51 -15.32 -16.14
C PRO A 68 2.41 -16.28 -14.96
N ARG A 69 3.53 -16.93 -14.69
CA ARG A 69 3.59 -17.89 -13.59
C ARG A 69 3.30 -17.19 -12.27
N ASN A 70 4.12 -16.21 -11.95
CA ASN A 70 3.96 -15.45 -10.72
C ASN A 70 2.47 -15.19 -10.48
N VAL A 71 1.95 -14.25 -11.26
CA VAL A 71 0.55 -13.87 -11.15
C VAL A 71 -0.29 -15.14 -10.94
N TRP A 72 0.11 -16.19 -11.64
CA TRP A 72 -0.59 -17.46 -11.53
C TRP A 72 -0.69 -17.83 -10.05
N VAL A 73 0.48 -17.96 -9.43
CA VAL A 73 0.54 -18.30 -8.02
C VAL A 73 -0.33 -17.33 -7.22
N PHE A 74 -0.48 -16.13 -7.77
CA PHE A 74 -1.27 -15.10 -7.12
C PHE A 74 -2.76 -15.33 -7.37
N LEU A 75 -3.07 -15.88 -8.53
CA LEU A 75 -4.44 -16.15 -8.91
C LEU A 75 -5.01 -17.23 -7.98
N ALA A 76 -4.22 -18.27 -7.76
CA ALA A 76 -4.64 -19.36 -6.91
C ALA A 76 -4.62 -18.89 -5.45
N THR A 77 -3.53 -18.24 -5.08
CA THR A 77 -3.38 -17.74 -3.73
C THR A 77 -4.61 -16.94 -3.32
N SER A 78 -4.76 -15.77 -3.94
CA SER A 78 -5.89 -14.91 -3.66
C SER A 78 -7.18 -15.54 -4.16
N GLY A 79 -7.02 -16.46 -5.10
CA GLY A 79 -8.16 -17.15 -5.67
C GLY A 79 -9.02 -17.79 -4.59
N THR A 80 -8.40 -18.67 -3.82
CA THR A 80 -9.09 -19.37 -2.74
C THR A 80 -9.17 -18.47 -1.49
N LEU A 81 -8.04 -17.84 -1.20
CA LEU A 81 -7.97 -16.96 -0.04
C LEU A 81 -9.11 -15.96 -0.09
N ALA A 82 -9.14 -15.20 -1.19
CA ALA A 82 -10.17 -14.20 -1.37
C ALA A 82 -11.47 -14.88 -1.81
N GLY A 83 -11.31 -15.98 -2.52
CA GLY A 83 -12.44 -16.73 -3.01
C GLY A 83 -13.47 -16.95 -1.90
N ILE A 84 -12.96 -17.31 -0.73
CA ILE A 84 -13.82 -17.56 0.42
C ILE A 84 -14.61 -16.29 0.74
N MET A 85 -13.93 -15.16 0.64
CA MET A 85 -14.56 -13.88 0.92
C MET A 85 -15.13 -13.27 -0.36
N GLY A 86 -15.71 -12.09 -0.20
CA GLY A 86 -16.30 -11.39 -1.34
C GLY A 86 -15.23 -10.66 -2.15
N MET A 87 -15.58 -9.48 -2.62
CA MET A 87 -14.67 -8.68 -3.42
C MET A 87 -13.30 -8.58 -2.74
N ARG A 88 -13.29 -7.87 -1.62
CA ARG A 88 -12.06 -7.70 -0.86
C ARG A 88 -12.31 -6.84 0.38
N PHE A 89 -11.54 -7.10 1.41
CA PHE A 89 -11.68 -6.37 2.66
C PHE A 89 -10.64 -6.85 3.68
N TYR A 90 -10.38 -8.15 3.66
CA TYR A 90 -9.42 -8.74 4.58
C TYR A 90 -8.11 -7.95 4.59
N HIS A 91 -7.17 -8.44 5.37
CA HIS A 91 -5.87 -7.80 5.47
C HIS A 91 -5.98 -6.55 6.35
N SER A 92 -6.23 -6.77 7.62
CA SER A 92 -6.37 -5.67 8.56
C SER A 92 -6.98 -6.18 9.88
N GLY A 93 -6.50 -7.34 10.30
CA GLY A 93 -6.99 -7.94 11.54
C GLY A 93 -6.38 -7.25 12.76
N LYS A 94 -5.10 -6.94 12.65
CA LYS A 94 -4.39 -6.28 13.73
C LYS A 94 -2.89 -6.31 13.46
N PHE A 95 -2.53 -5.77 12.30
CA PHE A 95 -1.13 -5.72 11.90
C PHE A 95 -0.96 -5.00 10.56
N MET A 96 -1.32 -3.72 10.57
CA MET A 96 -1.20 -2.91 9.37
C MET A 96 0.12 -3.15 8.65
N PRO A 97 0.05 -3.19 7.30
CA PRO A 97 1.24 -3.42 6.50
C PRO A 97 2.11 -2.17 6.45
N ALA A 98 1.45 -1.02 6.29
CA ALA A 98 2.16 0.24 6.23
C ALA A 98 1.33 1.32 6.93
N GLY A 99 0.64 0.89 7.99
CA GLY A 99 -0.19 1.80 8.76
C GLY A 99 -1.42 2.23 7.96
N LEU A 100 -2.11 1.23 7.42
CA LEU A 100 -3.30 1.49 6.63
C LEU A 100 -4.34 2.23 7.49
N ILE A 101 -4.88 1.49 8.46
CA ILE A 101 -5.88 2.05 9.36
C ILE A 101 -5.20 3.03 10.31
N ALA A 102 -4.13 2.56 10.93
CA ALA A 102 -3.38 3.38 11.88
C ALA A 102 -2.99 4.69 11.19
N GLY A 103 -2.14 4.57 10.18
CA GLY A 103 -1.68 5.73 9.44
C GLY A 103 -2.85 6.58 8.97
N ALA A 104 -3.84 5.92 8.39
CA ALA A 104 -5.02 6.61 7.90
C ALA A 104 -5.56 7.53 8.98
N SER A 105 -5.84 6.92 10.13
CA SER A 105 -6.36 7.68 11.27
C SER A 105 -5.37 8.77 11.67
N LEU A 106 -4.10 8.50 11.40
CA LEU A 106 -3.05 9.46 11.72
C LEU A 106 -3.10 10.62 10.74
N LEU A 107 -3.59 10.33 9.55
CA LEU A 107 -3.71 11.35 8.51
C LEU A 107 -4.89 12.26 8.83
N MET A 108 -6.00 11.63 9.19
CA MET A 108 -7.21 12.36 9.52
C MET A 108 -7.01 13.23 10.77
N VAL A 109 -6.31 12.66 11.74
CA VAL A 109 -6.04 13.36 12.98
C VAL A 109 -5.09 14.53 12.71
N ALA A 110 -3.93 14.18 12.17
CA ALA A 110 -2.92 15.18 11.85
C ALA A 110 -3.56 16.30 11.03
N LYS A 111 -4.19 15.90 9.93
CA LYS A 111 -4.84 16.85 9.05
C LYS A 111 -5.69 17.80 9.89
N VAL A 112 -6.66 17.23 10.58
CA VAL A 112 -7.54 18.02 11.42
C VAL A 112 -6.72 19.05 12.19
N GLY A 113 -5.66 18.57 12.82
CA GLY A 113 -4.79 19.43 13.61
C GLY A 113 -4.31 20.62 12.77
N VAL A 114 -3.42 20.32 11.84
CA VAL A 114 -2.87 21.34 10.96
C VAL A 114 -4.02 22.17 10.37
N SER A 115 -4.43 21.78 9.17
CA SER A 115 -5.51 22.46 8.49
C SER A 115 -5.69 21.89 7.08
N MET A 116 -6.56 20.90 6.98
CA MET A 116 -6.84 20.27 5.70
C MET A 116 -7.83 19.11 5.87
N PHE A 117 -8.65 18.93 4.85
CA PHE A 117 -9.64 17.86 4.87
C PHE A 117 -10.55 17.99 6.10
N ASN A 118 -11.81 18.31 5.83
CA ASN A 118 -12.78 18.46 6.90
C ASN A 118 -13.86 17.38 6.75
N ARG A 119 -14.40 17.29 5.54
CA ARG A 119 -15.43 16.30 5.25
C ARG A 119 -15.83 16.38 3.79
N PRO A 120 -16.40 15.24 3.29
CA PRO A 120 -16.83 15.16 1.91
C PRO A 120 -18.13 15.95 1.69
N HIS A 121 -18.02 17.26 1.80
CA HIS A 121 -19.17 18.13 1.63
C HIS A 121 -18.76 19.39 0.86
N MET A 10 3.57 -15.42 18.60
CA MET A 10 3.80 -14.00 18.43
C MET A 10 5.29 -13.71 18.26
N GLN A 11 5.57 -12.52 17.74
CA GLN A 11 6.95 -12.11 17.53
C GLN A 11 7.72 -13.19 16.76
N ASP A 12 7.71 -13.06 15.44
CA ASP A 12 8.40 -14.02 14.60
C ASP A 12 8.13 -13.69 13.13
N THR A 13 9.20 -13.66 12.35
CA THR A 13 9.10 -13.36 10.95
C THR A 13 8.51 -11.96 10.74
N SER A 14 9.00 -11.30 9.71
CA SER A 14 8.54 -9.95 9.39
C SER A 14 7.00 -9.92 9.37
N SER A 15 6.47 -8.71 9.31
CA SER A 15 5.04 -8.53 9.29
C SER A 15 4.46 -9.02 7.95
N VAL A 16 4.50 -10.33 7.77
CA VAL A 16 4.00 -10.94 6.56
C VAL A 16 4.92 -10.57 5.40
N VAL A 17 4.94 -9.27 5.09
CA VAL A 17 5.77 -8.77 4.01
C VAL A 17 7.11 -9.51 4.01
N PRO A 18 7.42 -10.17 2.85
CA PRO A 18 8.65 -10.92 2.72
C PRO A 18 9.84 -9.97 2.53
N LEU A 19 11.00 -10.57 2.33
CA LEU A 19 12.22 -9.79 2.14
C LEU A 19 12.00 -8.79 1.00
N HIS A 20 11.59 -9.32 -0.15
CA HIS A 20 11.35 -8.49 -1.31
C HIS A 20 10.70 -7.18 -0.88
N TRP A 21 9.49 -7.29 -0.35
CA TRP A 21 8.76 -6.11 0.10
C TRP A 21 9.72 -5.26 0.94
N PHE A 22 10.41 -5.91 1.86
CA PHE A 22 11.35 -5.22 2.71
C PHE A 22 12.26 -4.30 1.91
N GLY A 23 12.78 -4.84 0.81
CA GLY A 23 13.67 -4.07 -0.05
C GLY A 23 12.90 -2.91 -0.71
N PHE A 24 11.64 -3.17 -1.01
CA PHE A 24 10.81 -2.17 -1.65
C PHE A 24 10.42 -1.07 -0.65
N GLY A 25 10.34 -1.46 0.62
CA GLY A 25 9.99 -0.52 1.66
C GLY A 25 11.14 0.43 1.95
N TYR A 26 12.32 -0.14 2.14
CA TYR A 26 13.50 0.65 2.42
C TYR A 26 13.86 1.56 1.25
N ALA A 27 13.88 0.96 0.05
CA ALA A 27 14.19 1.71 -1.15
C ALA A 27 13.13 2.79 -1.37
N ALA A 28 11.89 2.40 -1.15
CA ALA A 28 10.78 3.32 -1.31
C ALA A 28 10.82 4.38 -0.20
N LEU A 29 11.47 4.00 0.89
CA LEU A 29 11.59 4.90 2.03
C LEU A 29 12.53 6.05 1.67
N VAL A 30 13.68 5.69 1.13
CA VAL A 30 14.68 6.67 0.75
C VAL A 30 14.11 7.56 -0.36
N ALA A 31 13.60 6.90 -1.40
CA ALA A 31 13.03 7.61 -2.53
C ALA A 31 11.88 8.50 -2.03
N SER A 32 10.91 7.86 -1.39
CA SER A 32 9.76 8.56 -0.87
C SER A 32 10.22 9.84 -0.14
N GLY A 33 10.82 9.63 1.01
CA GLY A 33 11.31 10.74 1.81
C GLY A 33 12.13 11.71 0.96
N GLY A 34 12.76 11.16 -0.06
CA GLY A 34 13.57 11.96 -0.96
C GLY A 34 12.72 13.01 -1.68
N ILE A 35 11.96 12.55 -2.65
CA ILE A 35 11.10 13.43 -3.42
C ILE A 35 10.13 14.13 -2.48
N ILE A 36 9.40 13.33 -1.72
CA ILE A 36 8.43 13.85 -0.78
C ILE A 36 9.11 14.84 0.16
N GLY A 37 10.43 14.67 0.30
CA GLY A 37 11.21 15.53 1.15
C GLY A 37 11.48 16.88 0.48
N TYR A 38 12.47 16.88 -0.41
CA TYR A 38 12.84 18.08 -1.12
C TYR A 38 11.60 18.78 -1.68
N VAL A 39 10.66 17.97 -2.17
CA VAL A 39 9.43 18.50 -2.73
C VAL A 39 8.44 18.80 -1.59
N LYS A 40 8.55 18.00 -0.54
CA LYS A 40 7.67 18.16 0.60
C LYS A 40 6.38 17.38 0.38
N ALA A 41 5.60 17.84 -0.60
CA ALA A 41 4.35 17.18 -0.92
C ALA A 41 3.46 18.15 -1.69
N GLY A 42 2.80 17.62 -2.71
CA GLY A 42 1.91 18.43 -3.53
C GLY A 42 2.17 18.19 -5.02
N SER A 43 3.17 17.35 -5.29
CA SER A 43 3.53 17.03 -6.65
C SER A 43 2.36 16.32 -7.35
N VAL A 44 1.92 16.91 -8.45
CA VAL A 44 0.82 16.35 -9.21
C VAL A 44 1.32 15.15 -10.02
N PRO A 45 2.60 15.26 -10.48
CA PRO A 45 3.21 14.20 -11.26
C PRO A 45 3.59 13.02 -10.38
N SER A 46 4.27 13.33 -9.29
CA SER A 46 4.71 12.31 -8.35
C SER A 46 3.50 11.50 -7.86
N LEU A 47 2.55 12.22 -7.27
CA LEU A 47 1.34 11.58 -6.76
C LEU A 47 0.70 10.75 -7.88
N ALA A 48 0.54 11.38 -9.02
CA ALA A 48 -0.07 10.72 -10.17
C ALA A 48 0.72 9.44 -10.47
N ALA A 49 2.02 9.50 -10.22
CA ALA A 49 2.89 8.35 -10.46
C ALA A 49 2.58 7.27 -9.42
N GLY A 50 2.24 7.71 -8.22
CA GLY A 50 1.93 6.79 -7.14
C GLY A 50 0.62 6.06 -7.42
N LEU A 51 -0.32 6.78 -8.01
CA LEU A 51 -1.62 6.22 -8.33
C LEU A 51 -1.46 5.16 -9.43
N LEU A 52 -0.98 5.62 -10.58
CA LEU A 52 -0.77 4.73 -11.71
C LEU A 52 0.04 3.52 -11.25
N PHE A 53 1.27 3.78 -10.85
CA PHE A 53 2.16 2.71 -10.40
C PHE A 53 1.53 1.96 -9.21
N GLY A 54 0.65 2.65 -8.51
CA GLY A 54 -0.02 2.06 -7.36
C GLY A 54 -0.79 0.81 -7.77
N SER A 55 -1.81 1.02 -8.58
CA SER A 55 -2.64 -0.09 -9.04
C SER A 55 -1.83 -1.00 -9.97
N LEU A 56 -0.77 -0.42 -10.52
CA LEU A 56 0.09 -1.16 -11.42
C LEU A 56 0.69 -2.36 -10.68
N ALA A 57 1.43 -2.07 -9.62
CA ALA A 57 2.05 -3.12 -8.84
C ALA A 57 0.96 -3.96 -8.17
N GLY A 58 0.08 -3.28 -7.45
CA GLY A 58 -1.01 -3.94 -6.76
C GLY A 58 -1.82 -4.80 -7.73
N LEU A 59 -2.63 -4.12 -8.53
CA LEU A 59 -3.47 -4.81 -9.51
C LEU A 59 -2.60 -5.73 -10.37
N GLY A 60 -1.66 -5.11 -11.07
CA GLY A 60 -0.76 -5.85 -11.94
C GLY A 60 -0.27 -7.12 -11.25
N ALA A 61 0.60 -6.93 -10.28
CA ALA A 61 1.16 -8.06 -9.53
C ALA A 61 0.02 -8.97 -9.08
N TYR A 62 -1.15 -8.38 -8.92
CA TYR A 62 -2.32 -9.12 -8.49
C TYR A 62 -3.28 -9.34 -9.66
N GLN A 63 -2.71 -9.39 -10.86
CA GLN A 63 -3.51 -9.60 -12.06
C GLN A 63 -2.63 -10.14 -13.18
N LEU A 64 -1.82 -9.26 -13.74
CA LEU A 64 -0.93 -9.65 -14.83
C LEU A 64 -0.29 -8.38 -15.42
N SER A 65 0.65 -7.82 -14.66
CA SER A 65 1.35 -6.62 -15.10
C SER A 65 2.66 -6.47 -14.32
N GLN A 66 3.22 -7.60 -13.95
CA GLN A 66 4.48 -7.61 -13.20
C GLN A 66 4.95 -9.04 -12.97
N ASP A 67 5.86 -9.48 -13.82
CA ASP A 67 6.40 -10.82 -13.72
C ASP A 67 5.27 -11.84 -13.89
N PRO A 68 5.51 -12.83 -14.80
CA PRO A 68 4.53 -13.86 -15.07
C PRO A 68 4.48 -14.87 -13.93
N ARG A 69 5.62 -15.49 -13.67
CA ARG A 69 5.72 -16.49 -12.62
C ARG A 69 5.15 -15.92 -11.31
N ASN A 70 5.83 -14.89 -10.81
CA ASN A 70 5.41 -14.25 -9.58
C ASN A 70 3.88 -14.09 -9.58
N VAL A 71 3.38 -13.42 -10.61
CA VAL A 71 1.96 -13.21 -10.73
C VAL A 71 1.22 -14.51 -10.45
N TRP A 72 1.69 -15.58 -11.07
CA TRP A 72 1.09 -16.88 -10.89
C TRP A 72 1.00 -17.16 -9.38
N VAL A 73 2.12 -16.93 -8.71
CA VAL A 73 2.18 -17.16 -7.28
C VAL A 73 1.09 -16.34 -6.59
N PHE A 74 0.83 -15.16 -7.15
CA PHE A 74 -0.18 -14.27 -6.60
C PHE A 74 -1.59 -14.78 -6.94
N LEU A 75 -1.67 -15.51 -8.03
CA LEU A 75 -2.95 -16.06 -8.48
C LEU A 75 -3.39 -17.16 -7.51
N ALA A 76 -2.45 -18.05 -7.20
CA ALA A 76 -2.72 -19.14 -6.29
C ALA A 76 -2.96 -18.60 -4.88
N THR A 77 -2.11 -17.66 -4.50
CA THR A 77 -2.22 -17.05 -3.18
C THR A 77 -3.63 -16.49 -2.97
N SER A 78 -3.97 -15.52 -3.80
CA SER A 78 -5.28 -14.89 -3.71
C SER A 78 -6.37 -15.93 -3.95
N GLY A 79 -6.03 -16.94 -4.75
CA GLY A 79 -6.96 -17.99 -5.06
C GLY A 79 -7.52 -18.64 -3.79
N THR A 80 -6.60 -19.13 -2.97
CA THR A 80 -6.99 -19.78 -1.72
C THR A 80 -7.55 -18.74 -0.74
N LEU A 81 -6.80 -17.65 -0.59
CA LEU A 81 -7.22 -16.59 0.31
C LEU A 81 -8.67 -16.22 0.03
N ALA A 82 -9.00 -16.18 -1.26
CA ALA A 82 -10.36 -15.85 -1.68
C ALA A 82 -11.30 -16.98 -1.29
N GLY A 83 -10.86 -18.20 -1.60
CA GLY A 83 -11.65 -19.37 -1.30
C GLY A 83 -12.10 -19.39 0.16
N ILE A 84 -11.24 -18.84 1.01
CA ILE A 84 -11.53 -18.78 2.43
C ILE A 84 -12.66 -17.78 2.67
N MET A 85 -12.38 -16.53 2.32
CA MET A 85 -13.36 -15.47 2.49
C MET A 85 -13.03 -14.27 1.60
N GLY A 86 -13.88 -13.25 1.68
CA GLY A 86 -13.69 -12.05 0.90
C GLY A 86 -13.17 -10.91 1.77
N MET A 87 -13.95 -9.83 1.79
CA MET A 87 -13.57 -8.66 2.58
C MET A 87 -12.28 -8.05 2.06
N ARG A 88 -11.89 -6.95 2.69
CA ARG A 88 -10.67 -6.25 2.32
C ARG A 88 -9.56 -7.26 2.02
N PHE A 89 -9.10 -7.92 3.08
CA PHE A 89 -8.04 -8.90 2.94
C PHE A 89 -7.86 -9.69 4.24
N TYR A 90 -8.99 -10.02 4.87
CA TYR A 90 -8.98 -10.77 6.10
C TYR A 90 -8.43 -9.92 7.26
N HIS A 91 -7.21 -9.44 7.07
CA HIS A 91 -6.57 -8.62 8.08
C HIS A 91 -6.44 -7.18 7.56
N SER A 92 -5.65 -6.40 8.29
CA SER A 92 -5.44 -5.01 7.91
C SER A 92 -4.10 -4.51 8.46
N GLY A 93 -3.07 -5.30 8.20
CA GLY A 93 -1.73 -4.96 8.66
C GLY A 93 -1.48 -5.52 10.06
N LYS A 94 -0.73 -4.75 10.83
CA LYS A 94 -0.39 -5.16 12.20
C LYS A 94 0.31 -4.01 12.91
N PHE A 95 -0.40 -2.89 13.01
CA PHE A 95 0.15 -1.71 13.66
C PHE A 95 1.29 -1.11 12.84
N MET A 96 2.18 -0.41 13.55
CA MET A 96 3.31 0.22 12.90
C MET A 96 2.86 1.17 11.78
N PRO A 97 3.83 1.95 11.27
CA PRO A 97 3.54 2.91 10.20
C PRO A 97 3.36 2.19 8.86
N ALA A 98 2.21 1.55 8.72
CA ALA A 98 1.90 0.82 7.51
C ALA A 98 0.41 0.49 7.49
N GLY A 99 -0.05 -0.13 8.56
CA GLY A 99 -1.45 -0.50 8.67
C GLY A 99 -2.36 0.56 8.05
N LEU A 100 -3.40 0.08 7.39
CA LEU A 100 -4.35 0.98 6.74
C LEU A 100 -5.11 1.76 7.82
N ILE A 101 -5.56 1.05 8.83
CA ILE A 101 -6.29 1.67 9.92
C ILE A 101 -5.40 2.67 10.63
N ALA A 102 -4.26 2.18 11.10
CA ALA A 102 -3.31 3.03 11.80
C ALA A 102 -3.04 4.28 10.96
N GLY A 103 -2.31 4.07 9.87
CA GLY A 103 -1.97 5.16 8.98
C GLY A 103 -3.18 6.05 8.72
N ALA A 104 -4.29 5.40 8.40
CA ALA A 104 -5.52 6.12 8.12
C ALA A 104 -5.77 7.16 9.23
N SER A 105 -5.87 6.65 10.45
CA SER A 105 -6.10 7.52 11.60
C SER A 105 -4.99 8.58 11.69
N LEU A 106 -3.82 8.21 11.18
CA LEU A 106 -2.69 9.11 11.20
C LEU A 106 -2.93 10.24 10.20
N LEU A 107 -3.61 9.90 9.11
CA LEU A 107 -3.91 10.88 8.08
C LEU A 107 -5.02 11.80 8.56
N MET A 108 -6.12 11.19 8.97
CA MET A 108 -7.27 11.94 9.45
C MET A 108 -6.85 12.92 10.56
N VAL A 109 -6.02 12.42 11.46
CA VAL A 109 -5.54 13.24 12.57
C VAL A 109 -4.66 14.36 12.02
N ALA A 110 -3.70 13.97 11.19
CA ALA A 110 -2.79 14.93 10.59
C ALA A 110 -3.59 16.08 9.99
N LYS A 111 -4.56 15.73 9.17
CA LYS A 111 -5.41 16.72 8.53
C LYS A 111 -6.06 17.60 9.59
N VAL A 112 -6.81 16.94 10.48
CA VAL A 112 -7.48 17.65 11.55
C VAL A 112 -6.56 18.74 12.10
N GLY A 113 -5.45 18.31 12.67
CA GLY A 113 -4.49 19.24 13.23
C GLY A 113 -4.21 20.39 12.26
N VAL A 114 -3.74 20.02 11.08
CA VAL A 114 -3.44 21.02 10.06
C VAL A 114 -3.15 20.30 8.74
N SER A 115 -3.08 21.10 7.68
CA SER A 115 -2.82 20.56 6.35
C SER A 115 -4.13 20.09 5.72
N MET A 116 -4.81 21.02 5.08
CA MET A 116 -6.08 20.71 4.43
C MET A 116 -7.11 20.22 5.43
N PHE A 117 -8.32 20.03 4.94
CA PHE A 117 -9.40 19.56 5.78
C PHE A 117 -10.26 18.51 5.06
N ASN A 118 -10.93 17.70 5.84
CA ASN A 118 -11.78 16.65 5.28
C ASN A 118 -12.66 17.25 4.19
N ARG A 119 -13.63 18.04 4.62
CA ARG A 119 -14.55 18.67 3.68
C ARG A 119 -14.85 17.74 2.51
N PRO A 120 -15.58 16.64 2.83
CA PRO A 120 -15.95 15.67 1.82
C PRO A 120 -17.06 16.19 0.91
N HIS A 121 -17.78 17.18 1.43
CA HIS A 121 -18.87 17.78 0.69
C HIS A 121 -18.34 18.94 -0.16
N MET A 10 8.02 -15.45 18.06
CA MET A 10 7.64 -14.12 18.51
C MET A 10 7.40 -13.19 17.32
N GLN A 11 8.49 -12.92 16.60
CA GLN A 11 8.42 -12.04 15.43
C GLN A 11 8.40 -12.87 14.15
N ASP A 12 7.23 -12.92 13.53
CA ASP A 12 7.07 -13.67 12.29
C ASP A 12 7.77 -12.92 11.15
N THR A 13 8.43 -13.70 10.30
CA THR A 13 9.15 -13.13 9.17
C THR A 13 8.17 -12.49 8.20
N SER A 14 7.82 -11.25 8.49
CA SER A 14 6.89 -10.52 7.64
C SER A 14 5.65 -11.36 7.37
N SER A 15 4.70 -11.28 8.28
CA SER A 15 3.47 -12.02 8.15
C SER A 15 2.74 -11.61 6.88
N VAL A 16 3.12 -10.45 6.36
CA VAL A 16 2.51 -9.93 5.14
C VAL A 16 3.60 -9.33 4.26
N VAL A 17 3.57 -9.72 2.99
CA VAL A 17 4.54 -9.24 2.02
C VAL A 17 5.86 -9.97 2.23
N PRO A 18 6.47 -10.40 1.08
CA PRO A 18 7.74 -11.11 1.12
C PRO A 18 8.89 -10.16 1.43
N LEU A 19 10.01 -10.74 1.82
CA LEU A 19 11.19 -9.95 2.13
C LEU A 19 11.44 -8.94 1.01
N HIS A 20 11.56 -9.48 -0.20
CA HIS A 20 11.80 -8.64 -1.36
C HIS A 20 11.01 -7.33 -1.23
N TRP A 21 9.69 -7.49 -1.20
CA TRP A 21 8.82 -6.33 -1.07
C TRP A 21 9.37 -5.43 0.02
N PHE A 22 9.64 -6.05 1.17
CA PHE A 22 10.18 -5.31 2.30
C PHE A 22 11.30 -4.37 1.87
N GLY A 23 12.21 -4.92 1.07
CA GLY A 23 13.34 -4.14 0.58
C GLY A 23 12.87 -3.01 -0.34
N PHE A 24 11.85 -3.32 -1.12
CA PHE A 24 11.30 -2.34 -2.06
C PHE A 24 10.58 -1.22 -1.30
N GLY A 25 10.04 -1.57 -0.15
CA GLY A 25 9.33 -0.61 0.68
C GLY A 25 10.29 0.32 1.40
N TYR A 26 11.40 -0.26 1.85
CA TYR A 26 12.41 0.52 2.55
C TYR A 26 13.08 1.53 1.62
N ALA A 27 13.53 1.01 0.47
CA ALA A 27 14.19 1.86 -0.51
C ALA A 27 13.18 2.85 -1.08
N ALA A 28 11.96 2.36 -1.30
CA ALA A 28 10.91 3.19 -1.83
C ALA A 28 10.66 4.37 -0.89
N LEU A 29 10.64 4.07 0.40
CA LEU A 29 10.41 5.09 1.41
C LEU A 29 11.54 6.12 1.35
N VAL A 30 12.77 5.60 1.28
CA VAL A 30 13.94 6.46 1.22
C VAL A 30 13.74 7.50 0.12
N ALA A 31 13.70 7.02 -1.11
CA ALA A 31 13.52 7.89 -2.26
C ALA A 31 12.29 8.78 -2.03
N SER A 32 11.20 8.13 -1.63
CA SER A 32 9.96 8.84 -1.37
C SER A 32 10.23 10.06 -0.49
N GLY A 33 10.31 9.81 0.80
CA GLY A 33 10.56 10.89 1.75
C GLY A 33 11.70 11.79 1.28
N GLY A 34 12.53 11.23 0.41
CA GLY A 34 13.67 11.96 -0.13
C GLY A 34 13.19 13.20 -0.90
N ILE A 35 12.72 12.96 -2.12
CA ILE A 35 12.25 14.04 -2.95
C ILE A 35 10.89 14.53 -2.43
N ILE A 36 10.08 13.57 -2.01
CA ILE A 36 8.76 13.89 -1.49
C ILE A 36 8.91 14.79 -0.25
N GLY A 37 10.00 14.56 0.47
CA GLY A 37 10.27 15.33 1.67
C GLY A 37 10.72 16.75 1.33
N TYR A 38 11.81 16.83 0.56
CA TYR A 38 12.34 18.12 0.15
C TYR A 38 11.24 19.03 -0.37
N VAL A 39 10.42 18.47 -1.26
CA VAL A 39 9.33 19.22 -1.85
C VAL A 39 8.12 19.16 -0.92
N LYS A 40 8.15 18.20 -0.01
CA LYS A 40 7.07 18.03 0.94
C LYS A 40 6.03 17.07 0.35
N ALA A 41 5.43 17.50 -0.75
CA ALA A 41 4.43 16.70 -1.41
C ALA A 41 3.57 17.60 -2.30
N GLY A 42 4.24 18.48 -3.04
CA GLY A 42 3.55 19.40 -3.92
C GLY A 42 3.79 19.04 -5.38
N SER A 43 3.67 17.75 -5.67
CA SER A 43 3.87 17.25 -7.02
C SER A 43 2.54 17.23 -7.78
N VAL A 44 2.39 16.21 -8.60
CA VAL A 44 1.17 16.06 -9.38
C VAL A 44 1.37 14.96 -10.44
N PRO A 45 2.46 15.13 -11.23
CA PRO A 45 2.79 14.17 -12.27
C PRO A 45 3.37 12.89 -11.68
N SER A 46 4.37 13.07 -10.82
CA SER A 46 5.02 11.94 -10.18
C SER A 46 4.01 11.15 -9.36
N LEU A 47 3.34 11.86 -8.46
CA LEU A 47 2.34 11.24 -7.60
C LEU A 47 1.33 10.48 -8.47
N ALA A 48 0.82 11.18 -9.47
CA ALA A 48 -0.15 10.59 -10.37
C ALA A 48 0.43 9.31 -10.97
N ALA A 49 1.74 9.33 -11.19
CA ALA A 49 2.42 8.18 -11.74
C ALA A 49 2.40 7.03 -10.73
N GLY A 50 2.51 7.40 -9.46
CA GLY A 50 2.51 6.41 -8.40
C GLY A 50 1.14 5.76 -8.27
N LEU A 51 0.11 6.56 -8.52
CA LEU A 51 -1.26 6.06 -8.44
C LEU A 51 -1.48 5.00 -9.52
N LEU A 52 -1.30 5.43 -10.77
CA LEU A 52 -1.48 4.53 -11.90
C LEU A 52 -0.64 3.26 -11.68
N PHE A 53 0.67 3.46 -11.68
CA PHE A 53 1.58 2.34 -11.48
C PHE A 53 1.34 1.66 -10.13
N GLY A 54 0.66 2.38 -9.26
CA GLY A 54 0.36 1.86 -7.93
C GLY A 54 -0.57 0.65 -8.03
N SER A 55 -1.77 0.90 -8.55
CA SER A 55 -2.75 -0.16 -8.70
C SER A 55 -2.22 -1.25 -9.62
N LEU A 56 -1.51 -0.81 -10.67
CA LEU A 56 -0.94 -1.73 -11.63
C LEU A 56 0.23 -2.48 -10.98
N ALA A 57 0.77 -1.87 -9.94
CA ALA A 57 1.88 -2.47 -9.22
C ALA A 57 1.37 -3.56 -8.28
N GLY A 58 0.38 -3.17 -7.48
CA GLY A 58 -0.21 -4.10 -6.54
C GLY A 58 -0.90 -5.26 -7.26
N LEU A 59 -1.74 -4.90 -8.23
CA LEU A 59 -2.45 -5.90 -9.01
C LEU A 59 -1.47 -6.64 -9.92
N GLY A 60 -0.74 -5.86 -10.69
CA GLY A 60 0.23 -6.42 -11.61
C GLY A 60 1.21 -7.35 -10.88
N ALA A 61 1.67 -6.88 -9.73
CA ALA A 61 2.60 -7.65 -8.93
C ALA A 61 1.85 -8.79 -8.23
N TYR A 62 0.54 -8.58 -8.08
CA TYR A 62 -0.29 -9.58 -7.43
C TYR A 62 -0.05 -10.97 -8.02
N GLN A 63 -0.03 -11.01 -9.35
CA GLN A 63 0.19 -12.27 -10.04
C GLN A 63 0.68 -12.01 -11.47
N LEU A 64 1.45 -10.93 -11.60
CA LEU A 64 2.00 -10.57 -12.89
C LEU A 64 0.85 -10.11 -13.81
N SER A 65 0.94 -8.86 -14.25
CA SER A 65 -0.07 -8.31 -15.12
C SER A 65 0.16 -8.78 -16.56
N GLN A 66 1.18 -9.61 -16.72
CA GLN A 66 1.53 -10.14 -18.03
C GLN A 66 1.12 -11.61 -18.14
N ASP A 67 1.67 -12.39 -17.22
CA ASP A 67 1.38 -13.81 -17.19
C ASP A 67 -0.09 -14.03 -16.84
N PRO A 68 -0.81 -14.73 -17.75
CA PRO A 68 -2.22 -15.01 -17.55
C PRO A 68 -2.42 -16.11 -16.50
N ARG A 69 -1.47 -17.04 -16.47
CA ARG A 69 -1.53 -18.13 -15.53
C ARG A 69 -1.58 -17.60 -14.10
N ASN A 70 -0.46 -17.03 -13.67
CA ASN A 70 -0.35 -16.48 -12.33
C ASN A 70 -1.64 -15.70 -12.01
N VAL A 71 -1.99 -14.81 -12.92
CA VAL A 71 -3.19 -14.00 -12.75
C VAL A 71 -4.34 -14.89 -12.27
N TRP A 72 -4.54 -15.97 -12.99
CA TRP A 72 -5.60 -16.92 -12.66
C TRP A 72 -5.43 -17.32 -11.19
N VAL A 73 -4.19 -17.65 -10.84
CA VAL A 73 -3.87 -18.06 -9.49
C VAL A 73 -4.27 -16.94 -8.53
N PHE A 74 -4.16 -15.71 -9.00
CA PHE A 74 -4.50 -14.56 -8.19
C PHE A 74 -6.02 -14.41 -8.07
N LEU A 75 -6.71 -14.90 -9.08
CA LEU A 75 -8.17 -14.83 -9.11
C LEU A 75 -8.74 -15.78 -8.05
N ALA A 76 -8.33 -17.04 -8.16
CA ALA A 76 -8.80 -18.06 -7.23
C ALA A 76 -8.24 -17.75 -5.84
N THR A 77 -7.03 -17.21 -5.82
CA THR A 77 -6.39 -16.87 -4.56
C THR A 77 -7.22 -15.85 -3.79
N SER A 78 -7.30 -14.65 -4.35
CA SER A 78 -8.06 -13.58 -3.73
C SER A 78 -9.49 -14.04 -3.46
N GLY A 79 -9.99 -14.87 -4.36
CA GLY A 79 -11.34 -15.39 -4.22
C GLY A 79 -11.52 -16.12 -2.89
N THR A 80 -10.73 -17.18 -2.72
CA THR A 80 -10.80 -17.96 -1.50
C THR A 80 -10.40 -17.12 -0.30
N LEU A 81 -9.28 -16.42 -0.45
CA LEU A 81 -8.77 -15.56 0.62
C LEU A 81 -9.94 -14.80 1.25
N ALA A 82 -10.72 -14.14 0.39
CA ALA A 82 -11.86 -13.39 0.85
C ALA A 82 -12.96 -14.35 1.32
N GLY A 83 -13.00 -15.51 0.67
CA GLY A 83 -13.98 -16.52 1.01
C GLY A 83 -13.88 -16.91 2.50
N ILE A 84 -12.71 -17.42 2.85
CA ILE A 84 -12.48 -17.84 4.24
C ILE A 84 -11.56 -16.82 4.91
N MET A 85 -10.34 -16.75 4.41
CA MET A 85 -9.35 -15.83 4.96
C MET A 85 -7.95 -16.16 4.45
N GLY A 86 -6.96 -15.62 5.16
CA GLY A 86 -5.58 -15.84 4.79
C GLY A 86 -4.75 -14.56 4.91
N MET A 87 -3.52 -14.72 5.38
CA MET A 87 -2.63 -13.59 5.55
C MET A 87 -2.19 -13.03 4.19
N ARG A 88 -2.84 -11.95 3.80
CA ARG A 88 -2.51 -11.31 2.53
C ARG A 88 -3.12 -9.91 2.47
N PHE A 89 -2.73 -9.17 1.44
CA PHE A 89 -3.22 -7.81 1.26
C PHE A 89 -4.75 -7.79 1.32
N TYR A 90 -5.25 -7.56 2.53
CA TYR A 90 -6.69 -7.51 2.74
C TYR A 90 -7.01 -7.24 4.22
N HIS A 91 -6.26 -7.91 5.09
CA HIS A 91 -6.46 -7.76 6.51
C HIS A 91 -6.41 -6.27 6.89
N SER A 92 -6.45 -6.01 8.18
CA SER A 92 -6.41 -4.65 8.68
C SER A 92 -6.60 -4.64 10.20
N GLY A 93 -5.72 -5.35 10.88
CA GLY A 93 -5.77 -5.43 12.33
C GLY A 93 -4.36 -5.35 12.94
N LYS A 94 -3.73 -4.21 12.73
CA LYS A 94 -2.39 -3.99 13.24
C LYS A 94 -2.35 -2.66 14.00
N PHE A 95 -1.28 -1.91 13.75
CA PHE A 95 -1.11 -0.61 14.40
C PHE A 95 0.23 0.01 14.03
N MET A 96 1.21 -0.85 13.85
CA MET A 96 2.55 -0.40 13.50
C MET A 96 2.51 0.62 12.35
N PRO A 97 3.70 1.16 12.01
CA PRO A 97 3.80 2.14 10.95
C PRO A 97 3.68 1.47 9.58
N ALA A 98 2.51 0.88 9.35
CA ALA A 98 2.26 0.20 8.09
C ALA A 98 0.74 0.08 7.88
N GLY A 99 0.07 -0.33 8.94
CA GLY A 99 -1.38 -0.49 8.89
C GLY A 99 -2.05 0.77 8.32
N LEU A 100 -2.73 0.58 7.20
CA LEU A 100 -3.42 1.68 6.56
C LEU A 100 -4.47 2.26 7.51
N ILE A 101 -5.04 1.37 8.32
CA ILE A 101 -6.05 1.77 9.28
C ILE A 101 -5.43 2.75 10.28
N ALA A 102 -4.40 2.29 10.96
CA ALA A 102 -3.72 3.11 11.95
C ALA A 102 -3.28 4.43 11.29
N GLY A 103 -2.36 4.31 10.36
CA GLY A 103 -1.84 5.47 9.66
C GLY A 103 -2.99 6.40 9.22
N ALA A 104 -4.00 5.78 8.62
CA ALA A 104 -5.15 6.54 8.15
C ALA A 104 -5.62 7.48 9.27
N SER A 105 -6.06 6.88 10.36
CA SER A 105 -6.53 7.65 11.50
C SER A 105 -5.47 8.66 11.93
N LEU A 106 -4.22 8.31 11.65
CA LEU A 106 -3.11 9.18 12.01
C LEU A 106 -3.13 10.42 11.11
N LEU A 107 -3.46 10.19 9.84
CA LEU A 107 -3.52 11.28 8.89
C LEU A 107 -4.69 12.20 9.24
N MET A 108 -5.85 11.59 9.44
CA MET A 108 -7.04 12.34 9.79
C MET A 108 -6.79 13.26 10.98
N VAL A 109 -6.31 12.66 12.06
CA VAL A 109 -6.02 13.40 13.27
C VAL A 109 -4.97 14.48 12.97
N ALA A 110 -3.97 14.08 12.19
CA ALA A 110 -2.90 14.99 11.81
C ALA A 110 -3.51 16.21 11.10
N LYS A 111 -4.49 15.94 10.25
CA LYS A 111 -5.15 16.99 9.51
C LYS A 111 -5.85 17.94 10.49
N VAL A 112 -6.59 17.35 11.41
CA VAL A 112 -7.31 18.12 12.40
C VAL A 112 -6.33 19.04 13.13
N GLY A 113 -5.14 18.52 13.37
CA GLY A 113 -4.11 19.28 14.05
C GLY A 113 -3.60 20.43 13.18
N VAL A 114 -3.03 20.06 12.04
CA VAL A 114 -2.50 21.04 11.11
C VAL A 114 -2.05 20.34 9.83
N SER A 115 -2.90 20.42 8.82
CA SER A 115 -2.60 19.80 7.54
C SER A 115 -3.87 19.75 6.67
N MET A 116 -4.09 20.85 5.96
CA MET A 116 -5.26 20.94 5.09
C MET A 116 -6.54 20.59 5.85
N PHE A 117 -7.65 20.77 5.16
CA PHE A 117 -8.95 20.48 5.76
C PHE A 117 -10.08 20.72 4.75
N ASN A 118 -10.63 19.62 4.26
CA ASN A 118 -11.71 19.70 3.30
C ASN A 118 -12.32 18.30 3.11
N ARG A 119 -13.40 18.06 3.83
CA ARG A 119 -14.09 16.78 3.74
C ARG A 119 -15.27 16.86 2.79
N PRO A 120 -15.76 15.67 2.35
CA PRO A 120 -16.88 15.60 1.44
C PRO A 120 -18.19 15.89 2.17
N HIS A 121 -18.67 17.12 2.01
CA HIS A 121 -19.90 17.53 2.65
C HIS A 121 -20.80 18.24 1.63
N MET A 10 9.63 -12.83 20.36
CA MET A 10 9.05 -11.51 20.24
C MET A 10 8.17 -11.42 18.98
N GLN A 11 8.79 -11.65 17.83
CA GLN A 11 8.08 -11.60 16.58
C GLN A 11 8.59 -12.69 15.63
N ASP A 12 7.81 -12.94 14.58
CA ASP A 12 8.18 -13.95 13.61
C ASP A 12 7.58 -13.57 12.25
N THR A 13 8.31 -13.94 11.20
CA THR A 13 7.88 -13.65 9.85
C THR A 13 7.58 -12.15 9.69
N SER A 14 7.38 -11.75 8.45
CA SER A 14 7.09 -10.36 8.15
C SER A 14 5.58 -10.17 7.92
N SER A 15 4.81 -10.71 8.86
CA SER A 15 3.37 -10.61 8.77
C SER A 15 2.85 -11.41 7.58
N VAL A 16 3.09 -10.87 6.39
CA VAL A 16 2.66 -11.52 5.16
C VAL A 16 3.31 -10.82 3.97
N VAL A 17 4.58 -10.51 4.12
CA VAL A 17 5.33 -9.84 3.06
C VAL A 17 6.70 -10.50 2.92
N PRO A 18 7.06 -10.80 1.64
CA PRO A 18 8.34 -11.44 1.35
C PRO A 18 9.48 -10.43 1.47
N LEU A 19 10.67 -10.97 1.69
CA LEU A 19 11.86 -10.13 1.82
C LEU A 19 11.86 -9.09 0.70
N HIS A 20 11.78 -9.59 -0.52
CA HIS A 20 11.77 -8.71 -1.68
C HIS A 20 10.93 -7.47 -1.39
N TRP A 21 9.66 -7.72 -1.10
CA TRP A 21 8.73 -6.64 -0.81
C TRP A 21 9.42 -5.68 0.17
N PHE A 22 9.98 -6.27 1.22
CA PHE A 22 10.66 -5.49 2.24
C PHE A 22 11.65 -4.51 1.60
N GLY A 23 12.42 -5.03 0.65
CA GLY A 23 13.41 -4.22 -0.04
C GLY A 23 12.73 -3.11 -0.85
N PHE A 24 11.55 -3.42 -1.35
CA PHE A 24 10.80 -2.47 -2.15
C PHE A 24 10.29 -1.31 -1.27
N GLY A 25 9.90 -1.66 -0.06
CA GLY A 25 9.40 -0.67 0.88
C GLY A 25 10.53 0.25 1.36
N TYR A 26 11.67 -0.35 1.62
CA TYR A 26 12.83 0.41 2.08
C TYR A 26 13.28 1.41 1.01
N ALA A 27 13.52 0.88 -0.19
CA ALA A 27 13.95 1.71 -1.30
C ALA A 27 12.88 2.77 -1.59
N ALA A 28 11.64 2.35 -1.43
CA ALA A 28 10.52 3.25 -1.68
C ALA A 28 10.46 4.31 -0.57
N LEU A 29 10.97 3.93 0.59
CA LEU A 29 10.98 4.83 1.73
C LEU A 29 11.97 5.97 1.46
N VAL A 30 13.21 5.58 1.25
CA VAL A 30 14.26 6.56 0.97
C VAL A 30 13.84 7.45 -0.19
N ALA A 31 13.47 6.81 -1.28
CA ALA A 31 13.05 7.54 -2.47
C ALA A 31 11.88 8.46 -2.11
N SER A 32 10.91 7.88 -1.42
CA SER A 32 9.74 8.63 -0.99
C SER A 32 10.17 9.93 -0.31
N GLY A 33 10.57 9.78 0.95
CA GLY A 33 11.01 10.93 1.73
C GLY A 33 11.98 11.79 0.93
N GLY A 34 12.62 11.17 -0.05
CA GLY A 34 13.58 11.87 -0.89
C GLY A 34 12.89 13.01 -1.65
N ILE A 35 12.15 12.64 -2.67
CA ILE A 35 11.45 13.61 -3.48
C ILE A 35 10.26 14.17 -2.70
N ILE A 36 9.57 13.27 -2.01
CA ILE A 36 8.42 13.65 -1.21
C ILE A 36 8.85 14.67 -0.15
N GLY A 37 10.11 14.54 0.26
CA GLY A 37 10.65 15.44 1.27
C GLY A 37 10.99 16.80 0.67
N TYR A 38 11.95 16.79 -0.25
CA TYR A 38 12.37 18.01 -0.91
C TYR A 38 11.16 18.86 -1.32
N VAL A 39 10.22 18.21 -1.98
CA VAL A 39 9.02 18.88 -2.44
C VAL A 39 8.01 18.94 -1.30
N LYS A 40 8.17 18.01 -0.36
CA LYS A 40 7.27 17.95 0.79
C LYS A 40 6.06 17.08 0.42
N ALA A 41 5.35 17.52 -0.59
CA ALA A 41 4.16 16.81 -1.05
C ALA A 41 3.27 17.76 -1.85
N GLY A 42 2.69 17.22 -2.92
CA GLY A 42 1.82 18.01 -3.77
C GLY A 42 2.18 17.80 -5.25
N SER A 43 3.23 17.04 -5.46
CA SER A 43 3.69 16.76 -6.82
C SER A 43 2.53 16.21 -7.65
N VAL A 44 2.37 16.78 -8.84
CA VAL A 44 1.31 16.36 -9.74
C VAL A 44 1.74 15.08 -10.46
N PRO A 45 3.02 15.06 -10.91
CA PRO A 45 3.56 13.91 -11.60
C PRO A 45 3.86 12.77 -10.62
N SER A 46 4.49 13.13 -9.51
CA SER A 46 4.83 12.15 -8.50
C SER A 46 3.60 11.33 -8.12
N LEU A 47 2.57 12.04 -7.67
CA LEU A 47 1.34 11.40 -7.28
C LEU A 47 0.81 10.55 -8.43
N ALA A 48 0.77 11.16 -9.62
CA ALA A 48 0.29 10.47 -10.80
C ALA A 48 1.10 9.17 -10.98
N ALA A 49 2.36 9.23 -10.60
CA ALA A 49 3.24 8.09 -10.72
C ALA A 49 2.84 7.04 -9.67
N GLY A 50 2.38 7.53 -8.54
CA GLY A 50 1.96 6.65 -7.46
C GLY A 50 0.70 5.86 -7.85
N LEU A 51 -0.17 6.54 -8.60
CA LEU A 51 -1.40 5.92 -9.05
C LEU A 51 -1.09 4.84 -10.07
N LEU A 52 -0.45 5.25 -11.15
CA LEU A 52 -0.09 4.33 -12.22
C LEU A 52 0.61 3.11 -11.62
N PHE A 53 1.73 3.38 -10.97
CA PHE A 53 2.51 2.32 -10.35
C PHE A 53 1.74 1.70 -9.17
N GLY A 54 0.75 2.45 -8.71
CA GLY A 54 -0.06 2.00 -7.59
C GLY A 54 -0.79 0.68 -7.93
N SER A 55 -1.73 0.81 -8.86
CA SER A 55 -2.50 -0.35 -9.29
C SER A 55 -1.61 -1.31 -10.07
N LEU A 56 -0.67 -0.74 -10.79
CA LEU A 56 0.25 -1.54 -11.59
C LEU A 56 1.07 -2.44 -10.67
N ALA A 57 1.51 -1.87 -9.56
CA ALA A 57 2.29 -2.61 -8.59
C ALA A 57 1.41 -3.68 -7.93
N GLY A 58 0.41 -3.19 -7.21
CA GLY A 58 -0.51 -4.09 -6.52
C GLY A 58 -1.18 -5.05 -7.51
N LEU A 59 -2.06 -4.49 -8.33
CA LEU A 59 -2.77 -5.28 -9.31
C LEU A 59 -1.78 -6.19 -10.04
N GLY A 60 -0.70 -5.58 -10.51
CA GLY A 60 0.33 -6.32 -11.22
C GLY A 60 0.75 -7.57 -10.44
N ALA A 61 1.33 -7.32 -9.27
CA ALA A 61 1.78 -8.41 -8.42
C ALA A 61 0.61 -9.35 -8.15
N TYR A 62 -0.58 -8.84 -8.37
CA TYR A 62 -1.78 -9.63 -8.15
C TYR A 62 -2.09 -10.52 -9.35
N GLN A 63 -2.48 -9.88 -10.45
CA GLN A 63 -2.80 -10.60 -11.66
C GLN A 63 -1.54 -10.74 -12.54
N LEU A 64 -0.39 -10.67 -11.89
CA LEU A 64 0.88 -10.79 -12.59
C LEU A 64 0.70 -10.31 -14.02
N SER A 65 0.84 -9.01 -14.21
CA SER A 65 0.69 -8.42 -15.53
C SER A 65 1.96 -8.68 -16.35
N GLN A 66 2.31 -9.96 -16.44
CA GLN A 66 3.48 -10.36 -17.20
C GLN A 66 3.35 -11.81 -17.65
N ASP A 67 2.95 -12.66 -16.71
CA ASP A 67 2.79 -14.08 -17.00
C ASP A 67 1.38 -14.51 -16.59
N PRO A 68 0.75 -15.32 -17.47
CA PRO A 68 -0.59 -15.81 -17.22
C PRO A 68 -0.57 -16.92 -16.16
N ARG A 69 0.54 -17.64 -16.13
CA ARG A 69 0.69 -18.73 -15.17
C ARG A 69 0.66 -18.19 -13.73
N ASN A 70 1.73 -17.47 -13.39
CA ASN A 70 1.83 -16.89 -12.06
C ASN A 70 0.47 -16.36 -11.63
N VAL A 71 0.01 -15.33 -12.33
CA VAL A 71 -1.28 -14.74 -12.02
C VAL A 71 -2.28 -15.83 -11.69
N TRP A 72 -2.31 -16.86 -12.54
CA TRP A 72 -3.22 -17.97 -12.35
C TRP A 72 -3.11 -18.43 -10.90
N VAL A 73 -1.88 -18.75 -10.50
CA VAL A 73 -1.63 -19.20 -9.14
C VAL A 73 -2.20 -18.18 -8.15
N PHE A 74 -2.09 -16.91 -8.53
CA PHE A 74 -2.59 -15.84 -7.68
C PHE A 74 -4.12 -15.82 -7.68
N LEU A 75 -4.69 -16.24 -8.80
CA LEU A 75 -6.14 -16.27 -8.93
C LEU A 75 -6.71 -17.27 -7.94
N ALA A 76 -6.09 -18.44 -7.91
CA ALA A 76 -6.53 -19.50 -7.02
C ALA A 76 -6.25 -19.09 -5.57
N THR A 77 -5.10 -18.46 -5.39
CA THR A 77 -4.70 -18.00 -4.06
C THR A 77 -5.75 -17.04 -3.49
N SER A 78 -5.70 -15.81 -3.98
CA SER A 78 -6.63 -14.79 -3.53
C SER A 78 -8.07 -15.24 -3.81
N GLY A 79 -8.20 -16.14 -4.76
CA GLY A 79 -9.51 -16.65 -5.14
C GLY A 79 -10.20 -17.30 -3.95
N THR A 80 -9.50 -18.25 -3.34
CA THR A 80 -10.04 -18.96 -2.18
C THR A 80 -9.90 -18.10 -0.93
N LEU A 81 -8.75 -17.44 -0.81
CA LEU A 81 -8.49 -16.60 0.33
C LEU A 81 -9.62 -15.58 0.48
N ALA A 82 -9.80 -14.78 -0.56
CA ALA A 82 -10.83 -13.77 -0.56
C ALA A 82 -12.20 -14.43 -0.76
N GLY A 83 -12.17 -15.55 -1.46
CA GLY A 83 -13.39 -16.29 -1.73
C GLY A 83 -14.22 -16.48 -0.45
N ILE A 84 -13.58 -17.09 0.54
CA ILE A 84 -14.24 -17.32 1.82
C ILE A 84 -14.83 -16.01 2.33
N MET A 85 -14.15 -14.92 2.01
CA MET A 85 -14.59 -13.61 2.43
C MET A 85 -15.35 -12.90 1.31
N GLY A 86 -15.67 -11.63 1.56
CA GLY A 86 -16.38 -10.84 0.58
C GLY A 86 -15.55 -9.63 0.14
N MET A 87 -16.10 -8.88 -0.80
CA MET A 87 -15.42 -7.70 -1.31
C MET A 87 -14.01 -8.04 -1.78
N ARG A 88 -13.30 -7.02 -2.23
CA ARG A 88 -11.93 -7.19 -2.69
C ARG A 88 -10.94 -6.73 -1.63
N PHE A 89 -10.81 -7.56 -0.59
CA PHE A 89 -9.90 -7.25 0.49
C PHE A 89 -9.84 -8.40 1.51
N TYR A 90 -8.83 -8.34 2.36
CA TYR A 90 -8.65 -9.36 3.37
C TYR A 90 -7.77 -8.86 4.52
N HIS A 91 -8.36 -8.80 5.69
CA HIS A 91 -7.64 -8.34 6.88
C HIS A 91 -7.23 -6.88 6.68
N SER A 92 -6.51 -6.37 7.67
CA SER A 92 -6.05 -4.99 7.62
C SER A 92 -4.63 -4.91 8.17
N GLY A 93 -3.82 -5.90 7.83
CA GLY A 93 -2.45 -5.95 8.28
C GLY A 93 -2.31 -6.80 9.54
N LYS A 94 -3.11 -6.46 10.55
CA LYS A 94 -3.08 -7.19 11.80
C LYS A 94 -4.11 -6.57 12.76
N PHE A 95 -4.19 -5.25 12.73
CA PHE A 95 -5.11 -4.53 13.59
C PHE A 95 -4.98 -3.02 13.40
N MET A 96 -3.76 -2.54 13.62
CA MET A 96 -3.49 -1.12 13.49
C MET A 96 -2.00 -0.83 13.69
N PRO A 97 -1.17 -1.41 12.78
CA PRO A 97 0.27 -1.23 12.86
C PRO A 97 0.67 0.17 12.36
N ALA A 98 0.87 0.26 11.06
CA ALA A 98 1.26 1.52 10.45
C ALA A 98 0.96 1.48 8.95
N GLY A 99 -0.24 1.04 8.63
CA GLY A 99 -0.66 0.94 7.24
C GLY A 99 -1.65 2.05 6.89
N LEU A 100 -2.62 1.68 6.05
CA LEU A 100 -3.64 2.64 5.62
C LEU A 100 -4.58 2.92 6.79
N ILE A 101 -4.84 1.87 7.56
CA ILE A 101 -5.74 1.98 8.71
C ILE A 101 -5.13 2.97 9.72
N ALA A 102 -4.04 2.54 10.33
CA ALA A 102 -3.36 3.37 11.31
C ALA A 102 -3.07 4.74 10.71
N GLY A 103 -2.29 4.73 9.63
CA GLY A 103 -1.93 5.96 8.95
C GLY A 103 -3.15 6.86 8.76
N ALA A 104 -4.21 6.26 8.24
CA ALA A 104 -5.44 7.01 8.01
C ALA A 104 -5.81 7.78 9.27
N SER A 105 -6.07 7.03 10.32
CA SER A 105 -6.43 7.63 11.60
C SER A 105 -5.40 8.69 12.00
N LEU A 106 -4.18 8.48 11.52
CA LEU A 106 -3.10 9.40 11.81
C LEU A 106 -3.29 10.69 11.01
N LEU A 107 -3.72 10.52 9.76
CA LEU A 107 -3.94 11.65 8.88
C LEU A 107 -5.17 12.43 9.38
N MET A 108 -6.16 11.69 9.85
CA MET A 108 -7.37 12.29 10.35
C MET A 108 -7.09 13.17 11.57
N VAL A 109 -6.41 12.58 12.55
CA VAL A 109 -6.07 13.29 13.76
C VAL A 109 -5.16 14.47 13.42
N ALA A 110 -4.17 14.18 12.60
CA ALA A 110 -3.22 15.20 12.18
C ALA A 110 -3.96 16.31 11.45
N LYS A 111 -5.02 15.92 10.76
CA LYS A 111 -5.82 16.87 10.01
C LYS A 111 -6.53 17.82 10.98
N VAL A 112 -7.10 17.22 12.03
CA VAL A 112 -7.80 18.00 13.04
C VAL A 112 -6.83 18.97 13.70
N GLY A 113 -5.61 18.50 13.88
CA GLY A 113 -4.58 19.31 14.50
C GLY A 113 -4.02 20.34 13.51
N VAL A 114 -3.15 19.87 12.63
CA VAL A 114 -2.54 20.74 11.64
C VAL A 114 -3.45 20.80 10.41
N SER A 115 -3.15 21.76 9.55
CA SER A 115 -3.93 21.95 8.33
C SER A 115 -5.37 22.31 8.69
N MET A 116 -6.09 22.77 7.67
CA MET A 116 -7.48 23.15 7.87
C MET A 116 -8.43 22.00 7.50
N PHE A 117 -7.94 21.14 6.63
CA PHE A 117 -8.72 19.99 6.20
C PHE A 117 -10.07 20.44 5.61
N ASN A 118 -10.76 19.49 5.01
CA ASN A 118 -12.05 19.77 4.40
C ASN A 118 -12.69 18.46 3.94
N ARG A 119 -13.60 17.96 4.75
CA ARG A 119 -14.29 16.72 4.44
C ARG A 119 -15.15 16.89 3.19
N PRO A 120 -15.75 15.75 2.74
CA PRO A 120 -16.59 15.76 1.54
C PRO A 120 -17.95 16.40 1.86
N HIS A 121 -18.46 17.13 0.88
CA HIS A 121 -19.75 17.79 1.03
C HIS A 121 -20.19 18.38 -0.31
N MET A 10 6.43 -9.39 15.45
CA MET A 10 7.53 -10.33 15.58
C MET A 10 7.13 -11.53 16.43
N GLN A 11 6.08 -12.20 16.00
CA GLN A 11 5.59 -13.37 16.71
C GLN A 11 5.77 -14.63 15.86
N ASP A 12 5.38 -14.52 14.60
CA ASP A 12 5.49 -15.64 13.68
C ASP A 12 5.20 -15.15 12.26
N THR A 13 5.57 -15.98 11.29
CA THR A 13 5.36 -15.65 9.90
C THR A 13 5.94 -14.28 9.58
N SER A 14 5.72 -13.85 8.35
CA SER A 14 6.22 -12.55 7.90
C SER A 14 6.08 -11.52 9.04
N SER A 15 7.21 -10.96 9.41
CA SER A 15 7.24 -9.96 10.46
C SER A 15 6.57 -8.67 9.99
N VAL A 16 5.31 -8.80 9.61
CA VAL A 16 4.55 -7.66 9.14
C VAL A 16 5.35 -6.94 8.05
N VAL A 17 6.24 -7.69 7.42
CA VAL A 17 7.07 -7.14 6.37
C VAL A 17 8.04 -8.20 5.87
N PRO A 18 7.71 -8.79 4.69
CA PRO A 18 8.54 -9.82 4.10
C PRO A 18 9.80 -9.23 3.49
N LEU A 19 10.69 -10.11 3.06
CA LEU A 19 11.94 -9.69 2.45
C LEU A 19 11.64 -8.72 1.30
N HIS A 20 11.29 -9.30 0.16
CA HIS A 20 10.97 -8.51 -1.02
C HIS A 20 10.39 -7.17 -0.59
N TRP A 21 9.22 -7.23 0.03
CA TRP A 21 8.54 -6.03 0.50
C TRP A 21 9.60 -5.10 1.11
N PHE A 22 10.26 -5.62 2.13
CA PHE A 22 11.29 -4.85 2.81
C PHE A 22 12.12 -4.05 1.82
N GLY A 23 12.57 -4.73 0.77
CA GLY A 23 13.38 -4.09 -0.25
C GLY A 23 12.63 -2.91 -0.88
N PHE A 24 11.38 -3.18 -1.24
CA PHE A 24 10.54 -2.15 -1.85
C PHE A 24 10.23 -1.03 -0.85
N GLY A 25 10.19 -1.41 0.42
CA GLY A 25 9.91 -0.45 1.48
C GLY A 25 11.07 0.52 1.67
N TYR A 26 12.26 -0.05 1.79
CA TYR A 26 13.46 0.76 1.98
C TYR A 26 13.68 1.70 0.78
N ALA A 27 13.54 1.14 -0.41
CA ALA A 27 13.72 1.91 -1.62
C ALA A 27 12.57 2.91 -1.75
N ALA A 28 11.38 2.45 -1.41
CA ALA A 28 10.20 3.29 -1.48
C ALA A 28 10.34 4.45 -0.50
N LEU A 29 11.02 4.17 0.60
CA LEU A 29 11.23 5.18 1.63
C LEU A 29 12.20 6.25 1.09
N VAL A 30 13.33 5.78 0.60
CA VAL A 30 14.33 6.68 0.05
C VAL A 30 13.67 7.64 -0.93
N ALA A 31 13.06 7.06 -1.96
CA ALA A 31 12.40 7.86 -2.98
C ALA A 31 11.30 8.70 -2.32
N SER A 32 10.46 8.02 -1.55
CA SER A 32 9.37 8.70 -0.87
C SER A 32 9.90 9.93 -0.12
N GLY A 33 10.38 9.68 1.09
CA GLY A 33 10.91 10.75 1.91
C GLY A 33 11.84 11.66 1.10
N GLY A 34 12.42 11.08 0.06
CA GLY A 34 13.33 11.82 -0.81
C GLY A 34 12.63 13.05 -1.39
N ILE A 35 11.84 12.80 -2.44
CA ILE A 35 11.12 13.87 -3.10
C ILE A 35 10.03 14.40 -2.16
N ILE A 36 9.29 13.46 -1.58
CA ILE A 36 8.21 13.81 -0.67
C ILE A 36 8.77 14.71 0.45
N GLY A 37 10.05 14.54 0.72
CA GLY A 37 10.71 15.32 1.74
C GLY A 37 11.05 16.73 1.23
N TYR A 38 12.09 16.78 0.41
CA TYR A 38 12.54 18.05 -0.14
C TYR A 38 11.35 18.86 -0.69
N VAL A 39 10.45 18.15 -1.35
CA VAL A 39 9.27 18.78 -1.92
C VAL A 39 8.19 18.88 -0.84
N LYS A 40 8.25 17.96 0.10
CA LYS A 40 7.28 17.94 1.19
C LYS A 40 6.07 17.11 0.76
N ALA A 41 5.40 17.58 -0.28
CA ALA A 41 4.23 16.90 -0.79
C ALA A 41 3.36 17.89 -1.57
N GLY A 42 3.95 18.42 -2.65
CA GLY A 42 3.24 19.38 -3.49
C GLY A 42 3.67 19.23 -4.95
N SER A 43 3.72 17.99 -5.40
CA SER A 43 4.11 17.70 -6.77
C SER A 43 2.87 17.65 -7.67
N VAL A 44 2.71 16.52 -8.33
CA VAL A 44 1.58 16.33 -9.22
C VAL A 44 1.85 15.14 -10.15
N PRO A 45 3.04 15.19 -10.80
CA PRO A 45 3.43 14.12 -11.72
C PRO A 45 3.88 12.88 -10.95
N SER A 46 4.72 13.11 -9.94
CA SER A 46 5.22 12.02 -9.13
C SER A 46 4.06 11.28 -8.46
N LEU A 47 3.27 12.05 -7.72
CA LEU A 47 2.12 11.48 -7.03
C LEU A 47 1.25 10.72 -8.03
N ALA A 48 0.93 11.39 -9.13
CA ALA A 48 0.11 10.79 -10.16
C ALA A 48 0.78 9.50 -10.65
N ALA A 49 2.10 9.49 -10.58
CA ALA A 49 2.87 8.33 -11.00
C ALA A 49 2.69 7.20 -9.98
N GLY A 50 2.54 7.60 -8.73
CA GLY A 50 2.36 6.64 -7.65
C GLY A 50 0.97 5.99 -7.72
N LEU A 51 0.01 6.78 -8.18
CA LEU A 51 -1.36 6.31 -8.29
C LEU A 51 -1.44 5.29 -9.43
N LEU A 52 -1.10 5.76 -10.62
CA LEU A 52 -1.13 4.91 -11.79
C LEU A 52 -0.32 3.63 -11.52
N PHE A 53 0.96 3.84 -11.27
CA PHE A 53 1.86 2.72 -10.99
C PHE A 53 1.45 2.00 -9.70
N GLY A 54 0.71 2.72 -8.87
CA GLY A 54 0.25 2.16 -7.61
C GLY A 54 -0.64 0.94 -7.84
N SER A 55 -1.74 1.16 -8.54
CA SER A 55 -2.68 0.10 -8.85
C SER A 55 -2.02 -0.93 -9.78
N LEU A 56 -1.38 -0.40 -10.82
CA LEU A 56 -0.72 -1.25 -11.79
C LEU A 56 0.29 -2.14 -11.07
N ALA A 57 0.85 -1.61 -10.00
CA ALA A 57 1.83 -2.35 -9.21
C ALA A 57 1.13 -3.49 -8.47
N GLY A 58 0.18 -3.12 -7.63
CA GLY A 58 -0.57 -4.10 -6.87
C GLY A 58 -1.32 -5.07 -7.79
N LEU A 59 -2.22 -4.50 -8.59
CA LEU A 59 -3.00 -5.29 -9.52
C LEU A 59 -2.05 -6.07 -10.45
N GLY A 60 -1.28 -5.31 -11.21
CA GLY A 60 -0.33 -5.89 -12.14
C GLY A 60 0.46 -7.02 -11.48
N ALA A 61 0.96 -6.72 -10.28
CA ALA A 61 1.74 -7.70 -9.54
C ALA A 61 0.93 -8.98 -9.38
N TYR A 62 -0.35 -8.80 -9.08
CA TYR A 62 -1.25 -9.94 -8.90
C TYR A 62 -2.68 -9.57 -9.29
N GLN A 63 -2.97 -9.69 -10.58
CA GLN A 63 -4.30 -9.37 -11.08
C GLN A 63 -4.35 -9.59 -12.60
N LEU A 64 -3.68 -8.69 -13.31
CA LEU A 64 -3.64 -8.76 -14.76
C LEU A 64 -2.18 -8.77 -15.22
N SER A 65 -1.58 -7.59 -15.21
CA SER A 65 -0.20 -7.45 -15.63
C SER A 65 0.65 -8.56 -15.01
N GLN A 66 1.87 -8.69 -15.51
CA GLN A 66 2.79 -9.69 -15.02
C GLN A 66 2.37 -11.08 -15.51
N ASP A 67 3.11 -12.08 -15.06
CA ASP A 67 2.82 -13.45 -15.44
C ASP A 67 1.30 -13.68 -15.45
N PRO A 68 0.80 -14.28 -16.55
CA PRO A 68 -0.62 -14.55 -16.69
C PRO A 68 -1.04 -15.73 -15.81
N ARG A 69 -0.24 -16.79 -15.89
CA ARG A 69 -0.51 -17.99 -15.11
C ARG A 69 -0.61 -17.65 -13.63
N ASN A 70 0.52 -17.29 -13.05
CA ASN A 70 0.58 -16.94 -11.65
C ASN A 70 -0.62 -16.05 -11.30
N VAL A 71 -0.71 -14.94 -12.01
CA VAL A 71 -1.81 -14.00 -11.78
C VAL A 71 -3.12 -14.78 -11.67
N TRP A 72 -3.32 -15.69 -12.60
CA TRP A 72 -4.51 -16.51 -12.61
C TRP A 72 -4.66 -17.16 -11.23
N VAL A 73 -3.57 -17.76 -10.78
CA VAL A 73 -3.57 -18.42 -9.48
C VAL A 73 -4.00 -17.42 -8.41
N PHE A 74 -3.65 -16.17 -8.63
CA PHE A 74 -3.98 -15.11 -7.70
C PHE A 74 -5.44 -14.69 -7.84
N LEU A 75 -5.96 -14.88 -9.05
CA LEU A 75 -7.34 -14.52 -9.34
C LEU A 75 -8.28 -15.46 -8.58
N ALA A 76 -7.96 -16.76 -8.68
CA ALA A 76 -8.77 -17.76 -8.01
C ALA A 76 -8.54 -17.67 -6.50
N THR A 77 -7.27 -17.52 -6.14
CA THR A 77 -6.90 -17.42 -4.74
C THR A 77 -7.73 -16.35 -4.03
N SER A 78 -7.46 -15.11 -4.40
CA SER A 78 -8.18 -13.98 -3.82
C SER A 78 -9.64 -14.00 -4.27
N GLY A 79 -9.86 -14.67 -5.39
CA GLY A 79 -11.21 -14.78 -5.93
C GLY A 79 -12.18 -15.32 -4.89
N THR A 80 -11.86 -16.50 -4.39
CA THR A 80 -12.69 -17.15 -3.38
C THR A 80 -12.37 -16.60 -1.99
N LEU A 81 -11.08 -16.50 -1.72
CA LEU A 81 -10.63 -15.99 -0.44
C LEU A 81 -11.35 -14.68 -0.12
N ALA A 82 -11.30 -13.77 -1.08
CA ALA A 82 -11.95 -12.48 -0.91
C ALA A 82 -13.42 -12.60 -1.30
N GLY A 83 -13.68 -13.51 -2.22
CA GLY A 83 -15.04 -13.74 -2.68
C GLY A 83 -16.01 -13.84 -1.50
N ILE A 84 -15.67 -14.70 -0.57
CA ILE A 84 -16.50 -14.91 0.61
C ILE A 84 -16.66 -13.57 1.35
N MET A 85 -15.53 -12.93 1.59
CA MET A 85 -15.53 -11.65 2.28
C MET A 85 -16.44 -10.64 1.56
N GLY A 86 -15.95 -10.15 0.43
CA GLY A 86 -16.70 -9.19 -0.35
C GLY A 86 -15.77 -8.13 -0.95
N MET A 87 -16.35 -6.96 -1.21
CA MET A 87 -15.58 -5.87 -1.78
C MET A 87 -14.62 -5.28 -0.76
N ARG A 88 -13.49 -4.80 -1.26
CA ARG A 88 -12.47 -4.22 -0.40
C ARG A 88 -11.97 -5.25 0.62
N PHE A 89 -10.66 -5.43 0.61
CA PHE A 89 -10.04 -6.38 1.52
C PHE A 89 -10.59 -6.23 2.94
N TYR A 90 -10.38 -7.27 3.73
CA TYR A 90 -10.85 -7.27 5.11
C TYR A 90 -9.68 -7.11 6.08
N HIS A 91 -8.61 -7.82 5.80
CA HIS A 91 -7.42 -7.78 6.64
C HIS A 91 -7.17 -6.33 7.07
N SER A 92 -7.46 -6.06 8.33
CA SER A 92 -7.26 -4.72 8.87
C SER A 92 -8.02 -4.58 10.19
N GLY A 93 -7.55 -5.31 11.19
CA GLY A 93 -8.16 -5.28 12.51
C GLY A 93 -7.17 -4.78 13.56
N LYS A 94 -6.25 -5.65 13.93
CA LYS A 94 -5.24 -5.31 14.92
C LYS A 94 -3.89 -5.87 14.49
N PHE A 95 -3.61 -5.70 13.21
CA PHE A 95 -2.35 -6.17 12.65
C PHE A 95 -2.24 -5.82 11.16
N MET A 96 -1.02 -5.51 10.75
CA MET A 96 -0.77 -5.14 9.37
C MET A 96 0.69 -4.75 9.16
N PRO A 97 1.18 -4.98 7.92
CA PRO A 97 2.56 -4.66 7.57
C PRO A 97 2.74 -3.16 7.40
N ALA A 98 2.33 -2.42 8.42
CA ALA A 98 2.44 -0.97 8.39
C ALA A 98 1.50 -0.37 9.44
N GLY A 99 0.29 -0.07 8.99
CA GLY A 99 -0.71 0.50 9.88
C GLY A 99 -1.82 1.19 9.09
N LEU A 100 -2.74 0.37 8.59
CA LEU A 100 -3.86 0.89 7.80
C LEU A 100 -4.82 1.62 8.73
N ILE A 101 -5.37 0.87 9.68
CA ILE A 101 -6.31 1.44 10.63
C ILE A 101 -5.61 2.50 11.47
N ALA A 102 -4.47 2.12 12.03
CA ALA A 102 -3.70 3.04 12.86
C ALA A 102 -3.26 4.23 12.01
N GLY A 103 -2.41 3.95 11.04
CA GLY A 103 -1.91 4.99 10.16
C GLY A 103 -3.05 5.89 9.68
N ALA A 104 -4.09 5.26 9.17
CA ALA A 104 -5.24 5.99 8.68
C ALA A 104 -5.66 7.04 9.71
N SER A 105 -5.93 6.56 10.92
CA SER A 105 -6.33 7.43 12.01
C SER A 105 -5.31 8.56 12.17
N LEU A 106 -4.05 8.22 11.94
CA LEU A 106 -2.97 9.18 12.07
C LEU A 106 -3.04 10.17 10.89
N LEU A 107 -3.50 9.66 9.76
CA LEU A 107 -3.62 10.47 8.57
C LEU A 107 -4.82 11.42 8.71
N MET A 108 -5.81 10.95 9.45
CA MET A 108 -7.02 11.73 9.67
C MET A 108 -6.74 12.90 10.62
N VAL A 109 -6.09 12.58 11.72
CA VAL A 109 -5.75 13.60 12.71
C VAL A 109 -4.61 14.48 12.17
N ALA A 110 -3.75 13.85 11.37
CA ALA A 110 -2.62 14.56 10.80
C ALA A 110 -3.13 15.53 9.73
N LYS A 111 -4.05 15.04 8.91
CA LYS A 111 -4.63 15.85 7.85
C LYS A 111 -5.35 17.05 8.47
N VAL A 112 -6.19 16.74 9.44
CA VAL A 112 -6.95 17.79 10.12
C VAL A 112 -6.00 18.85 10.65
N GLY A 113 -4.94 18.37 11.30
CA GLY A 113 -3.94 19.27 11.87
C GLY A 113 -3.19 20.02 10.75
N VAL A 114 -3.02 19.33 9.64
CA VAL A 114 -2.32 19.92 8.50
C VAL A 114 -3.35 20.48 7.51
N SER A 115 -4.31 21.22 8.07
CA SER A 115 -5.35 21.81 7.25
C SER A 115 -6.10 20.73 6.47
N MET A 116 -5.66 20.52 5.24
CA MET A 116 -6.27 19.51 4.38
C MET A 116 -7.79 19.52 4.55
N PHE A 117 -8.43 20.42 3.81
CA PHE A 117 -9.88 20.53 3.87
C PHE A 117 -10.55 19.39 3.10
N ASN A 118 -11.41 18.67 3.80
CA ASN A 118 -12.12 17.56 3.20
C ASN A 118 -13.26 18.09 2.32
N ARG A 119 -14.26 18.65 2.97
CA ARG A 119 -15.41 19.20 2.27
C ARG A 119 -15.74 18.36 1.04
N PRO A 120 -16.28 17.14 1.32
CA PRO A 120 -16.64 16.22 0.24
C PRO A 120 -17.92 16.68 -0.46
N HIS A 121 -18.50 17.75 0.07
CA HIS A 121 -19.72 18.29 -0.49
C HIS A 121 -19.63 19.81 -0.53
#